data_3OTT
#
_entry.id   3OTT
#
_cell.length_a   88.173
_cell.length_b   88.173
_cell.length_c   432.956
_cell.angle_alpha   90.000
_cell.angle_beta   90.000
_cell.angle_gamma   90.000
#
_symmetry.space_group_name_H-M   'P 41 21 2'
#
loop_
_entity.id
_entity.type
_entity.pdbx_description
1 polymer 'Two-component system sensor histidine kinase'
2 non-polymer 'HEXATANTALUM DODECABROMIDE'
3 water water
#
_entity_poly.entity_id   1
_entity_poly.type   'polypeptide(L)'
_entity_poly.pdbx_seq_one_letter_code
;MEYGKKVNYQQFDNIYLGAEASVVSCFLQDSEGLIWIGSNKGLFSYDGYSTQQHFTYGENNNTRIYCGVIIDNTYLYMGT
DNGILVYNYRADRYEQPETDFPTDVRTMALQGDTLWLGALNGLYTYQLQSRKLTSFDTRRNGLPNNTIYSIIRTKDNQIY
VGTYNGLCRYIPSNGKFEGIPLPVHSSQSNLFVNSLLEDTTRQCVWIGTEGYLFQYFPSTGQIKQTEAFHNNSIKSLALD
GNGDLLAGTDNGLYVYHNDTTPLQHIIHDSRNIQSLTNNIIWNIFADQEHNIWLGTDYGISLSRYNSALQFIPISQITGT
GDGNQFYSLFRDSKGFYWFGGANGLIRFTDPAGERHDAIWYRMGDKTYPLSHNRIRHIYEDKEQQLWIATDGSINRYDYA
TRQFIHYNIVDNTGTYNTNWTYYIFEDTAGQLWISTCLGGIFVVDKHKLMQSTSGQYIAEQNYSVHNGLSGMFINQIIPD
NEGNVWVLLYNNKGIDKINPRTREVTKLFADELTGEKSPNYLLCDEDGLLWVGFHGGVMRINPKDESQQSISFGSFSNNE
ILSMTCVKNSIWVSTTNGLWIIDRKTMDARQQNMTNKRFTSLLFDPKEDCVYLGGADGFGISHSNLEATYQPERPILLTA
LYINNQLVSPRTRDDVPNIRYTNSIKLKYDQNNLSFELSDLPYSLDEKNKFVYRLEGMDKEWNFLKSNINRITYSNLSYG
NYQLIISKLERDGQPSNRPHILNIRILPPWLEHHHHHH
;
_entity_poly.pdbx_strand_id   A,B
#
# COMPACT_ATOMS: atom_id res chain seq x y z
N TYR A 9 -13.99 30.09 -1.45
CA TYR A 9 -12.91 30.96 -0.90
C TYR A 9 -13.42 32.37 -0.63
N GLN A 10 -14.66 32.45 -0.19
CA GLN A 10 -15.31 33.73 -0.06
C GLN A 10 -15.17 34.23 1.39
N GLN A 11 -14.98 33.30 2.32
CA GLN A 11 -14.86 33.56 3.76
C GLN A 11 -13.71 32.75 4.40
N PHE A 12 -13.04 33.38 5.34
CA PHE A 12 -11.87 32.80 6.00
C PHE A 12 -12.07 32.96 7.48
N ASP A 13 -11.57 32.01 8.25
CA ASP A 13 -11.46 32.12 9.68
C ASP A 13 -10.03 32.59 9.97
N ASN A 14 -9.90 33.79 10.48
CA ASN A 14 -8.58 34.45 10.61
C ASN A 14 -8.00 34.28 12.01
N ILE A 15 -6.71 34.01 12.09
CA ILE A 15 -6.06 33.60 13.35
C ILE A 15 -4.75 34.40 13.57
N TYR A 16 -4.54 34.87 14.80
CA TYR A 16 -3.45 35.83 15.10
C TYR A 16 -2.65 35.30 16.25
N LEU A 17 -1.35 35.49 16.17
CA LEU A 17 -0.47 34.95 17.19
C LEU A 17 0.05 36.00 18.15
N GLY A 18 -0.48 37.20 18.11
CA GLY A 18 0.07 38.27 18.91
C GLY A 18 0.72 39.29 17.99
N ALA A 19 1.00 40.45 18.58
CA ALA A 19 1.49 41.59 17.85
C ALA A 19 2.91 41.36 17.32
N GLU A 20 3.70 40.62 18.07
CA GLU A 20 5.13 40.44 17.71
C GLU A 20 5.24 39.48 16.52
N ALA A 21 4.51 38.36 16.61
CA ALA A 21 4.54 37.26 15.67
C ALA A 21 3.43 37.34 14.59
N SER A 22 3.49 38.40 13.81
CA SER A 22 2.53 38.62 12.76
C SER A 22 2.87 37.94 11.46
N VAL A 23 4.10 37.46 11.29
CA VAL A 23 4.50 36.95 9.99
C VAL A 23 4.64 35.42 10.07
N VAL A 24 3.93 34.71 9.19
CA VAL A 24 3.88 33.25 9.24
C VAL A 24 4.49 32.71 7.98
N SER A 25 5.52 31.89 8.15
CA SER A 25 6.25 31.40 6.99
C SER A 25 6.05 29.94 6.69
N CYS A 26 5.60 29.15 7.67
CA CYS A 26 5.31 27.75 7.41
C CYS A 26 4.35 27.09 8.40
N PHE A 27 3.84 25.92 7.97
CA PHE A 27 2.92 25.08 8.74
C PHE A 27 3.39 23.62 8.72
N LEU A 28 3.20 22.89 9.80
CA LEU A 28 3.34 21.44 9.76
C LEU A 28 2.16 20.84 10.51
N GLN A 29 1.74 19.65 10.10
CA GLN A 29 0.76 18.90 10.89
C GLN A 29 1.40 17.55 11.32
N ASP A 30 1.47 17.30 12.62
CA ASP A 30 2.04 16.10 13.13
C ASP A 30 1.08 14.94 12.82
N SER A 31 1.55 13.72 13.00
CA SER A 31 0.81 12.58 12.51
C SER A 31 -0.48 12.32 13.31
N GLU A 32 -0.63 13.00 14.44
CA GLU A 32 -1.85 12.88 15.22
C GLU A 32 -2.76 14.09 14.97
N GLY A 33 -2.41 14.91 13.98
CA GLY A 33 -3.34 15.99 13.61
C GLY A 33 -3.09 17.40 14.18
N LEU A 34 -2.19 17.58 15.14
CA LEU A 34 -1.98 18.95 15.67
C LEU A 34 -1.24 19.82 14.70
N ILE A 35 -1.72 21.06 14.51
CA ILE A 35 -1.10 22.02 13.64
C ILE A 35 -0.04 22.87 14.32
N TRP A 36 1.13 22.98 13.66
CA TRP A 36 2.26 23.74 14.12
C TRP A 36 2.54 24.91 13.18
N ILE A 37 2.99 26.05 13.75
CA ILE A 37 3.12 27.32 13.03
C ILE A 37 4.50 27.94 13.26
N GLY A 38 5.21 28.18 12.16
CA GLY A 38 6.51 28.78 12.26
C GLY A 38 6.31 30.26 12.01
N SER A 39 6.58 31.08 12.99
CA SER A 39 6.32 32.51 12.89
C SER A 39 7.65 33.28 12.85
N ASN A 40 7.61 34.61 12.72
CA ASN A 40 8.83 35.40 12.78
C ASN A 40 9.46 35.47 14.16
N LYS A 41 8.81 34.93 15.18
CA LYS A 41 9.36 34.95 16.56
C LYS A 41 9.58 33.58 17.21
N GLY A 42 9.21 32.51 16.51
CA GLY A 42 9.37 31.18 17.01
C GLY A 42 8.20 30.29 16.67
N LEU A 43 8.22 29.07 17.22
CA LEU A 43 7.21 28.10 16.92
C LEU A 43 5.96 28.29 17.78
N PHE A 44 4.81 28.11 17.17
CA PHE A 44 3.52 28.03 17.87
C PHE A 44 2.77 26.73 17.48
N SER A 45 1.75 26.40 18.27
CA SER A 45 0.81 25.37 17.89
C SER A 45 -0.59 25.96 18.01
N TYR A 46 -1.55 25.35 17.33
CA TYR A 46 -2.87 25.87 17.40
C TYR A 46 -3.73 24.64 17.44
N ASP A 47 -4.59 24.57 18.45
CA ASP A 47 -5.40 23.36 18.71
C ASP A 47 -6.87 23.49 18.27
N GLY A 48 -7.17 24.61 17.60
CA GLY A 48 -8.51 24.88 17.04
C GLY A 48 -9.28 25.86 17.93
N TYR A 49 -8.74 26.16 19.11
CA TYR A 49 -9.36 27.05 20.09
C TYR A 49 -8.42 28.22 20.37
N SER A 50 -7.16 27.94 20.65
CA SER A 50 -6.23 28.99 21.03
C SER A 50 -4.80 28.66 20.55
N THR A 51 -3.93 29.66 20.42
CA THR A 51 -2.54 29.40 20.03
C THR A 51 -1.73 29.20 21.28
N GLN A 52 -0.64 28.46 21.14
CA GLN A 52 0.35 28.35 22.18
C GLN A 52 1.74 28.58 21.65
N GLN A 53 2.55 29.29 22.40
CA GLN A 53 3.98 29.42 22.08
C GLN A 53 4.90 28.35 22.66
N HIS A 54 5.98 28.08 21.94
CA HIS A 54 6.97 27.10 22.35
C HIS A 54 8.38 27.63 22.28
N PHE A 55 8.57 28.83 22.76
CA PHE A 55 9.87 29.41 22.87
C PHE A 55 9.79 30.32 24.10
N THR A 56 10.94 30.72 24.61
CA THR A 56 10.98 31.68 25.71
C THR A 56 11.61 32.99 25.20
N TYR A 57 11.01 34.13 25.51
CA TYR A 57 11.60 35.46 25.17
C TYR A 57 13.10 35.51 25.48
N GLY A 58 13.94 35.76 24.47
CA GLY A 58 15.35 36.02 24.72
C GLY A 58 16.26 34.89 24.31
N GLU A 59 15.69 33.72 24.19
CA GLU A 59 16.47 32.54 24.01
C GLU A 59 16.75 32.35 22.55
N ASN A 60 17.73 31.51 22.21
CA ASN A 60 18.00 31.17 20.81
C ASN A 60 16.78 30.67 19.99
N ASN A 61 15.72 30.21 20.68
CA ASN A 61 14.54 29.61 20.03
C ASN A 61 13.48 30.66 19.71
N ASN A 62 13.63 31.81 20.37
CA ASN A 62 12.85 33.03 20.10
C ASN A 62 13.42 33.66 18.82
N THR A 63 13.05 33.15 17.64
CA THR A 63 13.71 33.58 16.38
C THR A 63 12.84 33.28 15.17
N ARG A 64 13.17 33.87 14.02
CA ARG A 64 12.31 33.72 12.86
C ARG A 64 12.45 32.28 12.33
N ILE A 65 11.34 31.58 12.15
CA ILE A 65 11.37 30.25 11.49
C ILE A 65 11.02 30.40 10.02
N TYR A 66 11.87 29.93 9.11
CA TYR A 66 11.58 30.02 7.66
C TYR A 66 10.95 28.79 7.05
N CYS A 67 11.26 27.60 7.59
CA CYS A 67 10.73 26.36 7.03
C CYS A 67 10.75 25.30 8.10
N GLY A 68 10.10 24.18 7.83
CA GLY A 68 10.12 23.07 8.79
C GLY A 68 9.86 21.76 8.12
N VAL A 69 10.31 20.69 8.77
CA VAL A 69 10.00 19.32 8.37
C VAL A 69 9.92 18.45 9.65
N ILE A 70 9.05 17.44 9.66
CA ILE A 70 8.93 16.52 10.78
C ILE A 70 9.81 15.31 10.55
N ILE A 71 10.66 15.02 11.53
CA ILE A 71 11.58 13.91 11.45
C ILE A 71 11.22 12.81 12.50
N ASP A 72 11.33 11.56 12.07
CA ASP A 72 11.22 10.40 12.98
C ASP A 72 9.91 10.32 13.75
N ASN A 73 8.86 11.00 13.26
CA ASN A 73 7.55 11.08 13.89
C ASN A 73 7.69 11.62 15.31
N THR A 74 8.64 12.52 15.53
CA THR A 74 8.77 13.09 16.88
C THR A 74 9.55 14.38 16.97
N TYR A 75 10.18 14.84 15.87
CA TYR A 75 10.97 16.09 15.88
C TYR A 75 10.44 17.09 14.86
N LEU A 76 10.40 18.36 15.26
CA LEU A 76 10.27 19.40 14.26
C LEU A 76 11.65 19.97 13.96
N TYR A 77 12.13 19.80 12.72
CA TYR A 77 13.36 20.50 12.29
C TYR A 77 12.94 21.82 11.61
N MET A 78 13.45 22.93 12.11
CA MET A 78 13.02 24.21 11.64
C MET A 78 14.20 25.04 11.17
N GLY A 79 14.10 25.63 9.99
CA GLY A 79 15.17 26.44 9.44
C GLY A 79 15.17 27.82 10.04
N THR A 80 16.37 28.27 10.39
CA THR A 80 16.57 29.52 11.14
C THR A 80 17.73 30.38 10.59
N ASP A 81 17.82 31.63 11.03
CA ASP A 81 18.99 32.46 10.77
C ASP A 81 20.22 31.74 11.24
N ASN A 82 20.12 31.00 12.33
CA ASN A 82 21.32 30.44 12.96
C ASN A 82 21.61 28.96 12.66
N GLY A 83 20.79 28.37 11.79
CA GLY A 83 20.92 26.98 11.46
C GLY A 83 19.60 26.27 11.53
N ILE A 84 19.48 25.33 12.45
CA ILE A 84 18.35 24.45 12.51
C ILE A 84 17.98 24.18 13.98
N LEU A 85 16.75 24.58 14.35
CA LEU A 85 16.21 24.26 15.64
C LEU A 85 15.61 22.89 15.50
N VAL A 86 15.95 22.00 16.45
CA VAL A 86 15.35 20.71 16.51
C VAL A 86 14.50 20.60 17.75
N TYR A 87 13.18 20.51 17.55
CA TYR A 87 12.18 20.50 18.62
C TYR A 87 11.49 19.13 18.65
N ASN A 88 11.67 18.44 19.79
CA ASN A 88 11.03 17.14 20.06
C ASN A 88 9.65 17.47 20.64
N TYR A 89 8.61 17.30 19.86
CA TYR A 89 7.24 17.72 20.26
C TYR A 89 6.56 16.71 21.21
N ARG A 90 7.12 15.51 21.32
CA ARG A 90 6.57 14.53 22.25
C ARG A 90 7.14 14.79 23.65
N ALA A 91 8.46 14.95 23.73
CA ALA A 91 9.06 15.33 25.00
C ALA A 91 8.82 16.80 25.29
N ASP A 92 8.50 17.60 24.28
CA ASP A 92 8.41 19.05 24.46
C ASP A 92 9.73 19.64 24.99
N ARG A 93 10.79 19.40 24.24
CA ARG A 93 12.11 19.88 24.58
C ARG A 93 12.84 20.09 23.27
N TYR A 94 13.69 21.09 23.24
CA TYR A 94 14.65 21.32 22.21
C TYR A 94 15.76 20.32 22.43
N GLU A 95 16.10 19.57 21.40
CA GLU A 95 17.12 18.52 21.53
C GLU A 95 18.10 18.70 20.40
N GLN A 96 19.09 19.57 20.56
CA GLN A 96 20.10 19.83 19.53
C GLN A 96 21.08 18.65 19.35
N PRO A 97 21.19 18.11 18.12
CA PRO A 97 22.31 17.20 17.87
C PRO A 97 23.63 17.99 17.79
N GLU A 98 24.76 17.33 18.01
CA GLU A 98 26.13 17.97 17.96
C GLU A 98 26.52 18.63 16.61
N THR A 99 25.82 18.24 15.56
CA THR A 99 26.06 18.77 14.22
C THR A 99 26.26 20.29 14.15
N ASP A 100 27.22 20.70 13.33
CA ASP A 100 27.40 22.09 12.97
C ASP A 100 26.60 22.34 11.71
N PHE A 101 25.36 22.78 11.88
CA PHE A 101 24.48 23.07 10.75
C PHE A 101 24.85 24.38 10.06
N PRO A 102 24.65 24.48 8.73
CA PRO A 102 24.90 25.79 8.06
C PRO A 102 23.86 26.78 8.57
N THR A 103 24.23 28.05 8.67
CA THR A 103 23.31 29.11 9.05
C THR A 103 22.37 29.40 7.88
N ASP A 104 21.31 30.15 8.18
CA ASP A 104 20.40 30.74 7.18
C ASP A 104 19.66 29.71 6.32
N VAL A 105 19.03 28.73 6.97
CA VAL A 105 18.36 27.62 6.25
C VAL A 105 16.99 28.12 5.86
N ARG A 106 16.64 28.09 4.57
CA ARG A 106 15.41 28.66 4.09
C ARG A 106 14.50 27.52 3.59
N THR A 107 15.07 26.38 3.25
CA THR A 107 14.22 25.34 2.71
C THR A 107 14.80 23.96 3.01
N MET A 108 13.94 22.94 3.09
CA MET A 108 14.35 21.59 3.51
C MET A 108 13.46 20.53 2.84
N ALA A 109 14.04 19.38 2.52
CA ALA A 109 13.25 18.34 1.83
C ALA A 109 13.84 16.97 2.10
N LEU A 110 13.00 16.10 2.58
CA LEU A 110 13.46 14.78 2.88
C LEU A 110 13.51 13.91 1.65
N GLN A 111 14.59 13.17 1.48
CA GLN A 111 14.67 12.14 0.48
C GLN A 111 15.18 10.85 1.16
N GLY A 112 14.25 9.95 1.50
CA GLY A 112 14.56 8.70 2.20
C GLY A 112 15.00 9.10 3.62
N ASP A 113 16.27 8.93 3.90
CA ASP A 113 16.78 9.23 5.23
C ASP A 113 17.92 10.27 5.13
N THR A 114 17.94 11.02 4.04
CA THR A 114 18.84 12.14 3.83
C THR A 114 17.98 13.43 3.80
N LEU A 115 18.34 14.41 4.60
CA LEU A 115 17.63 15.67 4.54
C LEU A 115 18.43 16.68 3.68
N TRP A 116 17.83 17.16 2.58
CA TRP A 116 18.42 18.24 1.79
C TRP A 116 18.17 19.58 2.50
N LEU A 117 19.22 20.41 2.62
CA LEU A 117 19.09 21.76 3.25
C LEU A 117 19.45 22.84 2.22
N GLY A 118 18.55 23.79 1.99
CA GLY A 118 18.82 24.88 1.11
C GLY A 118 19.00 26.12 1.99
N ALA A 119 20.20 26.73 1.91
CA ALA A 119 20.52 27.95 2.68
C ALA A 119 20.95 29.14 1.83
N LEU A 120 21.07 30.31 2.46
CA LEU A 120 21.50 31.48 1.79
C LEU A 120 22.93 31.35 1.20
N ASN A 121 23.80 30.53 1.79
CA ASN A 121 25.17 30.32 1.30
C ASN A 121 25.49 28.86 0.97
N GLY A 122 24.47 28.07 0.63
CA GLY A 122 24.80 26.78 0.11
C GLY A 122 23.69 25.75 0.08
N LEU A 123 24.02 24.65 -0.59
CA LEU A 123 23.15 23.55 -0.69
C LEU A 123 23.82 22.38 0.04
N TYR A 124 23.07 21.65 0.86
CA TYR A 124 23.65 20.55 1.65
C TYR A 124 22.75 19.32 1.68
N THR A 125 23.34 18.13 1.90
CA THR A 125 22.61 16.98 2.39
C THR A 125 23.04 16.65 3.84
N TYR A 126 22.12 16.09 4.62
CA TYR A 126 22.36 15.73 5.98
C TYR A 126 21.81 14.32 6.09
N GLN A 127 22.71 13.34 6.20
CA GLN A 127 22.33 11.96 6.41
C GLN A 127 21.95 11.77 7.88
N LEU A 128 20.72 11.34 8.12
CA LEU A 128 20.14 11.35 9.46
C LEU A 128 20.71 10.33 10.43
N GLN A 129 21.19 9.17 9.93
CA GLN A 129 21.76 8.13 10.80
C GLN A 129 23.21 8.44 11.18
N SER A 130 24.03 8.85 10.23
CA SER A 130 25.45 9.00 10.47
C SER A 130 25.77 10.43 10.80
N ARG A 131 24.80 11.33 10.60
CA ARG A 131 25.03 12.80 10.72
C ARG A 131 26.01 13.38 9.68
N LYS A 132 26.18 12.73 8.56
CA LYS A 132 27.14 13.17 7.56
C LYS A 132 26.60 14.37 6.82
N LEU A 133 27.29 15.50 6.90
CA LEU A 133 26.89 16.78 6.20
C LEU A 133 27.76 16.96 4.96
N THR A 134 27.13 16.99 3.78
CA THR A 134 27.82 17.10 2.50
C THR A 134 27.42 18.42 1.87
N SER A 135 28.38 19.20 1.39
CA SER A 135 28.05 20.44 0.63
C SER A 135 28.16 20.35 -0.89
N PHE A 136 27.35 21.16 -1.52
CA PHE A 136 27.28 21.21 -2.96
C PHE A 136 27.43 22.68 -3.34
N ASP A 137 28.24 22.94 -4.36
CA ASP A 137 28.46 24.30 -4.79
C ASP A 137 28.45 24.54 -6.32
N THR A 138 28.45 25.83 -6.67
CA THR A 138 28.64 26.26 -8.05
C THR A 138 29.92 25.73 -8.68
N ARG A 139 31.06 25.95 -8.02
CA ARG A 139 32.35 25.62 -8.65
C ARG A 139 32.56 24.13 -8.89
N ARG A 140 32.08 23.25 -8.00
CA ARG A 140 32.31 21.80 -8.15
C ARG A 140 31.14 21.01 -8.79
N ASN A 141 29.90 21.42 -8.48
CA ASN A 141 28.69 20.67 -8.83
C ASN A 141 27.84 21.29 -9.96
N GLY A 142 28.27 22.44 -10.48
CA GLY A 142 27.48 23.14 -11.50
C GLY A 142 26.06 23.59 -11.08
N LEU A 143 25.85 23.90 -9.81
CA LEU A 143 24.62 24.60 -9.42
C LEU A 143 24.67 25.96 -10.06
N PRO A 144 23.50 26.56 -10.35
CA PRO A 144 23.57 27.86 -11.08
C PRO A 144 23.88 29.02 -10.17
N ASN A 145 23.67 28.82 -8.86
CA ASN A 145 23.87 29.85 -7.82
C ASN A 145 23.82 29.20 -6.41
N ASN A 146 24.51 29.77 -5.41
CA ASN A 146 24.60 29.12 -4.06
C ASN A 146 23.48 29.41 -3.07
N THR A 147 22.63 30.37 -3.37
CA THR A 147 21.57 30.78 -2.50
C THR A 147 20.30 30.00 -2.87
N ILE A 148 19.80 29.15 -1.96
CA ILE A 148 18.70 28.21 -2.26
C ILE A 148 17.39 28.68 -1.67
N TYR A 149 16.32 28.67 -2.44
CA TYR A 149 15.01 29.07 -1.88
C TYR A 149 13.99 27.96 -1.81
N SER A 150 14.18 26.88 -2.57
CA SER A 150 13.14 25.88 -2.69
C SER A 150 13.71 24.54 -3.18
N ILE A 151 13.33 23.47 -2.50
CA ILE A 151 13.83 22.15 -2.83
C ILE A 151 12.64 21.27 -2.64
N ILE A 152 12.36 20.41 -3.62
CA ILE A 152 11.35 19.38 -3.50
C ILE A 152 11.87 18.07 -4.02
N ARG A 153 11.31 16.98 -3.48
CA ARG A 153 11.53 15.65 -4.03
C ARG A 153 10.26 15.17 -4.67
N THR A 154 10.35 14.71 -5.89
CA THR A 154 9.17 14.20 -6.62
C THR A 154 8.97 12.70 -6.32
N LYS A 155 7.85 12.13 -6.75
CA LYS A 155 7.47 10.73 -6.48
C LYS A 155 8.40 9.75 -7.17
N ASP A 156 8.95 10.14 -8.31
CA ASP A 156 9.91 9.28 -8.97
C ASP A 156 11.30 9.54 -8.44
N ASN A 157 11.39 10.23 -7.27
CA ASN A 157 12.63 10.41 -6.48
C ASN A 157 13.70 11.30 -7.13
N GLN A 158 13.25 12.35 -7.81
CA GLN A 158 14.16 13.34 -8.34
C GLN A 158 14.12 14.59 -7.43
N ILE A 159 15.23 15.32 -7.36
CA ILE A 159 15.39 16.50 -6.49
C ILE A 159 15.44 17.77 -7.36
N TYR A 160 14.53 18.71 -7.09
CA TYR A 160 14.50 19.99 -7.84
C TYR A 160 14.96 21.10 -6.88
N VAL A 161 15.84 21.98 -7.34
CA VAL A 161 16.41 22.99 -6.50
C VAL A 161 16.23 24.35 -7.17
N GLY A 162 15.46 25.22 -6.53
CA GLY A 162 15.23 26.56 -7.00
C GLY A 162 16.14 27.53 -6.26
N THR A 163 16.82 28.42 -6.99
CA THR A 163 17.83 29.26 -6.42
C THR A 163 17.55 30.71 -6.76
N TYR A 164 18.44 31.56 -6.31
CA TYR A 164 18.44 32.96 -6.58
C TYR A 164 18.54 33.22 -8.06
N ASN A 165 19.17 32.32 -8.82
CA ASN A 165 19.30 32.55 -10.25
C ASN A 165 19.09 31.25 -11.00
N GLY A 166 17.94 30.65 -10.83
CA GLY A 166 17.58 29.58 -11.72
C GLY A 166 17.19 28.30 -11.03
N LEU A 167 16.71 27.36 -11.84
CA LEU A 167 16.18 26.08 -11.42
C LEU A 167 17.06 24.98 -12.02
N CYS A 168 17.40 23.99 -11.19
CA CYS A 168 18.07 22.80 -11.66
C CYS A 168 17.56 21.56 -10.92
N ARG A 169 18.09 20.41 -11.34
CA ARG A 169 17.66 19.14 -10.91
C ARG A 169 18.95 18.29 -10.69
N TYR A 170 18.99 17.51 -9.63
CA TYR A 170 20.18 16.79 -9.28
C TYR A 170 20.37 15.54 -10.11
N ILE A 171 21.61 15.21 -10.45
CA ILE A 171 21.96 14.01 -11.24
C ILE A 171 22.70 13.03 -10.34
N PRO A 172 22.01 12.00 -9.83
CA PRO A 172 22.73 11.20 -8.81
C PRO A 172 24.00 10.50 -9.32
N SER A 173 24.00 10.04 -10.57
CA SER A 173 25.11 9.24 -11.09
C SER A 173 26.45 9.93 -11.05
N ASN A 174 26.47 11.25 -11.22
CA ASN A 174 27.76 11.96 -11.28
C ASN A 174 27.88 13.05 -10.25
N GLY A 175 26.80 13.21 -9.49
CA GLY A 175 26.79 14.21 -8.41
C GLY A 175 26.70 15.64 -8.86
N LYS A 176 26.23 15.85 -10.09
CA LYS A 176 26.09 17.20 -10.63
C LYS A 176 24.63 17.61 -10.76
N PHE A 177 24.37 18.82 -11.26
CA PHE A 177 23.02 19.37 -11.39
C PHE A 177 22.80 19.81 -12.81
N GLU A 178 21.61 19.55 -13.31
CA GLU A 178 21.23 19.86 -14.67
C GLU A 178 20.23 21.02 -14.65
N GLY A 179 20.54 22.11 -15.35
CA GLY A 179 19.66 23.27 -15.37
C GLY A 179 18.36 22.88 -16.07
N ILE A 180 17.26 23.47 -15.63
CA ILE A 180 16.02 23.46 -16.37
C ILE A 180 15.92 24.88 -16.94
N PRO A 181 15.80 25.00 -18.29
CA PRO A 181 16.03 26.28 -18.95
C PRO A 181 14.86 27.28 -18.88
N LEU A 182 14.50 27.75 -17.70
CA LEU A 182 13.40 28.76 -17.61
C LEU A 182 13.80 30.01 -18.41
N PRO A 183 12.82 30.77 -18.89
CA PRO A 183 13.13 31.93 -19.73
C PRO A 183 13.87 33.02 -18.94
N VAL A 184 14.77 33.75 -19.60
CA VAL A 184 15.51 34.87 -18.98
C VAL A 184 14.78 36.16 -19.46
N HIS A 185 14.37 36.99 -18.53
CA HIS A 185 13.47 38.14 -18.86
C HIS A 185 14.24 39.41 -18.77
N SER A 186 14.11 40.28 -19.78
CA SER A 186 14.80 41.58 -19.78
C SER A 186 14.50 42.43 -18.53
N SER A 187 13.38 42.20 -17.88
CA SER A 187 13.05 43.01 -16.70
C SER A 187 13.79 42.54 -15.40
N GLN A 188 14.60 41.48 -15.46
CA GLN A 188 15.19 40.89 -14.25
C GLN A 188 16.70 40.77 -14.39
N SER A 189 17.46 40.99 -13.33
CA SER A 189 18.89 40.75 -13.50
C SER A 189 19.35 39.45 -12.83
N ASN A 190 18.38 38.70 -12.29
CA ASN A 190 18.57 37.35 -11.82
C ASN A 190 17.19 36.68 -11.75
N LEU A 191 17.21 35.36 -11.88
CA LEU A 191 16.01 34.55 -12.02
C LEU A 191 15.63 33.86 -10.67
N PHE A 192 14.86 34.58 -9.85
CA PHE A 192 14.40 34.05 -8.56
C PHE A 192 13.46 32.85 -8.82
N VAL A 193 13.71 31.71 -8.18
CA VAL A 193 12.73 30.61 -8.19
C VAL A 193 12.28 30.43 -6.75
N ASN A 194 11.10 30.94 -6.42
CA ASN A 194 10.64 31.07 -5.04
C ASN A 194 9.97 29.82 -4.47
N SER A 195 9.34 29.03 -5.34
CA SER A 195 8.46 28.00 -4.82
C SER A 195 8.36 26.87 -5.84
N LEU A 196 8.24 25.64 -5.35
CA LEU A 196 8.15 24.47 -6.23
C LEU A 196 7.10 23.53 -5.69
N LEU A 197 6.31 22.90 -6.58
CA LEU A 197 5.30 22.00 -6.18
C LEU A 197 5.02 20.86 -7.21
N GLU A 198 5.15 19.62 -6.76
CA GLU A 198 4.80 18.48 -7.59
C GLU A 198 3.31 18.31 -7.72
N ASP A 199 2.79 18.16 -8.95
CA ASP A 199 1.39 17.94 -9.22
C ASP A 199 1.28 16.61 -9.99
N THR A 200 0.76 15.59 -9.32
CA THR A 200 0.80 14.17 -9.74
C THR A 200 -0.35 13.89 -10.63
N THR A 201 -1.39 14.71 -10.54
CA THR A 201 -2.52 14.58 -11.39
C THR A 201 -2.21 15.20 -12.75
N ARG A 202 -1.71 16.44 -12.76
CA ARG A 202 -1.36 17.11 -14.03
C ARG A 202 0.01 16.64 -14.57
N GLN A 203 0.75 15.87 -13.75
CA GLN A 203 2.10 15.31 -14.08
C GLN A 203 3.12 16.40 -14.30
N CYS A 204 3.14 17.37 -13.40
CA CYS A 204 4.05 18.51 -13.59
C CYS A 204 4.68 18.93 -12.29
N VAL A 205 5.73 19.73 -12.41
CA VAL A 205 6.19 20.56 -11.33
C VAL A 205 5.81 22.00 -11.63
N TRP A 206 5.01 22.60 -10.74
CA TRP A 206 4.66 24.04 -10.75
C TRP A 206 5.85 24.89 -10.19
N ILE A 207 6.16 26.00 -10.85
CA ILE A 207 7.32 26.84 -10.50
C ILE A 207 6.83 28.23 -10.38
N GLY A 208 7.06 28.84 -9.21
CA GLY A 208 6.72 30.24 -8.97
C GLY A 208 7.99 31.09 -8.98
N THR A 209 7.94 32.19 -9.71
CA THR A 209 9.09 33.06 -9.92
C THR A 209 8.51 34.46 -9.81
N GLU A 210 9.32 35.50 -10.08
CA GLU A 210 8.78 36.88 -10.01
C GLU A 210 7.98 37.14 -11.26
N GLY A 211 6.67 37.21 -11.17
CA GLY A 211 5.89 37.61 -12.39
C GLY A 211 5.37 36.44 -13.27
N TYR A 212 5.85 35.21 -13.05
CA TYR A 212 5.55 34.12 -13.99
C TYR A 212 5.32 32.80 -13.21
N LEU A 213 4.24 32.11 -13.57
CA LEU A 213 3.95 30.79 -13.09
C LEU A 213 4.13 29.82 -14.22
N PHE A 214 4.97 28.81 -14.02
CA PHE A 214 5.32 27.80 -15.05
C PHE A 214 4.89 26.42 -14.65
N GLN A 215 4.59 25.60 -15.66
CA GLN A 215 4.57 24.18 -15.45
C GLN A 215 5.69 23.48 -16.23
N TYR A 216 6.51 22.71 -15.52
CA TYR A 216 7.52 21.87 -16.12
C TYR A 216 7.02 20.40 -16.19
N PHE A 217 6.96 19.86 -17.40
CA PHE A 217 6.58 18.46 -17.62
C PHE A 217 7.87 17.62 -17.84
N PRO A 218 8.39 16.91 -16.81
CA PRO A 218 9.61 16.05 -16.93
C PRO A 218 9.44 14.98 -18.02
N SER A 219 8.21 14.56 -18.30
CA SER A 219 8.02 13.62 -19.40
C SER A 219 8.60 14.11 -20.74
N THR A 220 8.38 15.38 -21.11
CA THR A 220 8.86 15.90 -22.39
C THR A 220 9.92 17.00 -22.24
N GLY A 221 10.17 17.51 -21.04
CA GLY A 221 10.98 18.69 -20.89
C GLY A 221 10.26 20.00 -21.19
N GLN A 222 8.97 19.96 -21.48
CA GLN A 222 8.26 21.22 -21.79
C GLN A 222 8.12 22.15 -20.60
N ILE A 223 8.39 23.43 -20.83
CA ILE A 223 8.22 24.45 -19.79
C ILE A 223 7.08 25.37 -20.26
N LYS A 224 5.90 25.18 -19.70
CA LYS A 224 4.76 25.90 -20.12
C LYS A 224 4.58 27.14 -19.25
N GLN A 225 4.45 28.30 -19.87
CA GLN A 225 4.02 29.46 -19.10
C GLN A 225 2.52 29.50 -18.96
N THR A 226 2.04 29.25 -17.75
CA THR A 226 0.61 29.15 -17.49
C THR A 226 -0.01 30.50 -17.14
N GLU A 227 0.67 31.31 -16.32
CA GLU A 227 0.14 32.65 -15.95
C GLU A 227 1.27 33.65 -15.85
N ALA A 228 0.94 34.91 -16.04
CA ALA A 228 1.88 36.00 -15.94
C ALA A 228 1.11 36.94 -15.02
N PHE A 229 1.69 37.33 -13.89
CA PHE A 229 1.08 38.23 -12.95
C PHE A 229 2.00 39.41 -12.95
N HIS A 230 1.65 40.40 -13.74
CA HIS A 230 2.49 41.59 -13.91
C HIS A 230 2.81 42.30 -12.60
N ASN A 231 4.09 42.59 -12.42
CA ASN A 231 4.61 43.21 -11.20
C ASN A 231 4.33 42.46 -9.89
N ASN A 232 3.91 41.19 -9.94
CA ASN A 232 3.67 40.39 -8.71
C ASN A 232 4.66 39.22 -8.53
N SER A 233 4.90 38.84 -7.30
CA SER A 233 5.84 37.77 -7.03
C SER A 233 5.08 36.53 -6.54
N ILE A 234 5.38 35.35 -7.09
CA ILE A 234 4.76 34.11 -6.59
C ILE A 234 5.53 33.50 -5.40
N LYS A 235 4.97 33.56 -4.21
CA LYS A 235 5.72 33.10 -3.03
C LYS A 235 5.51 31.62 -2.67
N SER A 236 4.34 31.07 -3.00
CA SER A 236 3.96 29.78 -2.43
C SER A 236 2.90 29.13 -3.29
N LEU A 237 2.87 27.78 -3.27
CA LEU A 237 1.99 27.00 -4.12
C LEU A 237 1.47 25.82 -3.33
N ALA A 238 0.18 25.49 -3.50
CA ALA A 238 -0.40 24.30 -2.90
C ALA A 238 -1.47 23.79 -3.84
N LEU A 239 -1.90 22.55 -3.62
CA LEU A 239 -3.11 22.03 -4.29
C LEU A 239 -4.24 21.83 -3.28
N ASP A 240 -5.43 22.31 -3.60
CA ASP A 240 -6.53 22.17 -2.66
C ASP A 240 -7.28 20.82 -2.88
N GLY A 241 -8.36 20.61 -2.15
CA GLY A 241 -9.17 19.33 -2.23
C GLY A 241 -9.88 19.00 -3.55
N ASN A 242 -10.17 20.00 -4.35
CA ASN A 242 -10.64 19.77 -5.69
C ASN A 242 -9.43 19.53 -6.64
N GLY A 243 -8.20 19.70 -6.17
CA GLY A 243 -7.03 19.56 -7.08
C GLY A 243 -6.75 20.84 -7.89
N ASP A 244 -7.34 21.96 -7.49
CA ASP A 244 -6.97 23.26 -8.05
C ASP A 244 -5.58 23.76 -7.56
N LEU A 245 -4.88 24.50 -8.40
CA LEU A 245 -3.59 25.03 -8.00
C LEU A 245 -3.81 26.38 -7.28
N LEU A 246 -3.26 26.51 -6.08
CA LEU A 246 -3.37 27.74 -5.29
C LEU A 246 -2.03 28.44 -5.35
N ALA A 247 -2.00 29.70 -5.84
CA ALA A 247 -0.74 30.46 -5.89
C ALA A 247 -0.77 31.66 -4.96
N GLY A 248 0.08 31.64 -3.92
CA GLY A 248 0.18 32.76 -2.98
C GLY A 248 1.21 33.75 -3.52
N THR A 249 0.82 35.03 -3.55
CA THR A 249 1.65 36.07 -4.12
C THR A 249 1.71 37.29 -3.17
N ASP A 250 2.27 38.40 -3.62
CA ASP A 250 2.27 39.63 -2.83
C ASP A 250 0.98 40.46 -3.10
N ASN A 251 0.09 39.88 -3.91
CA ASN A 251 -1.13 40.58 -4.23
C ASN A 251 -2.29 39.60 -4.13
N GLY A 252 -2.29 38.86 -3.04
CA GLY A 252 -3.38 37.97 -2.70
C GLY A 252 -3.23 36.57 -3.28
N LEU A 253 -4.34 35.83 -3.35
CA LEU A 253 -4.36 34.44 -3.78
C LEU A 253 -4.98 34.24 -5.18
N TYR A 254 -4.34 33.42 -6.00
CA TYR A 254 -4.94 33.06 -7.28
C TYR A 254 -5.22 31.58 -7.23
N VAL A 255 -6.31 31.16 -7.84
CA VAL A 255 -6.74 29.80 -7.89
C VAL A 255 -6.88 29.41 -9.35
N TYR A 256 -6.08 28.43 -9.77
CA TYR A 256 -6.16 27.90 -11.13
C TYR A 256 -6.87 26.53 -11.20
N HIS A 257 -7.84 26.41 -12.11
CA HIS A 257 -8.54 25.14 -12.32
C HIS A 257 -8.12 24.43 -13.62
N ASN A 258 -8.30 25.09 -14.78
CA ASN A 258 -7.76 24.57 -16.06
C ASN A 258 -7.64 25.74 -17.07
N ASP A 259 -7.23 25.47 -18.31
CA ASP A 259 -6.95 26.56 -19.26
C ASP A 259 -8.15 27.38 -19.75
N THR A 260 -9.34 26.83 -19.68
CA THR A 260 -10.51 27.56 -20.16
C THR A 260 -11.31 28.19 -19.02
N THR A 261 -10.87 28.07 -17.78
CA THR A 261 -11.60 28.60 -16.66
C THR A 261 -10.83 29.82 -16.16
N PRO A 262 -11.51 30.97 -15.96
CA PRO A 262 -10.74 32.13 -15.47
C PRO A 262 -10.26 31.94 -14.02
N LEU A 263 -9.11 32.51 -13.70
CA LEU A 263 -8.59 32.46 -12.33
C LEU A 263 -9.54 33.09 -11.36
N GLN A 264 -9.61 32.54 -10.16
CA GLN A 264 -10.15 33.29 -9.07
C GLN A 264 -9.00 34.13 -8.50
N HIS A 265 -9.31 35.35 -8.04
CA HIS A 265 -8.30 36.24 -7.46
C HIS A 265 -8.85 36.72 -6.18
N ILE A 266 -8.22 36.35 -5.08
CA ILE A 266 -8.81 36.61 -3.75
C ILE A 266 -7.92 37.55 -2.95
N ILE A 267 -8.52 38.63 -2.45
CA ILE A 267 -7.77 39.70 -1.80
C ILE A 267 -8.40 40.23 -0.52
N HIS A 268 -7.51 40.81 0.29
CA HIS A 268 -7.85 41.50 1.53
C HIS A 268 -8.80 42.70 1.33
N ASP A 269 -9.83 42.78 2.18
CA ASP A 269 -10.75 43.94 2.24
C ASP A 269 -10.65 44.47 3.65
N SER A 270 -10.13 45.70 3.79
CA SER A 270 -9.86 46.25 5.11
C SER A 270 -11.12 46.46 5.95
N ARG A 271 -12.29 46.56 5.30
CA ARG A 271 -13.54 46.76 6.04
C ARG A 271 -14.27 45.46 6.34
N ASN A 272 -13.65 44.35 6.02
CA ASN A 272 -14.32 43.08 6.22
C ASN A 272 -13.40 42.06 6.89
N ILE A 273 -13.73 41.81 8.15
CA ILE A 273 -13.09 40.86 9.03
C ILE A 273 -13.05 39.38 8.55
N GLN A 274 -13.94 38.99 7.64
CA GLN A 274 -13.91 37.61 7.13
C GLN A 274 -13.11 37.44 5.83
N SER A 275 -12.54 38.51 5.30
CA SER A 275 -11.68 38.43 4.10
C SER A 275 -10.27 37.92 4.47
N LEU A 276 -9.54 37.48 3.44
CA LEU A 276 -8.12 37.13 3.55
C LEU A 276 -7.50 38.19 4.45
N THR A 277 -6.74 37.73 5.44
CA THR A 277 -6.20 38.60 6.46
C THR A 277 -5.18 39.58 5.92
N ASN A 278 -4.38 39.24 4.90
CA ASN A 278 -3.32 40.14 4.37
C ASN A 278 -3.02 39.68 2.96
N ASN A 279 -2.57 40.55 2.04
CA ASN A 279 -2.26 40.09 0.65
C ASN A 279 -0.94 39.34 0.42
N ILE A 280 -0.07 39.35 1.40
CA ILE A 280 1.24 38.77 1.15
C ILE A 280 1.18 37.39 1.73
N ILE A 281 1.00 36.41 0.86
CA ILE A 281 0.95 35.02 1.28
C ILE A 281 2.31 34.30 1.17
N TRP A 282 3.03 34.19 2.29
CA TRP A 282 4.33 33.50 2.33
C TRP A 282 4.25 31.97 2.17
N ASN A 283 3.19 31.34 2.66
CA ASN A 283 3.03 29.91 2.61
C ASN A 283 1.58 29.50 2.55
N ILE A 284 1.31 28.41 1.84
CA ILE A 284 -0.02 27.80 1.79
C ILE A 284 0.16 26.32 2.11
N PHE A 285 -0.64 25.82 3.06
CA PHE A 285 -0.59 24.40 3.44
C PHE A 285 -2.00 23.79 3.39
N ALA A 286 -2.18 22.73 2.60
CA ALA A 286 -3.34 21.85 2.64
C ALA A 286 -3.15 20.79 3.72
N ASP A 287 -4.01 20.79 4.74
CA ASP A 287 -3.85 19.87 5.87
C ASP A 287 -4.41 18.45 5.52
N GLN A 288 -4.38 17.51 6.44
CA GLN A 288 -4.85 16.12 6.15
C GLN A 288 -6.31 16.05 5.80
N GLU A 289 -7.09 17.03 6.25
CA GLU A 289 -8.50 17.09 5.95
C GLU A 289 -8.84 18.02 4.78
N HIS A 290 -7.82 18.45 4.02
CA HIS A 290 -7.98 19.41 2.93
C HIS A 290 -8.39 20.86 3.33
N ASN A 291 -8.37 21.20 4.62
CA ASN A 291 -8.39 22.61 4.99
C ASN A 291 -7.15 23.33 4.47
N ILE A 292 -7.31 24.59 4.06
CA ILE A 292 -6.22 25.36 3.45
C ILE A 292 -5.79 26.39 4.44
N TRP A 293 -4.52 26.34 4.81
CA TRP A 293 -3.96 27.28 5.77
C TRP A 293 -3.12 28.29 4.99
N LEU A 294 -3.47 29.57 5.05
CA LEU A 294 -2.70 30.64 4.39
C LEU A 294 -1.85 31.44 5.39
N GLY A 295 -0.53 31.44 5.24
CA GLY A 295 0.36 32.14 6.13
C GLY A 295 0.78 33.46 5.50
N THR A 296 0.64 34.54 6.23
CA THR A 296 0.73 35.87 5.59
C THR A 296 1.64 36.83 6.33
N ASP A 297 1.69 38.07 5.86
CA ASP A 297 2.46 39.06 6.50
C ASP A 297 1.69 39.65 7.65
N TYR A 298 0.51 39.09 7.92
CA TYR A 298 -0.24 39.57 9.06
C TYR A 298 -1.25 38.51 9.50
N GLY A 299 -0.79 37.50 10.23
CA GLY A 299 -1.64 36.42 10.74
C GLY A 299 -1.94 35.34 9.69
N ILE A 300 -3.03 34.61 9.89
CA ILE A 300 -3.32 33.36 9.18
C ILE A 300 -4.76 33.38 8.78
N SER A 301 -5.05 32.90 7.58
CA SER A 301 -6.42 32.67 7.13
C SER A 301 -6.60 31.19 6.85
N LEU A 302 -7.64 30.66 7.44
CA LEU A 302 -7.99 29.29 7.35
C LEU A 302 -9.25 29.23 6.50
N SER A 303 -9.21 28.39 5.47
CA SER A 303 -10.38 28.19 4.64
C SER A 303 -10.80 26.75 4.83
N ARG A 304 -11.92 26.55 5.49
CA ARG A 304 -12.37 25.21 5.87
C ARG A 304 -12.84 24.42 4.67
N TYR A 305 -12.45 23.15 4.61
CA TYR A 305 -13.00 22.25 3.59
C TYR A 305 -14.18 21.47 4.20
N ASN A 306 -15.28 21.42 3.48
CA ASN A 306 -16.53 20.79 3.98
C ASN A 306 -17.05 19.70 3.08
N SER A 307 -17.21 18.51 3.67
CA SER A 307 -17.81 17.32 3.01
C SER A 307 -17.57 17.21 1.50
N LEU A 309 -19.51 14.43 2.06
CA LEU A 309 -19.53 13.10 2.69
C LEU A 309 -18.16 12.54 3.03
N GLN A 310 -18.06 11.98 4.24
CA GLN A 310 -16.89 11.24 4.67
C GLN A 310 -16.78 9.95 3.82
N PHE A 311 -15.59 9.71 3.25
CA PHE A 311 -15.33 8.51 2.43
C PHE A 311 -14.15 7.71 2.98
N ILE A 312 -14.34 6.41 3.17
CA ILE A 312 -13.38 5.58 3.90
C ILE A 312 -12.80 4.44 3.04
N PRO A 313 -11.47 4.46 2.79
CA PRO A 313 -10.89 3.47 1.87
C PRO A 313 -10.78 2.14 2.55
N ILE A 314 -10.87 1.04 1.78
CA ILE A 314 -10.84 -0.31 2.36
C ILE A 314 -9.65 -0.50 3.27
N SER A 315 -8.51 0.04 2.85
CA SER A 315 -7.25 -0.16 3.54
C SER A 315 -7.27 0.38 4.99
N GLN A 316 -8.08 1.41 5.24
CA GLN A 316 -8.29 1.88 6.60
C GLN A 316 -9.02 0.84 7.49
N ILE A 317 -9.78 -0.06 6.88
CA ILE A 317 -10.53 -1.12 7.61
C ILE A 317 -9.66 -2.36 7.87
N THR A 318 -8.96 -2.80 6.83
CA THR A 318 -7.91 -3.83 6.93
C THR A 318 -6.95 -3.57 5.82
N GLY A 319 -5.74 -3.17 6.19
CA GLY A 319 -4.76 -2.77 5.18
C GLY A 319 -3.43 -3.50 5.23
N THR A 320 -3.11 -4.31 4.22
CA THR A 320 -3.92 -4.68 3.05
C THR A 320 -4.38 -3.54 2.12
N GLY A 321 -3.77 -3.52 0.94
CA GLY A 321 -4.20 -2.61 -0.12
C GLY A 321 -5.01 -3.27 -1.22
N ASP A 322 -5.70 -4.38 -0.91
CA ASP A 322 -6.55 -5.04 -1.90
C ASP A 322 -7.83 -4.25 -2.08
N GLY A 323 -8.44 -4.38 -3.26
CA GLY A 323 -9.67 -3.65 -3.61
C GLY A 323 -10.89 -4.54 -3.55
N ASN A 324 -12.05 -3.91 -3.74
CA ASN A 324 -13.29 -4.58 -3.74
C ASN A 324 -14.32 -3.56 -4.22
N GLN A 325 -15.26 -4.02 -5.04
CA GLN A 325 -16.38 -3.22 -5.45
C GLN A 325 -17.57 -3.73 -4.65
N PHE A 326 -18.07 -2.92 -3.72
CA PHE A 326 -19.14 -3.34 -2.83
C PHE A 326 -20.56 -3.34 -3.37
N TYR A 327 -21.17 -4.53 -3.49
CA TYR A 327 -22.54 -4.68 -3.93
C TYR A 327 -23.54 -5.08 -2.81
N SER A 328 -23.04 -5.42 -1.62
CA SER A 328 -23.93 -5.78 -0.53
C SER A 328 -23.32 -5.29 0.79
N LEU A 329 -24.11 -4.49 1.53
CA LEU A 329 -23.67 -3.98 2.81
C LEU A 329 -24.72 -4.41 3.84
N PHE A 330 -24.30 -4.89 5.00
CA PHE A 330 -25.25 -5.45 5.95
C PHE A 330 -24.68 -5.43 7.38
N ARG A 331 -25.54 -5.19 8.37
CA ARG A 331 -25.14 -5.24 9.77
C ARG A 331 -25.96 -6.28 10.51
N ASP A 332 -25.33 -7.21 11.21
CA ASP A 332 -26.12 -8.28 11.79
C ASP A 332 -26.68 -7.89 13.16
N SER A 333 -27.60 -8.69 13.70
CA SER A 333 -28.17 -8.37 15.02
C SER A 333 -27.13 -8.41 16.17
N LYS A 334 -26.02 -9.13 15.98
CA LYS A 334 -24.89 -9.11 16.93
C LYS A 334 -23.96 -7.91 16.69
N GLY A 335 -24.19 -7.15 15.62
CA GLY A 335 -23.51 -5.88 15.42
C GLY A 335 -22.28 -5.85 14.51
N PHE A 336 -21.91 -6.98 13.95
CA PHE A 336 -20.87 -7.02 12.92
C PHE A 336 -21.33 -6.41 11.57
N TYR A 337 -20.40 -5.73 10.91
CA TYR A 337 -20.62 -5.24 9.53
C TYR A 337 -20.16 -6.27 8.55
N TRP A 338 -20.98 -6.49 7.53
CA TRP A 338 -20.64 -7.37 6.43
C TRP A 338 -20.70 -6.59 5.10
N PHE A 339 -19.54 -6.27 4.55
CA PHE A 339 -19.41 -5.49 3.31
C PHE A 339 -18.75 -6.33 2.23
N GLY A 340 -19.51 -6.70 1.20
CA GLY A 340 -18.94 -7.50 0.13
C GLY A 340 -19.34 -7.08 -1.28
N GLY A 341 -18.69 -7.73 -2.24
CA GLY A 341 -19.11 -7.56 -3.61
C GLY A 341 -18.23 -8.42 -4.45
N ALA A 342 -17.54 -7.80 -5.41
CA ALA A 342 -16.78 -8.50 -6.42
C ALA A 342 -15.66 -9.37 -5.85
N ASN A 343 -15.01 -8.87 -4.81
CA ASN A 343 -13.80 -9.47 -4.34
C ASN A 343 -13.84 -9.97 -2.89
N GLY A 344 -14.91 -10.64 -2.50
CA GLY A 344 -14.92 -11.24 -1.19
C GLY A 344 -15.79 -10.47 -0.24
N LEU A 345 -15.82 -10.95 1.00
CA LEU A 345 -16.68 -10.45 2.03
C LEU A 345 -15.80 -10.01 3.18
N ILE A 346 -16.04 -8.84 3.74
CA ILE A 346 -15.30 -8.39 4.92
C ILE A 346 -16.23 -8.28 6.11
N ARG A 347 -15.88 -8.96 7.19
CA ARG A 347 -16.54 -8.78 8.49
C ARG A 347 -15.67 -7.87 9.33
N PHE A 348 -16.32 -6.85 9.94
CA PHE A 348 -15.62 -5.90 10.80
C PHE A 348 -16.56 -5.18 11.73
N THR A 349 -16.00 -4.50 12.72
CA THR A 349 -16.75 -3.78 13.75
C THR A 349 -16.35 -2.33 13.57
N ASP A 350 -17.16 -1.41 14.07
CA ASP A 350 -16.82 0.05 14.08
C ASP A 350 -16.34 0.62 12.74
N PRO A 351 -17.26 1.14 11.92
CA PRO A 351 -16.80 1.70 10.65
C PRO A 351 -15.94 2.95 10.79
N ALA A 352 -16.34 3.90 11.63
CA ALA A 352 -15.59 5.15 11.79
C ALA A 352 -14.80 5.21 13.09
N GLY A 353 -14.23 4.06 13.46
CA GLY A 353 -13.34 3.96 14.62
C GLY A 353 -11.93 3.59 14.18
N GLU A 354 -11.11 3.11 15.12
CA GLU A 354 -9.72 2.75 14.81
C GLU A 354 -9.50 1.22 14.75
N ARG A 355 -10.35 0.45 15.42
CA ARG A 355 -10.03 -0.95 15.75
C ARG A 355 -10.44 -1.97 14.69
N HIS A 356 -11.71 -1.96 14.31
CA HIS A 356 -12.25 -2.72 13.13
C HIS A 356 -12.10 -4.27 13.14
N ASP A 357 -10.94 -4.75 13.64
CA ASP A 357 -10.41 -6.12 13.42
C ASP A 357 -11.11 -6.96 12.36
N ALA A 358 -10.89 -6.53 11.14
CA ALA A 358 -11.65 -7.01 10.01
C ALA A 358 -11.20 -8.41 9.61
N ILE A 359 -12.13 -9.25 9.17
CA ILE A 359 -11.76 -10.49 8.52
C ILE A 359 -12.25 -10.48 7.10
N TRP A 360 -11.33 -10.78 6.17
CA TRP A 360 -11.64 -10.91 4.77
C TRP A 360 -11.77 -12.37 4.29
N TYR A 361 -13.00 -12.78 3.98
CA TYR A 361 -13.35 -14.06 3.39
C TYR A 361 -13.23 -13.98 1.89
N ARG A 362 -12.27 -14.74 1.36
CA ARG A 362 -12.04 -14.79 -0.07
C ARG A 362 -11.57 -16.15 -0.58
N MET A 363 -11.97 -16.44 -1.82
CA MET A 363 -11.44 -17.52 -2.65
C MET A 363 -9.91 -17.66 -2.55
N GLY A 364 -9.45 -18.86 -2.17
CA GLY A 364 -8.02 -19.14 -2.10
C GLY A 364 -7.31 -18.72 -0.83
N ASP A 365 -8.03 -18.13 0.11
CA ASP A 365 -7.40 -17.77 1.38
C ASP A 365 -7.09 -19.05 2.16
N LYS A 366 -5.96 -19.05 2.86
CA LYS A 366 -5.58 -20.20 3.67
C LYS A 366 -6.49 -20.35 4.89
N THR A 367 -6.80 -19.21 5.51
CA THR A 367 -7.41 -19.19 6.82
C THR A 367 -8.90 -18.89 6.79
N TYR A 368 -9.32 -18.04 5.85
CA TYR A 368 -10.74 -17.67 5.70
C TYR A 368 -11.31 -17.85 4.28
N PRO A 369 -11.49 -19.10 3.81
CA PRO A 369 -11.96 -19.27 2.42
C PRO A 369 -13.45 -19.12 2.08
N LEU A 370 -13.72 -18.84 0.80
CA LEU A 370 -15.07 -18.85 0.26
C LEU A 370 -15.08 -19.68 -1.00
N SER A 371 -16.21 -20.31 -1.29
CA SER A 371 -16.34 -21.04 -2.56
C SER A 371 -16.14 -20.12 -3.78
N HIS A 372 -16.44 -18.82 -3.67
CA HIS A 372 -16.36 -17.85 -4.81
C HIS A 372 -16.28 -16.44 -4.26
N ASN A 373 -15.58 -15.54 -4.96
CA ASN A 373 -15.36 -14.19 -4.47
C ASN A 373 -16.59 -13.29 -4.62
N ARG A 374 -17.42 -13.57 -5.61
CA ARG A 374 -18.43 -12.60 -6.06
C ARG A 374 -19.68 -12.75 -5.18
N ILE A 375 -19.82 -11.87 -4.21
CA ILE A 375 -20.95 -11.86 -3.30
C ILE A 375 -22.12 -11.11 -3.94
N ARG A 376 -23.34 -11.68 -3.83
CA ARG A 376 -24.53 -11.04 -4.40
C ARG A 376 -25.53 -10.66 -3.34
N HIS A 377 -25.54 -11.34 -2.19
CA HIS A 377 -26.52 -11.04 -1.16
C HIS A 377 -26.05 -11.57 0.20
N ILE A 378 -26.39 -10.81 1.24
CA ILE A 378 -26.10 -11.11 2.60
C ILE A 378 -27.44 -10.97 3.35
N TYR A 379 -27.82 -12.00 4.12
CA TYR A 379 -29.14 -12.05 4.75
C TYR A 379 -29.11 -12.76 6.09
N GLU A 380 -29.86 -12.23 7.05
CA GLU A 380 -30.03 -12.80 8.37
C GLU A 380 -31.43 -13.42 8.49
N ASP A 381 -31.49 -14.67 8.93
CA ASP A 381 -32.78 -15.33 8.95
C ASP A 381 -33.58 -15.14 10.23
N LYS A 382 -34.73 -15.81 10.29
CA LYS A 382 -35.62 -15.74 11.43
C LYS A 382 -35.02 -16.22 12.77
N GLU A 383 -33.98 -17.06 12.75
CA GLU A 383 -33.22 -17.48 13.97
C GLU A 383 -31.79 -16.89 14.02
N GLN A 384 -31.64 -15.74 13.35
CA GLN A 384 -30.42 -14.93 13.42
C GLN A 384 -29.18 -15.68 12.90
N GLN A 385 -29.41 -16.51 11.89
CA GLN A 385 -28.35 -17.21 11.16
C GLN A 385 -28.05 -16.36 9.95
N LEU A 386 -26.77 -16.21 9.63
CA LEU A 386 -26.34 -15.35 8.54
C LEU A 386 -26.13 -16.15 7.25
N TRP A 387 -26.90 -15.80 6.22
CA TRP A 387 -26.79 -16.42 4.88
C TRP A 387 -26.17 -15.48 3.86
N ILE A 388 -25.26 -16.00 3.03
CA ILE A 388 -24.77 -15.25 1.85
C ILE A 388 -25.05 -16.03 0.55
N ALA A 389 -25.36 -15.29 -0.50
CA ALA A 389 -25.54 -15.73 -1.89
C ALA A 389 -24.31 -15.28 -2.69
N THR A 390 -23.80 -16.16 -3.55
CA THR A 390 -22.50 -15.94 -4.23
C THR A 390 -22.56 -16.71 -5.55
N ASP A 391 -21.56 -16.54 -6.42
CA ASP A 391 -21.44 -17.34 -7.65
C ASP A 391 -20.78 -18.73 -7.41
N GLY A 392 -20.60 -19.11 -6.14
CA GLY A 392 -20.31 -20.48 -5.75
C GLY A 392 -21.35 -20.92 -4.72
N SER A 393 -22.62 -20.80 -5.10
CA SER A 393 -23.76 -21.23 -4.29
C SER A 393 -23.96 -20.46 -2.98
N ILE A 394 -24.81 -20.97 -2.10
CA ILE A 394 -25.08 -20.28 -0.84
C ILE A 394 -24.24 -20.83 0.27
N ASN A 395 -23.95 -19.97 1.24
CA ASN A 395 -23.10 -20.30 2.38
C ASN A 395 -23.81 -19.86 3.66
N ARG A 396 -23.49 -20.52 4.77
CA ARG A 396 -24.05 -20.12 6.02
C ARG A 396 -22.92 -19.92 7.01
N TYR A 397 -22.93 -18.78 7.72
CA TYR A 397 -21.86 -18.53 8.67
C TYR A 397 -22.04 -19.32 9.96
N ASP A 398 -20.93 -19.77 10.53
CA ASP A 398 -20.91 -20.36 11.83
C ASP A 398 -20.04 -19.46 12.69
N TYR A 399 -20.67 -18.79 13.66
CA TYR A 399 -20.03 -17.73 14.43
C TYR A 399 -18.95 -18.26 15.37
N ALA A 400 -19.16 -19.48 15.87
CA ALA A 400 -18.25 -20.09 16.82
C ALA A 400 -16.93 -20.49 16.14
N THR A 401 -17.02 -20.97 14.91
CA THR A 401 -15.84 -21.44 14.16
C THR A 401 -15.22 -20.28 13.36
N ARG A 402 -16.03 -19.27 13.07
CA ARG A 402 -15.67 -18.13 12.22
C ARG A 402 -15.35 -18.54 10.78
N GLN A 403 -16.18 -19.41 10.21
CA GLN A 403 -15.96 -19.97 8.88
C GLN A 403 -17.29 -20.21 8.21
N PHE A 404 -17.31 -20.22 6.88
CA PHE A 404 -18.56 -20.46 6.15
C PHE A 404 -18.80 -21.92 5.81
N ILE A 405 -20.06 -22.31 5.84
CA ILE A 405 -20.46 -23.66 5.49
C ILE A 405 -21.22 -23.60 4.19
N HIS A 406 -20.80 -24.45 3.25
CA HIS A 406 -21.22 -24.35 1.87
C HIS A 406 -22.26 -25.38 1.55
N TYR A 407 -23.29 -25.00 0.81
CA TYR A 407 -24.30 -25.97 0.37
C TYR A 407 -24.40 -26.02 -1.12
N ASN A 408 -24.40 -27.24 -1.67
CA ASN A 408 -24.78 -27.48 -3.05
C ASN A 408 -26.23 -27.92 -3.09
N ILE A 409 -27.03 -27.27 -3.93
CA ILE A 409 -28.46 -27.62 -4.05
C ILE A 409 -28.84 -27.93 -5.52
N VAL A 410 -29.64 -28.99 -5.70
CA VAL A 410 -30.29 -29.24 -7.00
C VAL A 410 -31.78 -29.46 -6.78
N ASP A 411 -32.57 -29.39 -7.86
CA ASP A 411 -33.99 -29.73 -7.79
C ASP A 411 -34.13 -31.20 -8.16
N ASN A 412 -35.32 -31.78 -7.96
CA ASN A 412 -35.57 -33.20 -8.29
C ASN A 412 -35.47 -33.57 -9.79
N THR A 413 -34.27 -33.35 -10.33
CA THR A 413 -33.92 -33.43 -11.75
C THR A 413 -32.69 -32.51 -11.99
N TYR A 416 -30.56 -28.29 -13.56
CA TYR A 416 -30.99 -27.15 -12.73
C TYR A 416 -30.34 -27.16 -11.33
N ASN A 417 -29.64 -26.08 -10.98
CA ASN A 417 -28.98 -25.98 -9.66
C ASN A 417 -28.74 -24.57 -9.11
N THR A 418 -27.86 -24.50 -8.13
CA THR A 418 -27.80 -23.37 -7.26
C THR A 418 -26.45 -22.63 -7.34
N ASN A 419 -25.58 -23.01 -8.27
CA ASN A 419 -24.22 -22.45 -8.33
C ASN A 419 -24.16 -20.94 -8.42
N TRP A 420 -25.01 -20.36 -9.26
CA TRP A 420 -25.06 -18.91 -9.38
C TRP A 420 -26.32 -18.36 -8.69
N THR A 421 -26.16 -18.06 -7.41
CA THR A 421 -27.25 -17.63 -6.53
C THR A 421 -27.28 -16.12 -6.40
N TYR A 422 -28.49 -15.54 -6.53
CA TYR A 422 -28.71 -14.09 -6.49
C TYR A 422 -29.30 -13.53 -5.22
N TYR A 423 -30.23 -14.27 -4.61
CA TYR A 423 -31.04 -13.72 -3.54
C TYR A 423 -31.60 -14.80 -2.62
N ILE A 424 -31.63 -14.48 -1.34
CA ILE A 424 -32.15 -15.44 -0.41
C ILE A 424 -33.07 -14.76 0.59
N PHE A 425 -34.08 -15.51 1.06
CA PHE A 425 -34.91 -15.09 2.19
C PHE A 425 -35.57 -16.27 2.92
N GLU A 426 -35.97 -16.10 4.19
CA GLU A 426 -36.76 -17.12 4.90
C GLU A 426 -38.25 -16.75 4.99
N ASP A 427 -39.14 -17.69 4.62
CA ASP A 427 -40.58 -17.48 4.76
C ASP A 427 -41.04 -17.87 6.18
N THR A 428 -42.33 -17.71 6.48
CA THR A 428 -42.82 -17.94 7.88
C THR A 428 -43.06 -19.43 8.23
N ALA A 429 -42.72 -20.32 7.32
CA ALA A 429 -42.83 -21.76 7.54
C ALA A 429 -41.46 -22.43 7.58
N GLY A 430 -40.40 -21.66 7.85
CA GLY A 430 -39.05 -22.22 7.93
C GLY A 430 -38.47 -22.69 6.60
N GLN A 431 -38.97 -22.15 5.49
CA GLN A 431 -38.38 -22.49 4.19
C GLN A 431 -37.46 -21.40 3.60
N LEU A 432 -36.37 -21.82 2.99
CA LEU A 432 -35.42 -20.88 2.39
C LEU A 432 -35.76 -20.69 0.94
N TRP A 433 -35.95 -19.45 0.52
CA TRP A 433 -36.25 -19.15 -0.88
C TRP A 433 -34.99 -18.61 -1.57
N ILE A 434 -34.65 -19.24 -2.70
CA ILE A 434 -33.40 -18.98 -3.36
C ILE A 434 -33.65 -18.73 -4.85
N SER A 435 -33.12 -17.60 -5.34
CA SER A 435 -33.20 -17.29 -6.77
C SER A 435 -31.82 -17.46 -7.37
N THR A 436 -31.83 -17.81 -8.65
CA THR A 436 -30.65 -18.26 -9.37
C THR A 436 -30.53 -17.60 -10.78
N CYS A 437 -29.37 -17.74 -11.40
CA CYS A 437 -29.13 -17.28 -12.76
C CYS A 437 -29.26 -18.41 -13.81
N LEU A 438 -29.92 -19.51 -13.44
CA LEU A 438 -30.33 -20.47 -14.45
C LEU A 438 -31.39 -21.44 -13.93
N GLY A 439 -31.25 -21.86 -12.67
CA GLY A 439 -32.12 -22.88 -12.10
C GLY A 439 -33.42 -22.36 -11.52
N GLY A 440 -33.85 -21.18 -11.98
CA GLY A 440 -35.04 -20.54 -11.41
C GLY A 440 -34.95 -20.23 -9.92
N ILE A 441 -36.05 -20.53 -9.22
CA ILE A 441 -36.18 -20.25 -7.80
C ILE A 441 -36.30 -21.58 -7.08
N PHE A 442 -35.41 -21.85 -6.14
CA PHE A 442 -35.55 -23.06 -5.28
C PHE A 442 -36.14 -22.71 -3.91
N VAL A 443 -36.96 -23.62 -3.37
CA VAL A 443 -37.52 -23.52 -2.03
C VAL A 443 -37.16 -24.79 -1.27
N VAL A 444 -36.72 -24.63 -0.03
CA VAL A 444 -35.85 -25.62 0.60
C VAL A 444 -36.05 -25.62 2.11
N ASP A 445 -36.24 -26.81 2.70
CA ASP A 445 -36.34 -26.94 4.18
C ASP A 445 -35.06 -26.48 4.86
N LYS A 446 -35.13 -25.40 5.60
CA LYS A 446 -33.95 -24.79 6.19
C LYS A 446 -33.22 -25.76 7.14
N HIS A 447 -33.91 -26.25 8.17
CA HIS A 447 -33.30 -27.17 9.13
C HIS A 447 -32.76 -28.42 8.46
N LYS A 448 -33.51 -28.98 7.51
CA LYS A 448 -33.08 -30.23 6.85
C LYS A 448 -31.83 -29.96 6.01
N LEU A 449 -31.78 -28.82 5.33
CA LEU A 449 -30.55 -28.39 4.66
C LEU A 449 -29.39 -28.25 5.63
N MET A 450 -29.65 -27.54 6.73
CA MET A 450 -28.66 -27.35 7.78
C MET A 450 -28.27 -28.69 8.40
N GLN A 451 -29.26 -29.54 8.70
CA GLN A 451 -28.97 -30.87 9.26
C GLN A 451 -28.39 -31.81 8.22
N SER A 452 -28.56 -31.48 6.94
CA SER A 452 -28.12 -32.37 5.87
C SER A 452 -26.63 -32.64 5.91
N THR A 453 -26.27 -33.74 5.29
CA THR A 453 -25.02 -34.43 5.54
C THR A 453 -24.66 -35.10 4.22
N SER A 454 -25.14 -34.50 3.14
CA SER A 454 -25.13 -35.16 1.86
C SER A 454 -24.41 -34.29 0.82
N GLY A 455 -23.74 -33.23 1.27
CA GLY A 455 -22.95 -32.38 0.38
C GLY A 455 -23.74 -31.73 -0.75
N GLN A 456 -24.46 -32.57 -1.51
CA GLN A 456 -25.50 -32.10 -2.42
C GLN A 456 -26.88 -32.31 -1.79
N TYR A 457 -27.85 -31.48 -2.15
CA TYR A 457 -29.18 -31.55 -1.54
C TYR A 457 -30.36 -31.35 -2.51
N ILE A 458 -31.22 -32.38 -2.62
CA ILE A 458 -32.40 -32.29 -3.48
C ILE A 458 -33.45 -31.34 -2.87
N ALA A 459 -33.96 -30.41 -3.69
CA ALA A 459 -34.92 -29.41 -3.23
C ALA A 459 -36.37 -29.89 -3.14
N GLU A 460 -36.99 -29.54 -2.02
CA GLU A 460 -38.44 -29.61 -1.77
C GLU A 460 -39.26 -29.13 -2.97
N GLN A 461 -38.90 -27.96 -3.48
CA GLN A 461 -39.61 -27.29 -4.55
C GLN A 461 -38.63 -26.53 -5.43
N ASN A 462 -39.09 -26.26 -6.65
CA ASN A 462 -38.47 -25.29 -7.56
C ASN A 462 -39.50 -24.69 -8.53
N TYR A 463 -39.43 -23.38 -8.72
CA TYR A 463 -40.14 -22.71 -9.80
C TYR A 463 -39.23 -22.53 -10.99
N SER A 464 -39.73 -22.84 -12.18
CA SER A 464 -38.97 -22.66 -13.42
C SER A 464 -39.87 -22.27 -14.58
N VAL A 465 -39.24 -21.96 -15.72
CA VAL A 465 -39.94 -21.66 -16.98
C VAL A 465 -40.87 -22.81 -17.40
N HIS A 466 -40.54 -24.04 -16.97
CA HIS A 466 -41.36 -25.24 -17.24
C HIS A 466 -42.69 -25.23 -16.48
N ASN A 467 -42.75 -24.48 -15.38
CA ASN A 467 -43.97 -24.40 -14.56
C ASN A 467 -44.44 -23.00 -14.12
N GLY A 468 -44.14 -21.97 -14.90
CA GLY A 468 -44.77 -20.66 -14.66
C GLY A 468 -43.94 -19.38 -14.73
N LEU A 469 -42.65 -19.47 -14.45
CA LEU A 469 -41.80 -18.29 -14.61
C LEU A 469 -41.68 -17.90 -16.08
N SER A 470 -41.41 -16.62 -16.34
CA SER A 470 -41.21 -16.08 -17.71
C SER A 470 -39.81 -16.39 -18.27
N GLY A 471 -38.77 -16.09 -17.49
CA GLY A 471 -37.42 -16.53 -17.78
C GLY A 471 -36.88 -17.19 -16.52
N MET A 472 -35.62 -17.63 -16.59
CA MET A 472 -34.95 -18.27 -15.44
C MET A 472 -33.82 -17.38 -14.88
N PHE A 473 -33.64 -16.25 -15.55
CA PHE A 473 -32.66 -15.23 -15.22
C PHE A 473 -33.33 -14.22 -14.27
N ILE A 474 -33.31 -14.53 -12.99
CA ILE A 474 -34.02 -13.70 -12.00
C ILE A 474 -33.16 -13.26 -10.80
N ASN A 475 -33.34 -12.02 -10.42
CA ASN A 475 -32.51 -11.41 -9.40
C ASN A 475 -33.26 -11.49 -8.08
N GLN A 476 -33.95 -10.43 -7.71
CA GLN A 476 -34.47 -10.34 -6.37
C GLN A 476 -35.79 -11.04 -6.24
N ILE A 477 -35.99 -11.70 -5.08
CA ILE A 477 -37.30 -12.24 -4.70
C ILE A 477 -37.67 -11.74 -3.32
N ILE A 478 -38.89 -11.18 -3.22
CA ILE A 478 -39.32 -10.41 -2.06
C ILE A 478 -40.68 -10.87 -1.57
N PRO A 479 -40.75 -11.16 -0.28
CA PRO A 479 -42.06 -11.54 0.19
C PRO A 479 -42.99 -10.36 0.41
N ASP A 480 -44.26 -10.56 0.05
CA ASP A 480 -45.44 -9.78 0.46
C ASP A 480 -45.77 -9.88 1.93
N ASN A 481 -46.65 -8.98 2.38
CA ASN A 481 -47.25 -9.09 3.71
C ASN A 481 -48.27 -10.19 3.77
N GLU A 482 -48.89 -10.47 2.62
CA GLU A 482 -49.82 -11.58 2.50
C GLU A 482 -49.17 -12.77 1.77
N GLY A 483 -47.96 -13.13 2.18
CA GLY A 483 -47.30 -14.35 1.69
C GLY A 483 -46.86 -14.48 0.22
N ASN A 484 -47.21 -13.52 -0.63
CA ASN A 484 -46.84 -13.60 -2.06
C ASN A 484 -45.37 -13.27 -2.35
N VAL A 485 -44.79 -13.95 -3.34
CA VAL A 485 -43.39 -13.75 -3.69
C VAL A 485 -43.26 -13.04 -5.04
N TRP A 486 -42.66 -11.86 -4.99
CA TRP A 486 -42.58 -10.98 -6.13
C TRP A 486 -41.20 -11.07 -6.73
N VAL A 487 -41.14 -11.44 -8.00
CA VAL A 487 -39.87 -11.73 -8.61
C VAL A 487 -39.44 -10.66 -9.61
N LEU A 488 -38.20 -10.20 -9.48
CA LEU A 488 -37.61 -9.25 -10.42
C LEU A 488 -36.99 -10.02 -11.56
N LEU A 489 -37.49 -9.74 -12.75
CA LEU A 489 -37.06 -10.40 -13.98
C LEU A 489 -36.04 -9.66 -14.83
N TYR A 490 -35.02 -10.40 -15.17
CA TYR A 490 -33.92 -9.94 -15.97
C TYR A 490 -34.29 -9.95 -17.50
N ASN A 491 -34.15 -8.80 -18.16
CA ASN A 491 -34.36 -8.68 -19.62
C ASN A 491 -35.74 -9.17 -20.04
N ASN A 492 -36.73 -8.61 -19.35
CA ASN A 492 -38.08 -9.10 -19.39
C ASN A 492 -39.04 -7.92 -19.23
N LYS A 493 -40.33 -8.19 -19.42
CA LYS A 493 -41.37 -7.19 -19.22
C LYS A 493 -42.32 -7.55 -18.07
N GLY A 494 -42.61 -6.57 -17.23
CA GLY A 494 -43.40 -6.82 -16.02
C GLY A 494 -42.65 -7.59 -14.95
N ILE A 495 -43.38 -8.03 -13.94
CA ILE A 495 -42.83 -8.78 -12.82
C ILE A 495 -43.72 -9.96 -12.46
N ASP A 496 -43.11 -11.13 -12.30
CA ASP A 496 -43.81 -12.35 -11.89
C ASP A 496 -44.22 -12.30 -10.40
N LYS A 497 -45.32 -12.98 -10.07
CA LYS A 497 -45.88 -12.97 -8.72
C LYS A 497 -46.40 -14.36 -8.36
N ILE A 498 -46.01 -14.84 -7.18
CA ILE A 498 -46.25 -16.23 -6.78
C ILE A 498 -47.08 -16.33 -5.52
N ASN A 499 -48.15 -17.14 -5.59
CA ASN A 499 -48.88 -17.60 -4.43
C ASN A 499 -48.35 -18.98 -4.09
N PRO A 500 -47.52 -19.10 -3.03
CA PRO A 500 -46.94 -20.38 -2.63
C PRO A 500 -47.99 -21.37 -2.07
N ARG A 501 -49.18 -20.86 -1.81
CA ARG A 501 -50.27 -21.66 -1.27
C ARG A 501 -50.91 -22.56 -2.34
N THR A 502 -50.98 -22.07 -3.58
CA THR A 502 -51.50 -22.87 -4.72
C THR A 502 -50.57 -22.78 -5.94
N ARG A 503 -49.31 -22.39 -5.69
CA ARG A 503 -48.24 -22.35 -6.69
C ARG A 503 -48.57 -21.52 -7.93
N GLU A 504 -49.53 -20.60 -7.80
CA GLU A 504 -49.94 -19.74 -8.91
C GLU A 504 -48.96 -18.61 -9.18
N VAL A 505 -48.30 -18.67 -10.33
CA VAL A 505 -47.46 -17.58 -10.78
C VAL A 505 -48.24 -16.75 -11.79
N THR A 506 -48.18 -15.43 -11.65
CA THR A 506 -48.82 -14.55 -12.63
C THR A 506 -47.97 -13.33 -12.99
N LYS A 507 -48.02 -12.98 -14.27
CA LYS A 507 -47.22 -11.88 -14.80
C LYS A 507 -48.02 -10.57 -14.77
N LEU A 508 -47.58 -9.65 -13.91
CA LEU A 508 -48.26 -8.35 -13.75
C LEU A 508 -47.43 -7.18 -14.28
N PHE A 509 -48.12 -6.10 -14.63
CA PHE A 509 -47.52 -4.84 -15.08
C PHE A 509 -46.67 -4.93 -16.35
N ALA A 510 -46.76 -6.05 -17.07
CA ALA A 510 -46.22 -6.15 -18.43
C ALA A 510 -46.69 -4.96 -19.28
N ASP A 511 -47.91 -4.50 -19.03
CA ASP A 511 -48.47 -3.27 -19.63
C ASP A 511 -47.54 -2.05 -19.51
N GLU A 512 -47.05 -1.80 -18.28
CA GLU A 512 -46.36 -0.56 -17.93
C GLU A 512 -44.83 -0.69 -17.85
N LEU A 513 -44.38 -1.87 -17.45
CA LEU A 513 -42.96 -2.12 -17.19
C LEU A 513 -42.31 -2.92 -18.31
N THR A 514 -42.47 -2.43 -19.53
CA THR A 514 -41.98 -3.16 -20.68
C THR A 514 -41.02 -2.31 -21.47
N GLY A 515 -40.28 -2.93 -22.38
CA GLY A 515 -39.45 -2.20 -23.35
C GLY A 515 -38.34 -1.49 -22.60
N GLU A 516 -38.26 -0.17 -22.76
CA GLU A 516 -37.26 0.62 -22.02
C GLU A 516 -37.62 0.75 -20.54
N LYS A 517 -38.90 0.58 -20.21
CA LYS A 517 -39.36 0.63 -18.83
C LYS A 517 -39.08 -0.72 -18.18
N SER A 518 -38.09 -1.44 -18.71
CA SER A 518 -37.72 -2.75 -18.21
C SER A 518 -37.11 -2.61 -16.81
N PRO A 519 -37.68 -3.34 -15.82
CA PRO A 519 -37.29 -3.27 -14.40
C PRO A 519 -35.96 -3.96 -14.12
N ASN A 520 -35.13 -3.32 -13.28
CA ASN A 520 -33.90 -3.96 -12.80
C ASN A 520 -33.61 -3.93 -11.29
N TYR A 521 -34.47 -3.30 -10.49
CA TYR A 521 -34.33 -3.31 -9.03
C TYR A 521 -35.73 -3.35 -8.40
N LEU A 522 -35.82 -3.94 -7.21
CA LEU A 522 -37.12 -4.23 -6.54
C LEU A 522 -36.90 -4.32 -5.05
N LEU A 523 -37.67 -3.57 -4.28
CA LEU A 523 -37.62 -3.69 -2.82
C LEU A 523 -39.00 -3.51 -2.17
N CYS A 524 -39.16 -4.13 -1.00
CA CYS A 524 -40.32 -3.91 -0.15
C CYS A 524 -39.97 -2.93 0.97
N ASP A 525 -40.81 -1.89 1.16
CA ASP A 525 -40.63 -1.00 2.32
C ASP A 525 -41.39 -1.49 3.57
N GLU A 526 -41.10 -0.88 4.72
CA GLU A 526 -41.75 -1.22 5.99
C GLU A 526 -43.29 -1.15 6.00
N ASP A 527 -43.89 -0.60 4.95
CA ASP A 527 -45.35 -0.53 4.88
C ASP A 527 -45.95 -1.56 3.91
N GLY A 528 -45.11 -2.43 3.36
CA GLY A 528 -45.56 -3.42 2.37
C GLY A 528 -45.70 -2.90 0.95
N LEU A 529 -45.04 -1.78 0.64
CA LEU A 529 -45.09 -1.21 -0.73
C LEU A 529 -43.83 -1.57 -1.49
N LEU A 530 -43.97 -2.08 -2.73
CA LEU A 530 -42.80 -2.35 -3.59
C LEU A 530 -42.35 -1.11 -4.34
N TRP A 531 -41.04 -0.99 -4.49
CA TRP A 531 -40.43 0.09 -5.24
C TRP A 531 -39.66 -0.60 -6.33
N VAL A 532 -39.97 -0.22 -7.57
CA VAL A 532 -39.37 -0.85 -8.75
C VAL A 532 -38.56 0.22 -9.46
N GLY A 533 -37.28 -0.07 -9.63
CA GLY A 533 -36.39 0.86 -10.30
C GLY A 533 -36.26 0.43 -11.75
N PHE A 534 -36.37 1.41 -12.66
CA PHE A 534 -36.12 1.13 -14.05
C PHE A 534 -35.29 2.27 -14.65
N HIS A 535 -34.92 2.14 -15.92
CA HIS A 535 -34.16 3.20 -16.60
C HIS A 535 -34.84 4.56 -16.40
N GLY A 536 -34.18 5.44 -15.65
CA GLY A 536 -34.67 6.79 -15.37
C GLY A 536 -36.08 6.85 -14.82
N GLY A 537 -36.26 6.35 -13.61
CA GLY A 537 -37.52 6.44 -12.88
C GLY A 537 -37.72 5.30 -11.91
N VAL A 538 -38.53 5.56 -10.89
CA VAL A 538 -38.98 4.53 -9.97
C VAL A 538 -40.49 4.49 -9.88
N MET A 539 -40.99 3.37 -9.39
CA MET A 539 -42.42 3.15 -9.37
C MET A 539 -42.82 2.39 -8.12
N ARG A 540 -43.78 2.97 -7.37
CA ARG A 540 -44.32 2.44 -6.11
C ARG A 540 -45.53 1.55 -6.40
N ILE A 541 -45.78 0.52 -5.59
CA ILE A 541 -46.87 -0.44 -5.85
C ILE A 541 -47.60 -0.90 -4.59
N ASN A 542 -48.90 -1.17 -4.69
CA ASN A 542 -49.59 -1.99 -3.70
C ASN A 542 -49.90 -3.36 -4.28
N PRO A 543 -49.25 -4.40 -3.72
CA PRO A 543 -49.45 -5.76 -4.16
C PRO A 543 -50.76 -6.33 -3.56
N GLU A 546 -53.43 -4.92 -6.59
CA GLU A 546 -52.30 -4.96 -7.62
C GLU A 546 -51.94 -3.58 -8.26
N SER A 547 -52.11 -2.55 -7.24
CA SER A 547 -52.42 -1.16 -7.55
C SER A 547 -51.22 -0.26 -7.99
N GLN A 548 -51.43 1.08 -7.99
CA GLN A 548 -50.36 2.14 -8.01
C GLN A 548 -49.61 2.37 -9.35
N GLN A 549 -48.51 3.14 -9.34
CA GLN A 549 -47.95 3.72 -10.58
C GLN A 549 -46.48 4.22 -10.47
N SER A 550 -46.10 5.14 -11.38
CA SER A 550 -44.68 5.50 -11.62
C SER A 550 -44.31 7.00 -11.52
N ILE A 551 -43.04 7.32 -11.82
CA ILE A 551 -42.50 8.70 -11.97
C ILE A 551 -41.14 8.59 -12.71
N SER A 552 -40.57 9.72 -13.12
CA SER A 552 -39.29 9.69 -13.85
C SER A 552 -38.25 10.75 -13.46
N PHE A 553 -37.00 10.50 -13.89
CA PHE A 553 -35.85 11.37 -13.61
C PHE A 553 -35.56 12.43 -14.68
N GLY A 554 -36.45 12.57 -15.66
CA GLY A 554 -36.28 13.53 -16.76
C GLY A 554 -35.06 13.26 -17.63
N SER A 555 -34.19 14.27 -17.75
CA SER A 555 -32.94 14.12 -18.47
C SER A 555 -31.82 13.52 -17.60
N ASN A 559 -28.07 8.23 -16.30
CA ASN A 559 -29.13 7.32 -16.76
C ASN A 559 -29.65 6.28 -15.70
N GLU A 560 -28.89 5.21 -15.40
CA GLU A 560 -29.45 4.00 -14.66
C GLU A 560 -29.23 3.74 -13.14
N ILE A 561 -30.08 2.87 -12.60
CA ILE A 561 -30.21 2.61 -11.18
C ILE A 561 -29.33 1.47 -10.66
N LEU A 562 -28.44 1.80 -9.72
CA LEU A 562 -27.46 0.86 -9.19
C LEU A 562 -27.93 0.19 -7.92
N SER A 563 -28.46 1.01 -7.00
CA SER A 563 -28.97 0.55 -5.69
C SER A 563 -30.13 1.41 -5.14
N MET A 564 -31.04 0.79 -4.39
CA MET A 564 -32.10 1.50 -3.64
C MET A 564 -32.21 0.94 -2.25
N THR A 565 -32.43 1.81 -1.25
CA THR A 565 -32.74 1.38 0.10
C THR A 565 -33.71 2.35 0.81
N CYS A 566 -34.45 1.84 1.78
CA CYS A 566 -35.37 2.68 2.55
C CYS A 566 -34.63 3.50 3.59
N VAL A 567 -35.03 4.73 3.79
CA VAL A 567 -34.48 5.52 4.85
C VAL A 567 -35.66 6.30 5.35
N LYS A 568 -36.27 5.77 6.40
CA LYS A 568 -37.38 6.40 7.11
C LYS A 568 -38.58 6.54 6.21
N ASN A 569 -38.97 7.79 5.92
CA ASN A 569 -40.07 8.05 5.01
C ASN A 569 -39.58 8.17 3.59
N SER A 570 -38.26 8.06 3.42
CA SER A 570 -37.60 8.26 2.11
C SER A 570 -37.08 6.94 1.54
N ILE A 571 -37.05 6.84 0.23
CA ILE A 571 -36.25 5.81 -0.39
C ILE A 571 -35.11 6.47 -1.16
N TRP A 572 -33.89 5.99 -0.93
CA TRP A 572 -32.67 6.51 -1.53
C TRP A 572 -32.37 5.69 -2.74
N VAL A 573 -31.99 6.34 -3.83
CA VAL A 573 -31.84 5.65 -5.12
C VAL A 573 -30.51 6.05 -5.72
N SER A 574 -29.54 5.12 -5.78
CA SER A 574 -28.25 5.47 -6.31
C SER A 574 -28.22 5.21 -7.81
N THR A 575 -27.63 6.14 -8.55
CA THR A 575 -27.74 6.13 -10.00
C THR A 575 -26.36 6.36 -10.58
N THR A 576 -26.16 5.99 -11.84
CA THR A 576 -25.00 6.43 -12.64
C THR A 576 -24.58 7.89 -12.28
N ASN A 577 -25.55 8.80 -12.33
CA ASN A 577 -25.28 10.23 -12.18
C ASN A 577 -24.94 10.64 -10.73
N GLY A 578 -25.89 10.41 -9.82
CA GLY A 578 -25.66 10.56 -8.39
C GLY A 578 -26.88 10.07 -7.65
N LEU A 579 -27.14 10.63 -6.48
CA LEU A 579 -28.25 10.16 -5.66
C LEU A 579 -29.61 10.89 -5.90
N TRP A 580 -30.72 10.14 -5.87
CA TRP A 580 -32.07 10.69 -5.77
C TRP A 580 -32.66 10.23 -4.48
N ILE A 581 -33.30 11.16 -3.76
CA ILE A 581 -34.03 10.83 -2.54
C ILE A 581 -35.52 11.06 -2.79
N ILE A 582 -36.31 10.02 -2.56
CA ILE A 582 -37.74 10.11 -2.81
C ILE A 582 -38.51 10.02 -1.50
N ASP A 583 -39.52 10.88 -1.32
CA ASP A 583 -40.51 10.74 -0.25
C ASP A 583 -41.42 9.56 -0.64
N ARG A 584 -41.66 8.65 0.32
CA ARG A 584 -42.46 7.43 0.08
C ARG A 584 -43.98 7.65 -0.17
N LYS A 585 -44.56 8.67 0.46
CA LYS A 585 -46.00 8.85 0.33
C LYS A 585 -46.43 9.65 -0.90
N THR A 586 -45.72 10.76 -1.23
CA THR A 586 -46.11 11.60 -2.40
C THR A 586 -45.46 11.18 -3.73
N MET A 587 -44.22 10.63 -3.62
CA MET A 587 -43.35 10.30 -4.77
C MET A 587 -42.63 11.53 -5.34
N ASP A 588 -42.28 12.51 -4.30
CA ASP A 588 -41.48 13.66 -4.67
C ASP A 588 -39.97 13.39 -4.66
N ALA A 589 -39.32 13.72 -5.77
CA ALA A 589 -37.93 13.36 -6.05
C ALA A 589 -36.94 14.52 -6.03
N ARG A 590 -35.83 14.32 -5.33
CA ARG A 590 -34.82 15.36 -5.19
C ARG A 590 -33.41 14.79 -5.38
N GLN A 591 -32.60 15.44 -6.20
CA GLN A 591 -31.25 14.97 -6.47
C GLN A 591 -30.21 15.66 -5.56
N GLN A 592 -29.21 14.91 -5.12
CA GLN A 592 -28.11 15.47 -4.33
C GLN A 592 -26.84 15.53 -5.16
N THR A 595 -20.46 14.47 -3.99
CA THR A 595 -19.51 14.32 -5.10
C THR A 595 -20.05 13.39 -6.19
N ASN A 596 -19.25 13.22 -7.24
CA ASN A 596 -19.66 12.50 -8.45
C ASN A 596 -19.43 10.98 -8.36
N LYS A 597 -19.10 10.49 -7.16
CA LYS A 597 -18.91 9.06 -6.92
C LYS A 597 -20.15 8.29 -7.30
N ARG A 598 -19.97 7.12 -7.87
CA ARG A 598 -21.09 6.25 -8.13
C ARG A 598 -21.07 5.18 -7.06
N PHE A 599 -22.25 4.90 -6.47
CA PHE A 599 -22.36 3.97 -5.35
C PHE A 599 -23.21 2.82 -5.75
N THR A 600 -22.59 1.64 -5.77
CA THR A 600 -23.29 0.40 -6.14
C THR A 600 -24.01 -0.33 -4.98
N SER A 601 -24.09 0.29 -3.81
CA SER A 601 -24.58 -0.36 -2.61
C SER A 601 -24.99 0.65 -1.57
N LEU A 602 -26.11 0.42 -0.90
CA LEU A 602 -26.60 1.34 0.13
C LEU A 602 -27.06 0.60 1.40
N LEU A 603 -26.76 1.11 2.59
CA LEU A 603 -27.29 0.49 3.82
C LEU A 603 -27.68 1.53 4.84
N PHE A 604 -28.91 1.44 5.31
CA PHE A 604 -29.31 2.32 6.34
C PHE A 604 -29.12 1.58 7.67
N ASP A 605 -28.28 2.17 8.55
CA ASP A 605 -28.11 1.75 9.95
C ASP A 605 -29.02 2.54 10.95
N PRO A 606 -30.21 2.00 11.28
CA PRO A 606 -31.16 2.76 12.08
C PRO A 606 -30.62 3.11 13.46
N LYS A 607 -29.88 2.19 14.10
CA LYS A 607 -29.34 2.43 15.44
C LYS A 607 -28.28 3.54 15.52
N GLU A 608 -27.34 3.60 14.56
CA GLU A 608 -26.34 4.68 14.53
C GLU A 608 -26.86 5.89 13.77
N ASP A 609 -28.02 5.71 13.15
CA ASP A 609 -28.69 6.76 12.34
C ASP A 609 -27.79 7.37 11.29
N CYS A 610 -27.18 6.49 10.50
CA CYS A 610 -26.43 6.90 9.35
C CYS A 610 -26.72 5.93 8.20
N VAL A 611 -26.06 6.16 7.07
CA VAL A 611 -26.29 5.40 5.83
C VAL A 611 -24.92 5.12 5.28
N TYR A 612 -24.69 3.88 4.86
CA TYR A 612 -23.42 3.55 4.24
C TYR A 612 -23.58 3.43 2.74
N LEU A 613 -22.63 4.03 2.02
CA LEU A 613 -22.64 4.07 0.57
C LEU A 613 -21.45 3.31 -0.02
N GLY A 614 -21.72 2.16 -0.59
CA GLY A 614 -20.64 1.26 -0.95
C GLY A 614 -20.33 1.47 -2.39
N GLY A 615 -19.04 1.55 -2.72
CA GLY A 615 -18.55 1.81 -4.06
C GLY A 615 -17.28 1.03 -4.35
N ALA A 616 -16.38 1.64 -5.14
CA ALA A 616 -15.07 1.11 -5.51
C ALA A 616 -14.01 1.33 -4.40
N ASP A 617 -13.51 0.22 -3.86
CA ASP A 617 -12.36 0.21 -2.95
C ASP A 617 -12.58 1.13 -1.73
N GLY A 618 -13.83 1.20 -1.27
CA GLY A 618 -14.13 2.06 -0.15
C GLY A 618 -15.61 2.24 -0.04
N PHE A 619 -16.04 3.03 0.95
CA PHE A 619 -17.45 3.35 1.18
C PHE A 619 -17.57 4.72 1.87
N GLY A 620 -18.70 5.39 1.64
CA GLY A 620 -19.00 6.64 2.32
C GLY A 620 -20.00 6.42 3.44
N ILE A 621 -20.11 7.43 4.30
CA ILE A 621 -21.03 7.47 5.42
C ILE A 621 -21.67 8.85 5.44
N SER A 622 -22.97 8.91 5.63
CA SER A 622 -23.65 10.20 5.74
C SER A 622 -24.89 10.11 6.64
N HIS A 623 -25.41 11.24 7.04
CA HIS A 623 -26.59 11.27 7.88
C HIS A 623 -27.90 10.95 7.15
N SER A 624 -28.85 10.40 7.90
CA SER A 624 -30.22 10.20 7.44
C SER A 624 -30.90 11.51 7.03
N ALA A 628 -26.58 17.82 5.92
CA ALA A 628 -26.03 18.21 7.21
C ALA A 628 -24.66 17.58 7.53
N THR A 629 -24.03 16.97 6.53
CA THR A 629 -22.58 16.64 6.52
C THR A 629 -21.98 15.85 7.72
N TYR A 630 -21.84 14.53 7.54
CA TYR A 630 -21.38 13.60 8.60
C TYR A 630 -19.96 13.86 9.07
N GLN A 631 -19.81 13.90 10.38
CA GLN A 631 -18.56 14.26 11.05
C GLN A 631 -17.82 12.98 11.55
N PRO A 632 -16.57 12.75 11.10
CA PRO A 632 -15.80 11.61 11.67
C PRO A 632 -15.52 11.83 13.15
N GLU A 633 -15.47 10.74 13.93
CA GLU A 633 -15.19 10.80 15.38
C GLU A 633 -13.72 11.13 15.66
N ARG A 634 -13.49 12.15 16.48
CA ARG A 634 -12.11 12.59 16.79
C ARG A 634 -11.78 12.42 18.26
N PRO A 635 -10.59 11.87 18.57
CA PRO A 635 -10.31 11.70 19.99
C PRO A 635 -10.08 13.05 20.64
N ILE A 636 -10.25 13.11 21.96
CA ILE A 636 -10.06 14.30 22.76
C ILE A 636 -8.65 14.38 23.33
N LEU A 637 -7.99 15.53 23.17
CA LEU A 637 -6.60 15.72 23.56
C LEU A 637 -6.63 16.74 24.68
N LEU A 638 -5.71 16.60 25.63
CA LEU A 638 -5.35 17.70 26.55
C LEU A 638 -4.23 18.53 25.93
N THR A 639 -4.41 19.83 25.83
CA THR A 639 -3.42 20.59 25.06
C THR A 639 -2.59 21.53 25.96
N ALA A 640 -3.09 21.75 27.16
CA ALA A 640 -2.38 22.62 28.07
C ALA A 640 -2.67 22.23 29.49
N LEU A 641 -1.64 22.27 30.31
CA LEU A 641 -1.77 22.15 31.76
C LEU A 641 -1.35 23.42 32.42
N TYR A 642 -2.21 23.95 33.28
CA TYR A 642 -1.80 25.10 34.08
C TYR A 642 -1.79 24.74 35.58
N ILE A 643 -0.73 25.15 36.29
CA ILE A 643 -0.66 25.00 37.73
C ILE A 643 -0.61 26.39 38.37
N ASN A 644 -1.43 26.63 39.40
CA ASN A 644 -1.61 27.95 40.00
C ASN A 644 -1.55 29.00 38.91
N ASN A 645 -2.31 28.78 37.85
CA ASN A 645 -2.53 29.83 36.84
C ASN A 645 -1.39 30.14 35.85
N GLN A 646 -0.29 29.36 35.92
CA GLN A 646 0.81 29.43 34.92
C GLN A 646 0.91 28.16 34.09
N LEU A 647 1.05 28.35 32.77
CA LEU A 647 1.20 27.28 31.81
C LEU A 647 2.49 26.54 32.12
N VAL A 648 2.48 25.21 32.08
CA VAL A 648 3.67 24.46 32.47
C VAL A 648 3.87 23.24 31.60
N SER A 649 5.12 22.99 31.24
CA SER A 649 5.46 21.87 30.34
C SER A 649 6.92 21.54 30.59
N PRO A 650 7.37 20.38 30.12
CA PRO A 650 8.79 20.02 30.18
C PRO A 650 9.78 21.07 29.64
N ARG A 651 9.39 21.89 28.66
CA ARG A 651 10.30 22.89 28.08
C ARG A 651 10.73 23.90 29.16
N THR A 652 9.84 24.14 30.14
CA THR A 652 10.14 25.11 31.20
C THR A 652 10.25 24.52 32.61
N ARG A 653 9.65 23.37 32.86
CA ARG A 653 9.70 22.77 34.23
C ARG A 653 10.14 21.32 34.19
N ASP A 654 11.15 20.95 34.99
CA ASP A 654 11.55 19.55 35.13
C ASP A 654 10.55 18.65 35.86
N ASP A 655 9.54 19.22 36.48
CA ASP A 655 8.72 18.44 37.36
C ASP A 655 7.32 18.26 36.84
N VAL A 656 7.12 18.38 35.52
CA VAL A 656 5.80 18.35 34.89
C VAL A 656 5.95 17.69 33.49
N PRO A 657 5.06 16.75 33.13
CA PRO A 657 5.19 16.04 31.83
C PRO A 657 4.49 16.78 30.73
N ASN A 658 4.56 16.21 29.52
CA ASN A 658 3.83 16.73 28.37
C ASN A 658 2.39 16.17 28.53
N ILE A 659 1.45 17.06 28.87
CA ILE A 659 0.11 16.68 29.21
C ILE A 659 -0.55 15.97 28.07
N ARG A 660 -0.13 16.23 26.83
CA ARG A 660 -0.80 15.63 25.66
C ARG A 660 -0.63 14.09 25.62
N TYR A 661 0.48 13.62 26.19
CA TYR A 661 0.91 12.24 26.16
C TYR A 661 0.98 11.62 27.54
N THR A 662 0.07 12.01 28.45
CA THR A 662 0.13 11.57 29.83
C THR A 662 -1.22 10.98 30.23
N ASN A 663 -1.19 9.83 30.89
CA ASN A 663 -2.40 9.24 31.45
C ASN A 663 -2.57 9.42 32.95
N SER A 664 -1.44 9.47 33.67
CA SER A 664 -1.42 9.73 35.12
C SER A 664 -0.37 10.77 35.44
N ILE A 665 -0.74 11.70 36.30
CA ILE A 665 0.19 12.69 36.83
C ILE A 665 0.11 12.68 38.37
N LYS A 666 1.27 12.89 39.00
CA LYS A 666 1.45 13.02 40.45
C LYS A 666 1.94 14.43 40.68
N LEU A 667 1.23 15.20 41.51
CA LEU A 667 1.64 16.59 41.76
C LEU A 667 2.03 16.83 43.21
N LYS A 668 2.87 17.84 43.47
CA LYS A 668 3.15 18.25 44.84
C LYS A 668 1.92 18.82 45.54
N TYR A 669 2.01 18.89 46.86
CA TYR A 669 0.83 19.19 47.68
C TYR A 669 0.30 20.58 47.41
N ASP A 670 1.18 21.50 47.02
CA ASP A 670 0.76 22.90 46.76
C ASP A 670 0.59 23.16 45.26
N GLN A 671 0.56 22.09 44.46
CA GLN A 671 0.26 22.20 43.05
C GLN A 671 -1.16 21.68 42.86
N ASN A 672 -2.07 22.18 43.71
CA ASN A 672 -3.49 21.80 43.75
C ASN A 672 -4.49 22.80 43.12
N ASN A 673 -4.03 23.75 42.30
CA ASN A 673 -4.90 24.69 41.58
C ASN A 673 -4.64 24.49 40.09
N LEU A 674 -5.51 23.72 39.45
CA LEU A 674 -5.18 23.20 38.14
C LEU A 674 -6.14 23.70 37.03
N SER A 675 -5.59 24.02 35.85
CA SER A 675 -6.46 24.25 34.72
C SER A 675 -6.07 23.39 33.55
N PHE A 676 -7.05 23.04 32.72
CA PHE A 676 -6.81 22.11 31.61
C PHE A 676 -7.40 22.68 30.36
N GLU A 677 -6.74 22.47 29.24
CA GLU A 677 -7.39 22.85 28.01
C GLU A 677 -7.58 21.60 27.19
N LEU A 678 -8.73 21.49 26.54
CA LEU A 678 -9.00 20.26 25.82
C LEU A 678 -9.30 20.65 24.41
N SER A 679 -9.11 19.73 23.49
CA SER A 679 -9.51 19.97 22.16
C SER A 679 -9.70 18.65 21.45
N ASP A 680 -10.66 18.60 20.55
CA ASP A 680 -10.72 17.49 19.61
C ASP A 680 -10.26 17.91 18.20
N LEU A 681 -9.50 19.00 18.14
CA LEU A 681 -8.94 19.53 16.91
C LEU A 681 -10.02 19.84 15.89
N PRO A 682 -10.92 20.83 16.18
CA PRO A 682 -12.07 21.00 15.29
C PRO A 682 -11.85 21.99 14.13
N TYR A 683 -10.75 21.82 13.38
CA TYR A 683 -10.35 22.74 12.31
C TYR A 683 -11.36 22.84 11.18
N SER A 684 -11.89 21.69 10.77
CA SER A 684 -12.84 21.65 9.69
C SER A 684 -14.25 22.22 10.04
N LEU A 685 -14.52 22.48 11.31
CA LEU A 685 -15.92 22.63 11.77
C LEU A 685 -16.38 24.07 11.82
N ASP A 686 -17.59 24.31 11.34
CA ASP A 686 -18.21 25.62 11.51
C ASP A 686 -18.56 25.80 12.99
N GLU A 687 -19.30 24.84 13.57
CA GLU A 687 -19.65 24.87 15.00
C GLU A 687 -18.83 23.83 15.80
N LYS A 688 -18.29 24.27 16.93
CA LYS A 688 -17.54 23.43 17.83
C LYS A 688 -18.50 22.41 18.44
N ASN A 689 -17.97 21.21 18.71
CA ASN A 689 -18.70 20.20 19.51
C ASN A 689 -18.89 20.65 20.95
N LYS A 690 -19.85 20.06 21.65
CA LYS A 690 -20.06 20.32 23.07
C LYS A 690 -19.48 19.21 23.95
N PHE A 691 -19.01 19.58 25.15
CA PHE A 691 -18.35 18.63 26.06
C PHE A 691 -18.89 18.65 27.49
N VAL A 692 -18.63 17.56 28.22
CA VAL A 692 -18.95 17.46 29.63
C VAL A 692 -17.73 16.93 30.36
N TYR A 693 -17.54 17.40 31.60
CA TYR A 693 -16.40 16.97 32.39
C TYR A 693 -16.80 16.70 33.80
N ARG A 694 -15.96 15.99 34.53
CA ARG A 694 -16.17 15.79 35.93
C ARG A 694 -14.88 15.28 36.52
N LEU A 695 -14.72 15.47 37.83
CA LEU A 695 -13.52 15.03 38.51
C LEU A 695 -13.95 14.01 39.52
N GLU A 696 -13.61 12.75 39.27
CA GLU A 696 -13.96 11.71 40.20
C GLU A 696 -13.10 11.88 41.46
N GLY A 697 -13.73 11.80 42.62
CA GLY A 697 -13.08 12.17 43.89
C GLY A 697 -13.52 13.55 44.39
N MET A 698 -14.15 14.34 43.53
CA MET A 698 -14.72 15.66 43.92
C MET A 698 -16.17 15.76 43.45
N ASP A 699 -16.41 15.69 42.14
CA ASP A 699 -17.75 15.91 41.55
C ASP A 699 -18.62 14.70 41.67
N LYS A 700 -19.93 14.93 41.84
CA LYS A 700 -20.88 13.83 41.83
C LYS A 700 -21.69 13.70 40.55
N GLU A 701 -21.49 14.64 39.60
CA GLU A 701 -22.15 14.58 38.30
C GLU A 701 -21.39 15.33 37.24
N TRP A 702 -21.90 15.29 36.03
CA TRP A 702 -21.30 15.91 34.89
C TRP A 702 -21.47 17.41 35.00
N ASN A 703 -20.42 18.16 34.67
CA ASN A 703 -20.52 19.60 34.44
C ASN A 703 -20.52 19.86 32.91
N PHE A 704 -21.38 20.76 32.47
CA PHE A 704 -21.50 21.13 31.05
C PHE A 704 -20.69 22.38 30.73
N LEU A 705 -19.90 22.30 29.65
CA LEU A 705 -19.20 23.45 29.09
C LEU A 705 -19.94 24.17 27.97
N LYS A 706 -19.91 25.50 27.95
CA LYS A 706 -20.30 26.24 26.73
C LYS A 706 -19.35 25.95 25.58
N SER A 707 -19.88 25.88 24.35
CA SER A 707 -19.12 25.31 23.22
C SER A 707 -17.85 26.13 22.90
N ASN A 708 -17.88 27.40 23.26
CA ASN A 708 -16.74 28.25 23.01
C ASN A 708 -15.67 28.13 24.10
N ILE A 709 -15.97 27.45 25.20
CA ILE A 709 -15.03 27.31 26.33
C ILE A 709 -14.47 25.89 26.40
N ASN A 710 -13.17 25.78 26.24
CA ASN A 710 -12.51 24.49 26.36
C ASN A 710 -11.56 24.49 27.55
N ARG A 711 -11.76 25.40 28.50
CA ARG A 711 -10.90 25.38 29.71
C ARG A 711 -11.63 24.77 30.93
N ILE A 712 -10.94 23.89 31.64
CA ILE A 712 -11.49 23.27 32.81
C ILE A 712 -10.58 23.69 33.98
N THR A 713 -11.17 24.11 35.10
CA THR A 713 -10.38 24.59 36.25
C THR A 713 -10.88 24.06 37.63
N TYR A 714 -9.93 23.77 38.54
CA TYR A 714 -10.24 23.25 39.90
C TYR A 714 -9.32 23.91 40.92
N SER A 715 -9.87 24.32 42.05
CA SER A 715 -9.03 25.01 43.04
C SER A 715 -8.90 24.26 44.37
N ASN A 716 -7.76 24.40 45.01
CA ASN A 716 -7.55 23.98 46.39
C ASN A 716 -7.97 22.52 46.57
N LEU A 717 -7.41 21.64 45.76
CA LEU A 717 -7.73 20.22 45.90
C LEU A 717 -7.05 19.64 47.16
N SER A 718 -7.72 18.80 47.92
CA SER A 718 -7.07 18.11 49.06
C SER A 718 -6.15 17.02 48.52
N TYR A 719 -5.26 16.50 49.36
CA TYR A 719 -4.47 15.34 48.94
C TYR A 719 -5.33 14.07 48.67
N GLY A 720 -4.80 13.15 47.86
CA GLY A 720 -5.52 11.95 47.45
C GLY A 720 -5.55 11.79 45.94
N ASN A 721 -6.35 10.85 45.47
CA ASN A 721 -6.39 10.53 44.02
C ASN A 721 -7.67 11.00 43.43
N TYR A 722 -7.58 11.50 42.20
CA TYR A 722 -8.72 11.98 41.47
C TYR A 722 -8.67 11.39 40.05
N GLN A 723 -9.79 11.40 39.34
CA GLN A 723 -9.81 11.09 37.89
C GLN A 723 -10.55 12.18 37.15
N LEU A 724 -9.88 12.81 36.20
CA LEU A 724 -10.50 13.79 35.36
C LEU A 724 -11.05 13.07 34.12
N ILE A 725 -12.34 13.29 33.88
CA ILE A 725 -13.04 12.53 32.87
C ILE A 725 -13.76 13.50 31.97
N ILE A 726 -13.51 13.44 30.68
CA ILE A 726 -14.07 14.42 29.73
C ILE A 726 -14.72 13.67 28.57
N SER A 727 -15.96 14.01 28.23
CA SER A 727 -16.65 13.39 27.15
C SER A 727 -17.30 14.40 26.27
N LYS A 728 -17.36 14.03 25.02
CA LYS A 728 -18.12 14.65 23.97
C LYS A 728 -19.58 14.35 24.16
N LEU A 729 -20.38 15.39 24.12
CA LEU A 729 -21.79 15.21 24.19
C LEU A 729 -22.21 14.66 22.82
N GLU A 730 -22.93 13.55 22.85
CA GLU A 730 -23.44 12.88 21.66
C GLU A 730 -24.64 13.64 21.11
N ARG A 731 -24.94 13.49 19.83
CA ARG A 731 -25.95 14.38 19.22
C ARG A 731 -27.36 14.11 19.65
N ASP A 732 -27.58 12.98 20.36
CA ASP A 732 -28.81 12.76 21.14
C ASP A 732 -28.82 13.36 22.57
N GLY A 733 -27.74 14.05 22.94
CA GLY A 733 -27.66 14.75 24.23
C GLY A 733 -26.86 14.02 25.29
N GLN A 734 -26.61 12.74 25.10
CA GLN A 734 -25.97 11.94 26.12
C GLN A 734 -24.47 12.05 25.97
N PRO A 735 -23.74 12.16 27.12
CA PRO A 735 -22.28 12.01 27.14
C PRO A 735 -21.89 10.70 26.50
N SER A 736 -20.76 10.71 25.80
CA SER A 736 -20.19 9.47 25.29
C SER A 736 -19.62 8.59 26.43
N ASN A 737 -19.57 7.29 26.16
CA ASN A 737 -18.98 6.33 27.07
C ASN A 737 -17.51 6.01 26.77
N ARG A 738 -16.93 6.71 25.79
CA ARG A 738 -15.47 6.71 25.49
C ARG A 738 -14.81 8.09 25.84
N PRO A 739 -14.74 8.41 27.14
CA PRO A 739 -14.20 9.70 27.55
C PRO A 739 -12.69 9.69 27.48
N HIS A 740 -12.07 10.87 27.63
CA HIS A 740 -10.63 10.92 27.85
C HIS A 740 -10.52 10.92 29.35
N ILE A 741 -9.56 10.19 29.89
CA ILE A 741 -9.43 10.04 31.35
C ILE A 741 -8.03 10.33 31.78
N LEU A 742 -7.89 11.27 32.71
CA LEU A 742 -6.58 11.61 33.30
C LEU A 742 -6.54 11.27 34.80
N ASN A 743 -5.57 10.47 35.22
CA ASN A 743 -5.44 10.14 36.65
C ASN A 743 -4.54 11.15 37.30
N ILE A 744 -5.00 11.67 38.44
CA ILE A 744 -4.34 12.79 39.09
C ILE A 744 -4.18 12.42 40.55
N ARG A 745 -2.95 12.39 41.03
CA ARG A 745 -2.64 12.22 42.43
C ARG A 745 -1.99 13.53 42.99
N ILE A 746 -2.58 14.08 44.05
CA ILE A 746 -2.01 15.16 44.81
C ILE A 746 -1.33 14.54 46.03
N LEU A 747 -0.03 14.71 46.10
CA LEU A 747 0.75 14.05 47.12
C LEU A 747 0.73 14.85 48.38
N PRO A 748 0.65 14.16 49.53
CA PRO A 748 0.83 14.90 50.80
C PRO A 748 2.27 15.42 50.91
N PRO A 749 2.51 16.46 51.76
CA PRO A 749 3.86 16.97 52.13
C PRO A 749 4.92 15.89 52.47
N TRP A 750 4.51 14.86 53.22
CA TRP A 750 5.44 13.81 53.61
C TRP A 750 5.89 12.89 52.44
N LEU A 751 5.16 12.91 51.32
CA LEU A 751 5.46 12.03 50.18
C LEU A 751 5.93 12.78 48.92
N GLU A 752 6.28 14.07 49.11
CA GLU A 752 6.77 15.00 48.09
C GLU A 752 7.79 14.43 47.06
N HIS A 753 8.74 13.63 47.55
CA HIS A 753 9.77 13.03 46.70
C HIS A 753 9.23 12.04 45.66
N HIS A 754 7.93 11.77 45.67
CA HIS A 754 7.33 10.96 44.62
C HIS A 754 6.91 11.78 43.39
N HIS A 755 7.17 13.09 43.40
CA HIS A 755 6.76 14.01 42.29
C HIS A 755 7.35 13.65 40.91
N HIS A 756 6.60 13.97 39.83
CA HIS A 756 7.12 13.76 38.46
C HIS A 756 8.51 14.37 38.25
N HIS A 757 9.39 13.68 37.53
CA HIS A 757 10.77 14.15 37.28
C HIS A 757 11.36 13.85 35.87
N HIS A 758 12.00 14.87 35.27
CA HIS A 758 12.65 14.92 33.92
C HIS A 758 11.94 15.74 32.82
N ASN B 8 19.42 -8.64 -22.20
CA ASN B 8 20.49 -8.81 -23.24
C ASN B 8 19.97 -9.39 -24.57
N TYR B 9 19.01 -10.30 -24.48
CA TYR B 9 18.18 -10.74 -25.62
C TYR B 9 18.94 -11.49 -26.69
N GLN B 10 20.00 -12.17 -26.30
CA GLN B 10 20.80 -12.81 -27.32
C GLN B 10 20.52 -14.33 -27.38
N GLN B 11 19.88 -14.88 -26.36
CA GLN B 11 19.57 -16.30 -26.33
C GLN B 11 18.25 -16.52 -25.64
N PHE B 12 17.49 -17.49 -26.14
CA PHE B 12 16.18 -17.78 -25.59
C PHE B 12 16.00 -19.28 -25.22
N ASP B 13 15.04 -19.54 -24.34
CA ASP B 13 14.55 -20.90 -24.11
C ASP B 13 13.32 -21.08 -25.03
N ASN B 14 13.43 -21.91 -26.05
CA ASN B 14 12.33 -22.05 -27.01
C ASN B 14 11.36 -23.20 -26.72
N ILE B 15 10.09 -22.87 -26.67
CA ILE B 15 9.03 -23.78 -26.23
C ILE B 15 7.97 -23.96 -27.36
N TYR B 16 7.66 -25.21 -27.69
CA TYR B 16 6.73 -25.61 -28.78
C TYR B 16 5.56 -26.39 -28.19
N LEU B 17 4.39 -26.17 -28.77
CA LEU B 17 3.18 -26.70 -28.22
C LEU B 17 2.82 -28.00 -28.94
N GLY B 18 2.07 -28.86 -28.28
CA GLY B 18 1.59 -30.07 -28.95
C GLY B 18 0.37 -29.77 -29.79
N ALA B 19 -0.33 -30.82 -30.22
CA ALA B 19 -1.61 -30.73 -30.88
C ALA B 19 -1.66 -29.84 -32.15
N GLU B 20 -0.58 -29.81 -32.93
CA GLU B 20 -0.43 -28.89 -34.10
C GLU B 20 -0.66 -27.37 -33.89
N ALA B 21 -0.78 -26.96 -32.64
CA ALA B 21 -0.81 -25.55 -32.34
C ALA B 21 0.61 -25.03 -32.63
N SER B 22 0.75 -23.88 -33.23
CA SER B 22 2.08 -23.35 -33.37
C SER B 22 2.09 -21.85 -33.22
N VAL B 23 0.91 -21.23 -33.36
CA VAL B 23 0.72 -19.78 -33.17
C VAL B 23 0.25 -19.38 -31.74
N VAL B 24 1.05 -18.55 -31.06
CA VAL B 24 0.67 -18.11 -29.72
C VAL B 24 0.22 -16.67 -29.75
N SER B 25 -0.94 -16.37 -29.21
CA SER B 25 -1.40 -15.01 -29.37
C SER B 25 -1.46 -14.20 -28.08
N CYS B 26 -1.35 -14.86 -26.90
CA CYS B 26 -1.38 -14.21 -25.61
C CYS B 26 -0.95 -15.15 -24.48
N PHE B 27 -0.67 -14.53 -23.33
CA PHE B 27 -0.19 -15.23 -22.12
C PHE B 27 -0.95 -14.61 -20.99
N LEU B 28 -1.26 -15.43 -19.98
CA LEU B 28 -1.80 -14.96 -18.70
C LEU B 28 -1.05 -15.66 -17.63
N GLN B 29 -0.98 -15.08 -16.46
CA GLN B 29 -0.35 -15.72 -15.32
C GLN B 29 -1.32 -15.60 -14.15
N ASP B 30 -1.79 -16.73 -13.62
CA ASP B 30 -2.74 -16.70 -12.48
C ASP B 30 -2.03 -16.26 -11.20
N SER B 31 -2.80 -16.06 -10.13
CA SER B 31 -2.28 -15.37 -8.92
C SER B 31 -1.34 -16.29 -8.15
N GLU B 32 -1.20 -17.53 -8.60
CA GLU B 32 -0.31 -18.51 -7.96
C GLU B 32 0.85 -18.81 -8.90
N GLY B 33 1.01 -18.03 -9.98
CA GLY B 33 2.21 -18.11 -10.83
C GLY B 33 2.23 -19.05 -12.02
N LEU B 34 1.17 -19.81 -12.29
CA LEU B 34 1.19 -20.66 -13.50
C LEU B 34 0.97 -19.87 -14.80
N ILE B 35 1.76 -20.16 -15.82
CA ILE B 35 1.56 -19.54 -17.13
C ILE B 35 0.55 -20.28 -18.01
N TRP B 36 -0.37 -19.51 -18.57
CA TRP B 36 -1.38 -19.97 -19.51
C TRP B 36 -1.13 -19.33 -20.86
N ILE B 37 -1.42 -20.07 -21.95
CA ILE B 37 -1.04 -19.74 -23.31
C ILE B 37 -2.25 -19.86 -24.23
N GLY B 38 -2.65 -18.79 -24.90
CA GLY B 38 -3.67 -18.90 -25.92
C GLY B 38 -3.00 -19.21 -27.25
N SER B 39 -3.47 -20.21 -27.97
CA SER B 39 -2.82 -20.59 -29.19
C SER B 39 -3.88 -20.65 -30.31
N ASN B 40 -3.45 -20.92 -31.55
CA ASN B 40 -4.38 -21.02 -32.68
C ASN B 40 -5.38 -22.16 -32.58
N LYS B 41 -5.14 -23.10 -31.66
CA LYS B 41 -5.98 -24.31 -31.48
C LYS B 41 -6.66 -24.35 -30.09
N GLY B 42 -6.34 -23.42 -29.20
CA GLY B 42 -7.03 -23.38 -27.93
C GLY B 42 -6.07 -23.11 -26.81
N LEU B 43 -6.51 -23.37 -25.60
CA LEU B 43 -5.80 -22.90 -24.43
C LEU B 43 -4.81 -23.96 -23.94
N PHE B 44 -3.58 -23.55 -23.58
CA PHE B 44 -2.56 -24.42 -22.96
C PHE B 44 -2.06 -23.82 -21.62
N SER B 45 -1.35 -24.66 -20.84
CA SER B 45 -0.60 -24.20 -19.69
C SER B 45 0.81 -24.72 -19.78
N TYR B 46 1.72 -24.07 -19.07
CA TYR B 46 3.11 -24.47 -19.08
C TYR B 46 3.63 -24.36 -17.68
N ASP B 47 4.18 -25.45 -17.16
CA ASP B 47 4.62 -25.41 -15.77
C ASP B 47 6.13 -25.34 -15.63
N GLY B 48 6.83 -25.06 -16.72
CA GLY B 48 8.26 -24.96 -16.68
C GLY B 48 8.96 -26.26 -17.08
N TYR B 49 8.20 -27.35 -17.25
CA TYR B 49 8.72 -28.66 -17.69
C TYR B 49 8.06 -29.06 -18.99
N SER B 50 6.73 -29.08 -19.04
CA SER B 50 6.04 -29.41 -20.28
C SER B 50 4.78 -28.57 -20.44
N THR B 51 4.29 -28.53 -21.68
CA THR B 51 3.03 -27.93 -22.01
C THR B 51 1.89 -28.90 -21.80
N GLN B 52 0.72 -28.37 -21.51
CA GLN B 52 -0.45 -29.20 -21.34
C GLN B 52 -1.70 -28.52 -21.97
N GLN B 53 -2.45 -29.30 -22.75
CA GLN B 53 -3.56 -28.73 -23.49
C GLN B 53 -4.81 -28.70 -22.64
N HIS B 54 -5.67 -27.72 -22.87
CA HIS B 54 -6.95 -27.71 -22.12
C HIS B 54 -8.17 -27.65 -23.00
N PHE B 55 -8.15 -28.42 -24.08
CA PHE B 55 -9.21 -28.45 -25.07
C PHE B 55 -9.23 -29.85 -25.66
N THR B 56 -10.34 -30.21 -26.31
CA THR B 56 -10.45 -31.50 -26.99
C THR B 56 -10.70 -31.24 -28.47
N TYR B 57 -9.99 -31.99 -29.31
CA TYR B 57 -10.13 -31.92 -30.75
C TYR B 57 -11.58 -31.99 -31.20
N GLY B 58 -11.99 -31.05 -32.07
CA GLY B 58 -13.36 -31.03 -32.58
C GLY B 58 -14.39 -30.29 -31.72
N GLU B 59 -14.10 -30.10 -30.43
CA GLU B 59 -15.03 -29.39 -29.57
C GLU B 59 -14.94 -27.88 -29.80
N ASN B 60 -15.93 -27.13 -29.32
CA ASN B 60 -15.93 -25.68 -29.47
C ASN B 60 -14.74 -25.00 -28.72
N ASN B 61 -14.13 -25.67 -27.73
CA ASN B 61 -12.90 -25.14 -27.04
C ASN B 61 -11.57 -25.26 -27.84
N ASN B 62 -11.60 -26.05 -28.91
CA ASN B 62 -10.51 -26.27 -29.85
C ASN B 62 -10.62 -25.16 -30.89
N THR B 63 -10.18 -23.96 -30.56
CA THR B 63 -10.46 -22.81 -31.40
C THR B 63 -9.39 -21.78 -31.14
N ARG B 64 -9.25 -20.82 -32.02
CA ARG B 64 -8.18 -19.86 -31.88
CA ARG B 64 -8.19 -19.87 -31.87
C ARG B 64 -8.53 -18.84 -30.79
N ILE B 65 -7.55 -18.53 -29.95
CA ILE B 65 -7.71 -17.56 -28.90
C ILE B 65 -7.00 -16.26 -29.32
N TYR B 66 -7.64 -15.12 -29.17
CA TYR B 66 -6.97 -13.86 -29.62
C TYR B 66 -6.45 -13.03 -28.48
N CYS B 67 -7.01 -13.22 -27.29
CA CYS B 67 -6.71 -12.38 -26.16
C CYS B 67 -7.35 -13.05 -24.96
N GLY B 68 -6.96 -12.63 -23.76
CA GLY B 68 -7.54 -13.13 -22.54
C GLY B 68 -7.33 -12.20 -21.38
N VAL B 69 -8.18 -12.30 -20.36
CA VAL B 69 -7.92 -11.72 -19.06
C VAL B 69 -8.42 -12.67 -17.97
N ILE B 70 -7.87 -12.55 -16.77
CA ILE B 70 -8.31 -13.33 -15.64
C ILE B 70 -9.37 -12.52 -14.88
N ILE B 71 -10.50 -13.17 -14.55
CA ILE B 71 -11.65 -12.58 -13.89
C ILE B 71 -11.96 -13.36 -12.57
N ASP B 72 -12.25 -12.61 -11.50
CA ASP B 72 -12.63 -13.16 -10.18
C ASP B 72 -11.62 -14.17 -9.60
N ASN B 73 -10.34 -14.08 -10.01
CA ASN B 73 -9.30 -14.97 -9.49
C ASN B 73 -9.67 -16.45 -9.75
N THR B 74 -10.48 -16.69 -10.78
CA THR B 74 -10.86 -18.05 -11.07
C THR B 74 -11.16 -18.35 -12.52
N TYR B 75 -11.43 -17.33 -13.35
CA TYR B 75 -11.76 -17.61 -14.78
C TYR B 75 -10.74 -17.07 -15.76
N LEU B 76 -10.57 -17.73 -16.87
CA LEU B 76 -9.87 -17.15 -18.00
C LEU B 76 -10.96 -16.82 -19.00
N TYR B 77 -11.20 -15.53 -19.25
CA TYR B 77 -12.07 -15.05 -20.32
C TYR B 77 -11.18 -14.87 -21.52
N MET B 78 -11.52 -15.54 -22.61
CA MET B 78 -10.67 -15.56 -23.79
C MET B 78 -11.46 -15.20 -25.05
N GLY B 79 -10.91 -14.31 -25.88
CA GLY B 79 -11.63 -13.93 -27.08
C GLY B 79 -11.42 -14.90 -28.21
N THR B 80 -12.48 -15.21 -28.97
CA THR B 80 -12.46 -16.24 -30.05
C THR B 80 -13.35 -15.71 -31.20
N ASP B 81 -13.41 -16.43 -32.32
CA ASP B 81 -14.37 -16.22 -33.41
C ASP B 81 -15.82 -16.26 -32.91
N ASN B 82 -16.09 -17.15 -31.97
CA ASN B 82 -17.47 -17.26 -31.52
C ASN B 82 -17.81 -16.33 -30.36
N GLY B 83 -16.82 -15.69 -29.79
CA GLY B 83 -17.15 -14.70 -28.80
C GLY B 83 -16.16 -14.74 -27.69
N ILE B 84 -16.62 -15.27 -26.59
CA ILE B 84 -15.82 -15.37 -25.41
C ILE B 84 -15.96 -16.72 -24.84
N LEU B 85 -14.84 -17.38 -24.68
CA LEU B 85 -14.78 -18.68 -24.12
C LEU B 85 -14.34 -18.50 -22.67
N VAL B 86 -15.14 -19.01 -21.73
CA VAL B 86 -14.85 -18.85 -20.33
C VAL B 86 -14.34 -20.16 -19.66
N TYR B 87 -13.13 -20.11 -19.12
CA TYR B 87 -12.56 -21.32 -18.56
C TYR B 87 -12.36 -21.15 -17.06
N ASN B 88 -12.98 -22.01 -16.29
CA ASN B 88 -12.73 -22.00 -14.83
C ASN B 88 -11.47 -22.81 -14.53
N TYR B 89 -10.36 -22.15 -14.25
CA TYR B 89 -9.13 -22.87 -14.14
C TYR B 89 -8.97 -23.60 -12.77
N ARG B 90 -9.78 -23.23 -11.79
CA ARG B 90 -9.71 -23.94 -10.50
C ARG B 90 -10.53 -25.22 -10.61
N ALA B 91 -11.70 -25.12 -11.20
CA ALA B 91 -12.51 -26.33 -11.36
C ALA B 91 -12.05 -27.17 -12.57
N ASP B 92 -11.30 -26.57 -13.51
CA ASP B 92 -10.98 -27.25 -14.76
C ASP B 92 -12.22 -27.64 -15.61
N ARG B 93 -13.12 -26.67 -15.82
CA ARG B 93 -14.34 -26.81 -16.60
C ARG B 93 -14.60 -25.51 -17.39
N TYR B 94 -15.11 -25.63 -18.62
CA TYR B 94 -15.62 -24.48 -19.36
C TYR B 94 -16.99 -24.16 -18.77
N GLU B 95 -17.22 -22.90 -18.45
CA GLU B 95 -18.40 -22.51 -17.69
C GLU B 95 -19.00 -21.33 -18.33
N GLN B 96 -19.82 -21.49 -19.37
CA GLN B 96 -20.43 -20.31 -20.05
C GLN B 96 -21.54 -19.59 -19.29
N PRO B 97 -21.36 -18.26 -19.12
CA PRO B 97 -22.42 -17.30 -18.76
C PRO B 97 -23.66 -17.45 -19.63
N GLU B 98 -24.84 -17.02 -19.14
CA GLU B 98 -26.00 -17.05 -19.98
C GLU B 98 -25.89 -15.99 -21.11
N THR B 99 -24.97 -15.04 -21.00
CA THR B 99 -24.90 -13.90 -21.95
C THR B 99 -24.52 -14.24 -23.40
N ASP B 100 -25.29 -13.67 -24.30
CA ASP B 100 -24.97 -13.65 -25.71
C ASP B 100 -23.89 -12.61 -25.97
N PHE B 101 -22.67 -13.08 -26.19
CA PHE B 101 -21.55 -12.19 -26.42
C PHE B 101 -21.38 -11.88 -27.90
N PRO B 102 -20.80 -10.74 -28.25
CA PRO B 102 -20.47 -10.53 -29.66
C PRO B 102 -19.37 -11.51 -30.12
N THR B 103 -19.33 -11.75 -31.41
CA THR B 103 -18.36 -12.60 -32.08
C THR B 103 -17.02 -11.88 -32.34
N ASP B 104 -15.97 -12.64 -32.65
CA ASP B 104 -14.71 -12.04 -33.18
C ASP B 104 -14.09 -10.98 -32.25
N VAL B 105 -13.99 -11.33 -30.97
CA VAL B 105 -13.31 -10.54 -29.98
C VAL B 105 -11.79 -10.61 -30.21
N ARG B 106 -11.15 -9.46 -30.01
CA ARG B 106 -9.75 -9.30 -30.36
C ARG B 106 -9.00 -8.70 -29.20
N THR B 107 -9.68 -8.01 -28.29
CA THR B 107 -8.98 -7.33 -27.21
C THR B 107 -9.88 -7.14 -26.04
N MET B 108 -9.32 -7.14 -24.83
CA MET B 108 -10.11 -7.02 -23.57
C MET B 108 -9.36 -6.21 -22.55
N ALA B 109 -10.06 -5.40 -21.74
CA ALA B 109 -9.40 -4.62 -20.69
C ALA B 109 -10.38 -4.41 -19.60
N LEU B 110 -9.97 -4.70 -18.37
CA LEU B 110 -10.82 -4.45 -17.18
C LEU B 110 -10.71 -3.00 -16.67
N GLN B 111 -11.83 -2.48 -16.19
CA GLN B 111 -11.90 -1.19 -15.57
C GLN B 111 -12.75 -1.39 -14.32
N GLY B 112 -12.10 -1.69 -13.19
CA GLY B 112 -12.85 -1.93 -11.97
C GLY B 112 -13.62 -3.21 -12.20
N ASP B 113 -14.95 -3.14 -12.13
CA ASP B 113 -15.75 -4.35 -12.31
C ASP B 113 -16.49 -4.34 -13.61
N THR B 114 -15.96 -3.63 -14.59
CA THR B 114 -16.45 -3.59 -15.93
C THR B 114 -15.36 -4.10 -16.89
N LEU B 115 -15.72 -5.04 -17.76
CA LEU B 115 -14.81 -5.55 -18.79
C LEU B 115 -15.15 -4.95 -20.17
N TRP B 116 -14.18 -4.23 -20.75
CA TRP B 116 -14.25 -3.68 -22.07
C TRP B 116 -13.85 -4.78 -23.10
N LEU B 117 -14.61 -4.88 -24.19
CA LEU B 117 -14.44 -5.88 -25.24
C LEU B 117 -14.34 -5.13 -26.53
N GLY B 118 -13.26 -5.39 -27.26
CA GLY B 118 -13.13 -4.91 -28.61
C GLY B 118 -13.21 -6.06 -29.63
N ALA B 119 -14.01 -5.87 -30.66
CA ALA B 119 -14.29 -6.91 -31.64
C ALA B 119 -14.15 -6.40 -33.08
N LEU B 120 -14.22 -7.31 -34.04
CA LEU B 120 -14.07 -6.96 -35.44
C LEU B 120 -15.18 -6.05 -35.87
N ASN B 121 -16.36 -6.17 -35.25
CA ASN B 121 -17.46 -5.24 -35.55
C ASN B 121 -18.17 -4.52 -34.40
N GLY B 122 -17.44 -4.11 -33.37
CA GLY B 122 -17.97 -3.23 -32.34
C GLY B 122 -17.14 -3.24 -31.05
N LEU B 123 -17.45 -2.26 -30.20
CA LEU B 123 -16.83 -2.07 -28.93
C LEU B 123 -17.91 -2.19 -27.90
N TYR B 124 -17.58 -2.88 -26.78
CA TYR B 124 -18.62 -3.21 -25.81
C TYR B 124 -18.11 -3.05 -24.40
N THR B 125 -19.05 -2.92 -23.50
CA THR B 125 -18.78 -3.00 -22.11
C THR B 125 -19.56 -4.18 -21.52
N TYR B 126 -18.95 -4.84 -20.53
CA TYR B 126 -19.60 -5.93 -19.83
C TYR B 126 -19.41 -5.79 -18.34
N GLN B 127 -20.53 -5.59 -17.64
CA GLN B 127 -20.53 -5.24 -16.26
C GLN B 127 -20.64 -6.57 -15.51
N LEU B 128 -19.68 -6.90 -14.67
CA LEU B 128 -19.54 -8.30 -14.22
C LEU B 128 -20.54 -8.68 -13.17
N GLN B 129 -21.07 -7.70 -12.43
CA GLN B 129 -22.12 -8.02 -11.47
C GLN B 129 -23.48 -8.11 -12.14
N SER B 130 -23.89 -7.06 -12.87
CA SER B 130 -25.24 -7.04 -13.45
C SER B 130 -25.27 -7.94 -14.71
N ARG B 131 -24.11 -8.27 -15.26
CA ARG B 131 -24.03 -8.98 -16.53
C ARG B 131 -24.64 -8.15 -17.72
N LYS B 132 -24.64 -6.82 -17.58
CA LYS B 132 -25.12 -5.94 -18.69
C LYS B 132 -24.08 -5.71 -19.79
N LEU B 133 -24.48 -5.89 -21.03
CA LEU B 133 -23.64 -5.69 -22.20
C LEU B 133 -24.15 -4.47 -22.88
N THR B 134 -23.24 -3.52 -23.10
CA THR B 134 -23.55 -2.20 -23.61
C THR B 134 -22.66 -2.02 -24.79
N SER B 135 -23.21 -1.44 -25.85
CA SER B 135 -22.55 -1.31 -27.11
C SER B 135 -22.14 0.11 -27.34
N PHE B 136 -21.02 0.31 -28.01
CA PHE B 136 -20.53 1.61 -28.38
C PHE B 136 -20.27 1.63 -29.84
N ASP B 137 -20.70 2.70 -30.50
CA ASP B 137 -20.42 2.70 -31.93
C ASP B 137 -19.99 4.04 -32.57
N THR B 138 -19.90 3.95 -33.89
CA THR B 138 -19.54 5.06 -34.77
C THR B 138 -20.52 6.25 -34.74
N ARG B 139 -21.80 5.96 -34.94
CA ARG B 139 -22.88 6.95 -34.97
C ARG B 139 -23.27 7.51 -33.59
N ARG B 140 -23.55 6.64 -32.62
CA ARG B 140 -23.95 7.13 -31.29
C ARG B 140 -22.78 7.72 -30.49
N ASN B 141 -21.56 7.22 -30.67
CA ASN B 141 -20.48 7.58 -29.74
C ASN B 141 -19.24 8.31 -30.33
N GLY B 142 -19.21 8.48 -31.66
CA GLY B 142 -18.09 9.16 -32.34
C GLY B 142 -16.85 8.27 -32.41
N LEU B 143 -17.02 6.96 -32.37
CA LEU B 143 -15.87 6.08 -32.62
C LEU B 143 -15.33 6.33 -34.03
N PRO B 144 -13.99 6.28 -34.22
CA PRO B 144 -13.55 6.52 -35.62
C PRO B 144 -13.90 5.31 -36.54
N ASN B 145 -14.00 4.12 -35.95
CA ASN B 145 -14.29 2.89 -36.69
C ASN B 145 -14.82 1.86 -35.66
N ASN B 146 -15.64 0.90 -36.08
CA ASN B 146 -16.17 -0.17 -35.21
C ASN B 146 -15.26 -1.40 -35.12
N THR B 147 -14.22 -1.47 -35.98
CA THR B 147 -13.19 -2.51 -35.85
C THR B 147 -12.12 -2.14 -34.82
N ILE B 148 -12.13 -2.83 -33.68
CA ILE B 148 -11.28 -2.56 -32.54
C ILE B 148 -10.15 -3.56 -32.45
N TYR B 149 -8.91 -3.07 -32.36
CA TYR B 149 -7.76 -3.98 -32.20
C TYR B 149 -7.09 -3.95 -30.82
N SER B 150 -7.24 -2.85 -30.10
CA SER B 150 -6.48 -2.69 -28.86
C SER B 150 -7.21 -1.75 -27.95
N ILE B 151 -7.31 -2.15 -26.70
CA ILE B 151 -7.87 -1.32 -25.66
C ILE B 151 -7.11 -1.45 -24.36
N ILE B 152 -6.84 -0.28 -23.73
CA ILE B 152 -6.14 -0.22 -22.44
C ILE B 152 -6.75 0.75 -21.45
N ARG B 153 -6.55 0.42 -20.19
CA ARG B 153 -6.90 1.32 -19.11
C ARG B 153 -5.61 1.83 -18.53
N THR B 154 -5.46 3.15 -18.43
CA THR B 154 -4.33 3.73 -17.67
C THR B 154 -4.59 3.80 -16.14
N LYS B 155 -3.53 4.03 -15.35
CA LYS B 155 -3.57 4.19 -13.88
C LYS B 155 -4.50 5.32 -13.43
N ASP B 156 -4.69 6.30 -14.28
CA ASP B 156 -5.58 7.42 -13.97
C ASP B 156 -6.95 7.14 -14.56
N ASN B 157 -7.19 5.88 -14.91
CA ASN B 157 -8.56 5.41 -15.21
C ASN B 157 -9.12 5.97 -16.53
N GLN B 158 -8.28 6.29 -17.48
CA GLN B 158 -8.70 6.67 -18.83
C GLN B 158 -8.78 5.43 -19.70
N ILE B 159 -9.62 5.46 -20.74
CA ILE B 159 -9.73 4.35 -21.66
C ILE B 159 -9.32 4.75 -23.05
N TYR B 160 -8.29 4.04 -23.58
CA TYR B 160 -7.74 4.30 -24.89
C TYR B 160 -8.15 3.18 -25.82
N VAL B 161 -8.64 3.52 -27.00
CA VAL B 161 -9.17 2.51 -27.93
C VAL B 161 -8.49 2.67 -29.31
N GLY B 162 -7.74 1.64 -29.73
CA GLY B 162 -7.07 1.60 -31.03
C GLY B 162 -7.93 0.83 -32.01
N THR B 163 -8.16 1.41 -33.18
CA THR B 163 -9.08 0.87 -34.16
C THR B 163 -8.43 0.70 -35.53
N TYR B 164 -9.22 0.19 -36.46
CA TYR B 164 -8.86 0.10 -37.85
C TYR B 164 -8.48 1.51 -38.39
N ASN B 165 -9.16 2.55 -37.91
CA ASN B 165 -8.82 3.88 -38.38
C ASN B 165 -8.51 4.84 -37.23
N GLY B 166 -7.51 4.50 -36.45
CA GLY B 166 -6.96 5.51 -35.52
C GLY B 166 -7.27 5.33 -34.04
N LEU B 167 -6.82 6.30 -33.27
CA LEU B 167 -6.86 6.25 -31.83
C LEU B 167 -7.85 7.26 -31.28
N CYS B 168 -8.56 6.86 -30.25
CA CYS B 168 -9.43 7.73 -29.59
C CYS B 168 -9.45 7.38 -28.11
N ARG B 169 -10.14 8.21 -27.36
CA ARG B 169 -10.14 8.14 -25.92
C ARG B 169 -11.53 8.33 -25.37
N TYR B 170 -11.98 7.44 -24.49
CA TYR B 170 -13.34 7.59 -23.95
C TYR B 170 -13.58 8.84 -23.10
N ILE B 171 -14.74 9.43 -23.29
CA ILE B 171 -15.18 10.59 -22.50
C ILE B 171 -16.36 10.16 -21.61
N PRO B 172 -16.11 9.79 -20.34
CA PRO B 172 -17.27 9.33 -19.59
C PRO B 172 -18.26 10.45 -19.20
N SER B 173 -17.95 11.71 -19.45
CA SER B 173 -18.92 12.84 -19.27
C SER B 173 -20.19 12.59 -20.04
N ASN B 174 -20.02 12.35 -21.34
CA ASN B 174 -21.13 12.32 -22.24
C ASN B 174 -21.19 10.97 -22.96
N GLY B 175 -20.29 10.05 -22.64
CA GLY B 175 -20.30 8.74 -23.28
C GLY B 175 -19.81 8.70 -24.75
N LYS B 176 -19.01 9.68 -25.14
CA LYS B 176 -18.48 9.71 -26.48
C LYS B 176 -16.97 9.48 -26.55
N PHE B 177 -16.39 9.51 -27.73
CA PHE B 177 -14.97 9.30 -27.84
C PHE B 177 -14.26 10.49 -28.49
N GLU B 178 -13.17 10.90 -27.91
CA GLU B 178 -12.39 11.97 -28.49
C GLU B 178 -11.24 11.37 -29.34
N GLY B 179 -11.15 11.71 -30.62
CA GLY B 179 -10.02 11.29 -31.47
C GLY B 179 -8.65 11.85 -31.06
N ILE B 180 -7.58 11.11 -31.37
CA ILE B 180 -6.21 11.59 -31.14
C ILE B 180 -5.45 11.35 -32.43
N PRO B 181 -5.23 12.43 -33.20
CA PRO B 181 -4.66 12.36 -34.53
C PRO B 181 -3.20 11.97 -34.45
N LEU B 182 -2.72 11.17 -35.40
CA LEU B 182 -1.37 10.65 -35.31
C LEU B 182 -0.59 11.17 -36.50
N PRO B 183 0.50 11.86 -36.23
CA PRO B 183 1.23 12.61 -37.29
C PRO B 183 2.08 11.67 -38.14
N VAL B 184 1.82 11.68 -39.43
CA VAL B 184 2.41 10.71 -40.34
C VAL B 184 2.91 11.48 -41.57
N HIS B 185 3.84 10.88 -42.30
CA HIS B 185 4.32 11.43 -43.59
C HIS B 185 3.31 11.57 -44.76
N SER B 186 2.36 10.66 -44.95
CA SER B 186 1.21 10.92 -45.90
C SER B 186 0.05 9.92 -45.75
N SER B 187 -0.68 9.66 -46.83
CA SER B 187 -1.67 8.56 -46.80
C SER B 187 -1.59 7.59 -48.01
N SER B 189 -3.95 5.49 -46.29
CA SER B 189 -5.38 5.32 -45.98
C SER B 189 -5.59 5.45 -44.45
N ASN B 190 -6.21 4.43 -43.87
CA ASN B 190 -6.55 4.45 -42.46
C ASN B 190 -5.40 3.91 -41.62
N LEU B 191 -5.12 4.58 -40.52
CA LEU B 191 -4.06 4.08 -39.70
C LEU B 191 -4.53 3.01 -38.70
N PHE B 192 -4.19 1.75 -38.98
CA PHE B 192 -4.42 0.62 -38.03
C PHE B 192 -3.74 0.90 -36.73
N VAL B 193 -4.45 0.81 -35.63
CA VAL B 193 -3.74 0.82 -34.37
C VAL B 193 -3.82 -0.54 -33.74
N ASN B 194 -2.73 -1.32 -33.86
CA ASN B 194 -2.70 -2.71 -33.41
C ASN B 194 -2.42 -2.84 -31.95
N SER B 195 -1.77 -1.84 -31.35
CA SER B 195 -1.22 -2.11 -30.01
C SER B 195 -1.00 -0.84 -29.17
N LEU B 196 -1.26 -0.96 -27.86
CA LEU B 196 -1.24 0.14 -26.93
C LEU B 196 -0.61 -0.29 -25.65
N LEU B 197 0.16 0.60 -25.04
CA LEU B 197 0.82 0.25 -23.79
C LEU B 197 1.08 1.50 -22.96
N GLU B 198 0.64 1.43 -21.71
CA GLU B 198 0.90 2.51 -20.80
C GLU B 198 2.29 2.36 -20.23
N ASP B 199 2.99 3.50 -20.06
CA ASP B 199 4.34 3.53 -19.49
C ASP B 199 4.36 4.62 -18.42
N THR B 200 4.23 4.26 -17.14
CA THR B 200 4.17 5.21 -16.00
C THR B 200 5.50 5.90 -15.72
N THR B 201 6.60 5.30 -16.13
CA THR B 201 7.92 5.91 -15.92
C THR B 201 8.20 6.97 -16.97
N ARG B 202 7.86 6.75 -18.23
CA ARG B 202 7.97 7.83 -19.22
C ARG B 202 6.72 8.71 -19.23
N GLN B 203 5.67 8.29 -18.53
CA GLN B 203 4.38 9.01 -18.54
C GLN B 203 3.78 9.24 -19.94
N CYS B 204 3.75 8.17 -20.74
CA CYS B 204 3.17 8.20 -22.07
C CYS B 204 2.32 6.97 -22.28
N VAL B 205 1.60 7.00 -23.38
CA VAL B 205 1.02 5.80 -23.95
C VAL B 205 1.76 5.54 -25.23
N TRP B 206 2.42 4.38 -25.34
CA TRP B 206 2.93 3.86 -26.59
C TRP B 206 1.87 3.30 -27.51
N ILE B 207 2.00 3.58 -28.81
CA ILE B 207 1.01 3.29 -29.85
C ILE B 207 1.69 2.65 -31.07
N GLY B 208 1.42 1.38 -31.30
CA GLY B 208 2.01 0.69 -32.44
C GLY B 208 1.00 0.54 -33.56
N THR B 209 1.45 0.88 -34.74
CA THR B 209 0.67 0.93 -35.94
C THR B 209 1.46 0.24 -37.06
N GLU B 210 0.87 0.17 -38.24
CA GLU B 210 1.62 -0.12 -39.41
C GLU B 210 2.48 1.08 -39.73
N GLY B 211 3.78 0.91 -39.59
CA GLY B 211 4.74 1.89 -40.06
C GLY B 211 5.40 2.78 -39.01
N TYR B 212 4.84 2.85 -37.82
CA TYR B 212 5.30 3.82 -36.84
C TYR B 212 5.04 3.29 -35.47
N LEU B 213 5.87 3.75 -34.57
CA LEU B 213 5.70 3.65 -33.15
C LEU B 213 5.59 5.12 -32.59
N PHE B 214 4.48 5.44 -31.91
CA PHE B 214 4.24 6.77 -31.33
C PHE B 214 4.34 6.73 -29.84
N GLN B 215 4.74 7.85 -29.25
CA GLN B 215 4.44 8.08 -27.86
C GLN B 215 3.48 9.25 -27.76
N TYR B 216 2.40 9.08 -27.01
CA TYR B 216 1.46 10.19 -26.73
C TYR B 216 1.60 10.56 -25.26
N PHE B 217 1.58 11.84 -24.94
CA PHE B 217 1.81 12.30 -23.54
C PHE B 217 0.59 13.03 -23.12
N PRO B 218 -0.26 12.37 -22.34
CA PRO B 218 -1.56 12.96 -21.96
C PRO B 218 -1.42 14.25 -21.14
N SER B 219 -0.35 14.40 -20.40
CA SER B 219 -0.17 15.65 -19.65
C SER B 219 -0.07 16.95 -20.49
N THR B 220 0.36 16.85 -21.75
CA THR B 220 0.54 18.02 -22.59
C THR B 220 -0.13 17.89 -23.96
N GLY B 221 -0.57 16.68 -24.33
CA GLY B 221 -1.04 16.40 -25.68
C GLY B 221 0.05 16.25 -26.74
N GLN B 222 1.33 16.32 -26.38
CA GLN B 222 2.38 16.07 -27.38
C GLN B 222 2.32 14.61 -27.90
N ILE B 223 2.67 14.43 -29.17
CA ILE B 223 2.66 13.17 -29.89
C ILE B 223 3.99 13.09 -30.67
N LYS B 224 4.75 12.06 -30.38
CA LYS B 224 6.09 11.93 -30.90
C LYS B 224 6.13 10.71 -31.81
N GLN B 225 6.71 10.88 -32.99
CA GLN B 225 6.99 9.80 -33.93
C GLN B 225 8.33 9.23 -33.51
N THR B 226 8.30 8.28 -32.60
CA THR B 226 9.51 7.69 -32.05
C THR B 226 10.29 6.79 -33.02
N GLU B 227 9.60 6.00 -33.85
CA GLU B 227 10.28 5.16 -34.83
C GLU B 227 9.40 5.10 -36.10
N ALA B 228 10.04 4.95 -37.26
CA ALA B 228 9.37 4.84 -38.53
C ALA B 228 10.01 3.62 -39.21
N PHE B 229 9.22 2.59 -39.41
CA PHE B 229 9.72 1.30 -39.89
C PHE B 229 8.81 0.95 -41.04
N HIS B 230 9.06 1.50 -42.21
CA HIS B 230 8.26 1.22 -43.41
C HIS B 230 8.11 -0.28 -43.71
N ASN B 231 6.95 -0.69 -44.23
CA ASN B 231 6.66 -2.15 -44.48
C ASN B 231 6.84 -3.07 -43.23
N ASN B 232 6.87 -2.48 -42.04
CA ASN B 232 6.86 -3.29 -40.82
C ASN B 232 5.66 -2.81 -40.00
N SER B 233 5.03 -3.65 -39.21
CA SER B 233 3.99 -3.15 -38.33
C SER B 233 4.30 -3.60 -36.92
N ILE B 234 3.94 -2.76 -35.97
CA ILE B 234 4.08 -3.10 -34.60
C ILE B 234 2.85 -3.86 -34.18
N LYS B 235 3.04 -5.09 -33.71
CA LYS B 235 1.93 -5.97 -33.30
C LYS B 235 1.74 -6.08 -31.79
N SER B 236 2.81 -5.84 -31.03
CA SER B 236 2.70 -6.05 -29.58
C SER B 236 3.73 -5.21 -28.86
N LEU B 237 3.48 -4.91 -27.59
CA LEU B 237 4.33 -3.96 -26.84
C LEU B 237 4.31 -4.46 -25.42
N ALA B 238 5.47 -4.38 -24.75
CA ALA B 238 5.63 -4.60 -23.31
C ALA B 238 6.86 -3.81 -22.85
N LEU B 239 6.98 -3.65 -21.55
CA LEU B 239 8.15 -3.12 -20.88
C LEU B 239 8.87 -4.19 -20.06
N ASP B 240 10.20 -4.18 -20.11
CA ASP B 240 10.93 -5.18 -19.43
C ASP B 240 11.34 -4.74 -18.03
N GLY B 241 12.07 -5.59 -17.32
CA GLY B 241 12.42 -5.28 -15.93
C GLY B 241 13.33 -4.06 -15.79
N ASN B 242 14.11 -3.79 -16.83
CA ASN B 242 14.92 -2.58 -16.94
C ASN B 242 14.11 -1.29 -17.32
N GLY B 243 12.81 -1.38 -17.57
CA GLY B 243 12.06 -0.23 -18.07
C GLY B 243 12.24 0.04 -19.58
N ASP B 244 12.89 -0.87 -20.29
CA ASP B 244 12.95 -0.78 -21.72
C ASP B 244 11.67 -1.21 -22.41
N LEU B 245 11.39 -0.52 -23.52
CA LEU B 245 10.23 -0.80 -24.30
C LEU B 245 10.54 -1.85 -25.33
N LEU B 246 9.72 -2.90 -25.39
CA LEU B 246 9.94 -3.99 -26.34
C LEU B 246 8.84 -3.94 -27.32
N ALA B 247 9.20 -4.00 -28.58
CA ALA B 247 8.20 -3.88 -29.65
C ALA B 247 8.24 -5.12 -30.51
N GLY B 248 7.11 -5.81 -30.64
CA GLY B 248 7.05 -7.03 -31.46
C GLY B 248 6.50 -6.71 -32.83
N THR B 249 7.21 -7.13 -33.86
CA THR B 249 6.84 -6.76 -35.21
C THR B 249 6.60 -8.02 -36.01
N ASP B 250 6.38 -7.87 -37.30
CA ASP B 250 6.53 -8.99 -38.18
C ASP B 250 7.93 -9.17 -38.69
N ASN B 251 8.90 -8.43 -38.18
CA ASN B 251 10.30 -8.73 -38.57
C ASN B 251 11.17 -8.66 -37.34
N GLY B 252 10.67 -9.33 -36.29
CA GLY B 252 11.43 -9.55 -35.07
C GLY B 252 11.12 -8.52 -34.00
N LEU B 253 12.01 -8.48 -33.03
CA LEU B 253 11.90 -7.71 -31.81
C LEU B 253 12.83 -6.49 -31.79
N TYR B 254 12.28 -5.34 -31.39
CA TYR B 254 13.04 -4.13 -31.25
C TYR B 254 12.94 -3.74 -29.80
N VAL B 255 14.07 -3.26 -29.29
CA VAL B 255 14.16 -2.91 -27.90
C VAL B 255 14.62 -1.43 -27.85
N TYR B 256 13.80 -0.58 -27.21
CA TYR B 256 14.05 0.87 -27.13
C TYR B 256 14.44 1.25 -25.71
N HIS B 257 15.51 2.01 -25.60
CA HIS B 257 15.97 2.43 -24.29
C HIS B 257 15.79 3.94 -24.20
N ASN B 258 16.55 4.70 -25.01
CA ASN B 258 16.26 6.14 -25.20
C ASN B 258 16.61 6.60 -26.64
N ASP B 259 16.41 7.88 -26.97
CA ASP B 259 16.74 8.38 -28.32
C ASP B 259 18.19 8.29 -28.69
N THR B 260 19.09 8.30 -27.71
CA THR B 260 20.51 8.37 -28.04
C THR B 260 21.11 6.99 -28.09
N THR B 261 20.31 6.00 -27.79
CA THR B 261 20.80 4.65 -27.75
C THR B 261 20.28 3.85 -28.93
N PRO B 262 21.19 3.23 -29.68
CA PRO B 262 20.79 2.38 -30.78
C PRO B 262 19.71 1.37 -30.34
N LEU B 263 18.65 1.21 -31.11
CA LEU B 263 17.71 0.12 -30.89
C LEU B 263 18.48 -1.18 -31.00
N GLN B 264 18.11 -2.18 -30.19
CA GLN B 264 18.59 -3.52 -30.47
CA GLN B 264 18.61 -3.49 -30.48
C GLN B 264 17.54 -4.18 -31.33
N HIS B 265 17.94 -4.88 -32.35
CA HIS B 265 16.98 -5.57 -33.19
C HIS B 265 17.32 -7.07 -33.21
N ILE B 266 16.34 -7.87 -32.78
CA ILE B 266 16.51 -9.29 -32.60
C ILE B 266 15.68 -10.12 -33.56
N ILE B 267 16.33 -10.98 -34.37
CA ILE B 267 15.65 -11.81 -35.35
C ILE B 267 16.07 -13.27 -35.24
N HIS B 268 15.28 -14.13 -35.89
CA HIS B 268 15.49 -15.55 -35.93
C HIS B 268 16.78 -15.88 -36.70
N ASP B 269 17.45 -16.93 -36.27
CA ASP B 269 18.61 -17.43 -36.99
C ASP B 269 18.49 -18.96 -37.18
N SER B 270 18.28 -19.39 -38.43
CA SER B 270 17.96 -20.82 -38.69
C SER B 270 19.11 -21.70 -38.26
N ARG B 271 20.31 -21.16 -38.18
CA ARG B 271 21.45 -21.97 -37.78
C ARG B 271 21.62 -22.05 -36.25
N ASN B 272 20.75 -21.39 -35.49
CA ASN B 272 20.96 -21.33 -34.04
C ASN B 272 19.68 -21.47 -33.26
N ILE B 273 19.58 -22.60 -32.59
CA ILE B 273 18.31 -23.05 -31.99
C ILE B 273 18.01 -22.33 -30.71
N GLN B 274 18.93 -21.47 -30.29
CA GLN B 274 18.62 -20.57 -29.20
C GLN B 274 18.23 -19.16 -29.65
N SER B 275 18.17 -18.89 -30.96
CA SER B 275 17.74 -17.56 -31.39
C SER B 275 16.23 -17.49 -31.30
N LEU B 276 15.71 -16.27 -31.49
CA LEU B 276 14.28 -16.04 -31.46
C LEU B 276 13.67 -17.08 -32.36
N THR B 277 12.62 -17.74 -31.89
CA THR B 277 12.03 -18.90 -32.60
C THR B 277 11.39 -18.51 -33.94
N ASN B 278 10.71 -17.36 -33.98
CA ASN B 278 10.13 -16.90 -35.24
C ASN B 278 10.05 -15.36 -35.19
N ASN B 279 9.99 -14.73 -36.36
CA ASN B 279 10.15 -13.27 -36.53
C ASN B 279 8.82 -12.55 -36.34
N ILE B 280 7.71 -13.29 -36.42
CA ILE B 280 6.46 -12.63 -36.26
C ILE B 280 6.01 -12.70 -34.82
N ILE B 281 6.02 -11.55 -34.14
CA ILE B 281 5.73 -11.55 -32.69
C ILE B 281 4.34 -10.99 -32.33
N TRP B 282 3.38 -11.90 -32.10
CA TRP B 282 1.97 -11.57 -31.79
C TRP B 282 1.73 -10.97 -30.43
N ASN B 283 2.53 -11.35 -29.42
CA ASN B 283 2.33 -10.91 -28.04
C ASN B 283 3.61 -11.00 -27.24
N ILE B 284 3.81 -10.05 -26.34
CA ILE B 284 4.94 -10.04 -25.45
C ILE B 284 4.35 -9.86 -24.09
N PHE B 285 4.81 -10.69 -23.16
CA PHE B 285 4.28 -10.61 -21.84
C PHE B 285 5.42 -10.68 -20.87
N ALA B 286 5.42 -9.75 -19.92
CA ALA B 286 6.40 -9.74 -18.85
C ALA B 286 5.77 -10.37 -17.60
N ASP B 287 6.35 -11.43 -17.06
CA ASP B 287 5.67 -12.15 -15.98
C ASP B 287 6.06 -11.49 -14.67
N GLN B 288 5.50 -11.98 -13.57
CA GLN B 288 5.78 -11.46 -12.22
C GLN B 288 7.26 -11.48 -11.82
N GLU B 289 8.05 -12.31 -12.49
CA GLU B 289 9.48 -12.38 -12.20
C GLU B 289 10.29 -11.62 -13.24
N HIS B 290 9.58 -10.88 -14.11
CA HIS B 290 10.15 -10.09 -15.17
C HIS B 290 10.75 -10.93 -16.31
N ASN B 291 10.49 -12.23 -16.34
CA ASN B 291 10.85 -12.99 -17.55
C ASN B 291 9.96 -12.43 -18.67
N ILE B 292 10.49 -12.36 -19.89
CA ILE B 292 9.75 -11.92 -21.09
C ILE B 292 9.35 -13.14 -21.92
N TRP B 293 8.06 -13.28 -22.17
CA TRP B 293 7.49 -14.35 -22.93
C TRP B 293 7.14 -13.74 -24.30
N LEU B 294 7.62 -14.36 -25.38
CA LEU B 294 7.29 -13.90 -26.75
C LEU B 294 6.53 -15.00 -27.46
N GLY B 295 5.32 -14.64 -27.90
CA GLY B 295 4.46 -15.55 -28.63
C GLY B 295 4.47 -15.18 -30.10
N THR B 296 4.79 -16.19 -30.90
CA THR B 296 5.14 -15.97 -32.25
C THR B 296 4.30 -16.89 -33.13
N ASP B 297 4.54 -16.73 -34.43
CA ASP B 297 3.90 -17.50 -35.43
C ASP B 297 4.44 -18.94 -35.43
N TYR B 298 5.48 -19.22 -34.65
CA TYR B 298 5.92 -20.60 -34.48
C TYR B 298 6.56 -20.83 -33.09
N GLY B 299 5.76 -21.15 -32.09
CA GLY B 299 6.28 -21.40 -30.74
C GLY B 299 6.47 -20.14 -29.89
N ILE B 300 7.21 -20.30 -28.81
CA ILE B 300 7.41 -19.33 -27.76
C ILE B 300 8.89 -19.21 -27.52
N SER B 301 9.34 -17.98 -27.36
CA SER B 301 10.69 -17.70 -26.99
C SER B 301 10.65 -17.10 -25.61
N LEU B 302 11.40 -17.69 -24.70
CA LEU B 302 11.32 -17.22 -23.31
C LEU B 302 12.65 -16.59 -23.00
N SER B 303 12.63 -15.38 -22.48
CA SER B 303 13.89 -14.72 -22.12
C SER B 303 13.96 -14.58 -20.58
N ARG B 304 14.79 -15.37 -19.95
CA ARG B 304 14.88 -15.35 -18.52
C ARG B 304 15.54 -14.05 -17.99
N TYR B 305 14.97 -13.56 -16.89
CA TYR B 305 15.50 -12.39 -16.22
C TYR B 305 16.71 -12.69 -15.32
N ASN B 306 17.75 -11.89 -15.53
CA ASN B 306 18.94 -11.84 -14.64
C ASN B 306 19.01 -10.50 -13.96
N SER B 307 19.36 -10.52 -12.67
CA SER B 307 19.56 -9.33 -11.86
C SER B 307 21.05 -9.16 -11.65
N LEU B 309 20.77 -8.87 -8.79
CA LEU B 309 20.63 -9.10 -7.37
C LEU B 309 19.17 -9.23 -7.05
N GLN B 310 18.76 -10.25 -6.30
CA GLN B 310 17.38 -10.37 -5.89
C GLN B 310 17.05 -9.27 -4.84
N PHE B 311 16.19 -8.32 -5.18
CA PHE B 311 15.76 -7.25 -4.24
C PHE B 311 14.33 -7.45 -3.81
N ILE B 312 14.11 -7.42 -2.51
CA ILE B 312 12.81 -7.63 -1.92
C ILE B 312 12.37 -6.27 -1.36
N PRO B 313 11.25 -5.69 -1.86
CA PRO B 313 10.72 -4.43 -1.32
C PRO B 313 9.97 -4.75 -0.04
N ILE B 314 9.89 -3.79 0.87
CA ILE B 314 9.33 -4.05 2.20
C ILE B 314 7.88 -4.41 2.14
N SER B 315 7.15 -3.82 1.19
CA SER B 315 5.74 -4.06 1.08
C SER B 315 5.49 -5.54 0.85
N GLN B 316 6.48 -6.28 0.36
CA GLN B 316 6.34 -7.71 0.15
C GLN B 316 6.32 -8.45 1.52
N ILE B 317 6.78 -7.80 2.57
CA ILE B 317 6.83 -8.36 3.94
C ILE B 317 5.62 -8.38 4.95
N THR B 318 5.11 -7.35 5.63
CA THR B 318 4.52 -6.03 5.35
C THR B 318 3.09 -5.97 4.74
N GLY B 319 2.94 -5.89 3.42
CA GLY B 319 1.64 -5.56 2.85
C GLY B 319 1.19 -4.10 2.98
N THR B 320 2.15 -3.19 3.21
CA THR B 320 1.91 -1.74 3.41
C THR B 320 2.90 -0.94 2.59
N GLY B 321 2.59 0.31 2.29
CA GLY B 321 3.51 1.21 1.56
C GLY B 321 4.46 2.04 2.41
N ASP B 322 4.51 1.80 3.73
CA ASP B 322 5.46 2.53 4.64
C ASP B 322 6.92 2.27 4.31
N GLY B 323 7.75 3.29 4.41
CA GLY B 323 9.13 3.18 4.13
C GLY B 323 9.97 2.81 5.35
N ASN B 324 11.20 2.36 5.11
CA ASN B 324 12.17 2.21 6.13
C ASN B 324 13.50 2.22 5.48
N GLN B 325 14.50 2.85 6.08
CA GLN B 325 15.89 2.64 5.67
C GLN B 325 16.58 1.71 6.69
N PHE B 326 17.06 0.57 6.21
CA PHE B 326 17.53 -0.48 7.11
C PHE B 326 18.96 -0.32 7.54
N TYR B 327 19.17 -0.21 8.87
CA TYR B 327 20.49 -0.05 9.47
C TYR B 327 20.97 -1.25 10.31
N SER B 328 20.04 -2.09 10.72
CA SER B 328 20.35 -3.29 11.50
C SER B 328 19.46 -4.42 11.02
N LEU B 329 20.14 -5.49 10.62
CA LEU B 329 19.51 -6.75 10.27
C LEU B 329 20.07 -7.77 11.27
N PHE B 330 19.18 -8.64 11.73
CA PHE B 330 19.48 -9.65 12.71
C PHE B 330 18.46 -10.75 12.62
N ARG B 331 18.89 -11.98 12.80
CA ARG B 331 17.98 -13.11 12.91
C ARG B 331 18.28 -13.78 14.27
N ASP B 332 17.26 -13.96 15.12
CA ASP B 332 17.51 -14.48 16.43
C ASP B 332 17.62 -15.99 16.53
N SER B 333 18.04 -16.46 17.69
CA SER B 333 18.14 -17.89 17.99
C SER B 333 16.80 -18.62 17.78
N LYS B 334 15.62 -18.02 18.01
CA LYS B 334 14.34 -18.64 17.61
C LYS B 334 13.96 -18.55 16.07
N GLY B 335 14.76 -17.87 15.24
CA GLY B 335 14.53 -17.83 13.82
C GLY B 335 13.76 -16.61 13.33
N PHE B 336 13.38 -15.71 14.23
CA PHE B 336 12.72 -14.47 13.82
C PHE B 336 13.74 -13.58 13.13
N TYR B 337 13.34 -12.93 12.05
CA TYR B 337 14.17 -11.90 11.47
C TYR B 337 13.79 -10.60 12.09
N TRP B 338 14.77 -9.71 12.29
CA TRP B 338 14.56 -8.41 12.88
C TRP B 338 15.34 -7.40 12.04
N PHE B 339 14.59 -6.65 11.23
CA PHE B 339 15.13 -5.72 10.27
C PHE B 339 14.60 -4.33 10.69
N GLY B 340 15.52 -3.47 11.11
CA GLY B 340 15.15 -2.13 11.64
C GLY B 340 16.06 -1.04 11.05
N GLY B 341 15.62 0.19 11.22
CA GLY B 341 16.42 1.32 10.77
C GLY B 341 15.78 2.64 11.15
N ALA B 342 15.61 3.53 10.21
CA ALA B 342 15.14 4.90 10.48
C ALA B 342 13.72 4.87 10.95
N ASN B 343 12.89 3.99 10.38
CA ASN B 343 11.45 4.08 10.65
C ASN B 343 10.93 2.88 11.42
N GLY B 344 11.59 2.52 12.53
CA GLY B 344 11.09 1.41 13.36
C GLY B 344 11.65 0.02 13.04
N LEU B 345 11.04 -1.01 13.62
CA LEU B 345 11.65 -2.32 13.62
C LEU B 345 10.62 -3.40 13.25
N ILE B 346 10.98 -4.22 12.29
CA ILE B 346 10.07 -5.19 11.76
C ILE B 346 10.52 -6.61 12.13
N ARG B 347 9.61 -7.35 12.80
CA ARG B 347 9.76 -8.78 13.06
C ARG B 347 8.96 -9.63 12.08
N PHE B 348 9.60 -10.65 11.53
CA PHE B 348 8.91 -11.48 10.54
C PHE B 348 9.64 -12.82 10.43
N THR B 349 9.03 -13.84 9.87
CA THR B 349 9.63 -15.16 9.86
C THR B 349 10.08 -15.70 8.49
N ASP B 350 9.56 -15.18 7.40
CA ASP B 350 10.15 -15.64 6.14
C ASP B 350 10.49 -14.48 5.20
N PRO B 351 11.71 -14.49 4.65
CA PRO B 351 12.25 -13.46 3.78
C PRO B 351 11.40 -13.22 2.52
N ALA B 352 10.46 -14.10 2.22
CA ALA B 352 9.59 -13.85 1.06
C ALA B 352 8.18 -13.33 1.48
N GLY B 353 7.97 -13.23 2.80
CA GLY B 353 6.73 -12.71 3.37
C GLY B 353 5.45 -13.48 3.03
N GLU B 354 5.57 -14.73 2.59
CA GLU B 354 4.39 -15.57 2.27
C GLU B 354 3.43 -15.76 3.46
N ARG B 355 3.98 -16.01 4.64
CA ARG B 355 3.17 -15.96 5.86
C ARG B 355 3.06 -14.48 6.18
N HIS B 356 1.84 -13.95 6.23
CA HIS B 356 1.69 -12.49 6.33
C HIS B 356 1.63 -12.10 7.81
N ASP B 357 2.79 -12.26 8.47
CA ASP B 357 2.89 -12.25 9.94
C ASP B 357 3.98 -11.30 10.44
N ALA B 358 4.21 -10.25 9.68
CA ALA B 358 5.17 -9.21 10.08
C ALA B 358 4.56 -8.42 11.23
N ILE B 359 5.39 -8.06 12.18
CA ILE B 359 4.97 -7.07 13.16
C ILE B 359 5.93 -5.87 13.09
N TRP B 360 5.37 -4.68 13.06
CA TRP B 360 6.18 -3.51 12.81
C TRP B 360 6.04 -2.59 14.01
N TYR B 361 7.12 -2.51 14.80
CA TYR B 361 7.19 -1.73 16.03
C TYR B 361 7.63 -0.31 15.71
N ARG B 362 6.79 0.66 16.10
CA ARG B 362 7.22 2.05 15.95
C ARG B 362 6.59 2.98 16.89
N MET B 363 7.18 4.16 16.98
CA MET B 363 6.65 5.17 17.80
C MET B 363 5.34 5.62 17.21
N GLY B 364 4.31 5.62 18.06
CA GLY B 364 3.00 6.13 17.71
C GLY B 364 2.01 5.00 17.48
N ASP B 365 2.55 3.77 17.27
CA ASP B 365 1.70 2.62 16.88
C ASP B 365 0.89 2.22 18.07
N LYS B 366 -0.42 2.22 17.90
CA LYS B 366 -1.31 1.87 18.99
C LYS B 366 -1.02 0.50 19.61
N THR B 367 -0.58 -0.47 18.82
CA THR B 367 -0.56 -1.83 19.33
C THR B 367 0.82 -2.27 19.67
N TYR B 368 1.79 -1.81 18.86
CA TYR B 368 3.18 -2.20 18.96
C TYR B 368 4.12 -0.98 19.06
N PRO B 369 4.08 -0.26 20.19
CA PRO B 369 4.87 0.96 20.25
C PRO B 369 6.35 0.73 20.49
N LEU B 370 7.17 1.71 20.11
CA LEU B 370 8.57 1.78 20.47
C LEU B 370 8.86 3.14 21.07
N SER B 371 9.79 3.19 22.00
CA SER B 371 10.21 4.46 22.61
C SER B 371 10.69 5.47 21.54
N HIS B 372 11.21 4.99 20.39
CA HIS B 372 11.82 5.83 19.31
C HIS B 372 11.93 4.98 18.06
N ASN B 373 11.75 5.61 16.90
CA ASN B 373 11.84 4.90 15.63
C ASN B 373 13.25 4.53 15.16
N ARG B 374 14.23 5.31 15.58
CA ARG B 374 15.56 5.18 15.02
C ARG B 374 16.32 4.05 15.76
N ILE B 375 16.48 2.92 15.09
CA ILE B 375 17.09 1.72 15.62
C ILE B 375 18.55 1.83 15.23
N ARG B 376 19.44 1.53 16.17
CA ARG B 376 20.88 1.64 15.93
C ARG B 376 21.61 0.29 16.10
N HIS B 377 20.99 -0.66 16.79
CA HIS B 377 21.64 -1.95 16.98
C HIS B 377 20.68 -2.96 17.56
N ILE B 378 20.78 -4.19 17.06
CA ILE B 378 20.02 -5.31 17.53
C ILE B 378 21.00 -6.41 18.02
N TYR B 379 20.74 -6.96 19.21
CA TYR B 379 21.64 -7.88 19.85
C TYR B 379 20.89 -8.96 20.65
N GLU B 380 21.36 -10.19 20.55
CA GLU B 380 20.82 -11.23 21.41
C GLU B 380 21.85 -11.61 22.45
N ASP B 381 21.48 -11.62 23.73
CA ASP B 381 22.47 -11.90 24.80
C ASP B 381 22.74 -13.38 25.07
N LYS B 382 23.40 -13.68 26.20
CA LYS B 382 23.85 -15.04 26.52
C LYS B 382 22.71 -15.89 26.97
N GLU B 383 21.61 -15.29 27.40
CA GLU B 383 20.47 -16.10 27.83
C GLU B 383 19.37 -16.02 26.80
N GLN B 384 19.74 -15.66 25.56
CA GLN B 384 18.76 -15.55 24.47
C GLN B 384 17.73 -14.40 24.65
N GLN B 385 18.07 -13.35 25.36
CA GLN B 385 17.17 -12.22 25.45
C GLN B 385 17.56 -11.21 24.33
N LEU B 386 16.54 -10.64 23.68
CA LEU B 386 16.73 -9.78 22.55
C LEU B 386 16.81 -8.30 23.05
N TRP B 387 17.93 -7.62 22.78
CA TRP B 387 18.06 -6.22 23.12
C TRP B 387 18.16 -5.27 21.89
N ILE B 388 17.63 -4.05 21.97
CA ILE B 388 17.80 -3.12 20.86
C ILE B 388 18.35 -1.79 21.41
N ALA B 389 19.22 -1.14 20.65
CA ALA B 389 19.66 0.17 21.03
C ALA B 389 18.98 1.13 20.08
N THR B 390 18.47 2.23 20.66
CA THR B 390 17.73 3.23 19.91
C THR B 390 18.02 4.65 20.41
N ASP B 391 17.47 5.68 19.74
CA ASP B 391 17.60 7.08 20.16
C ASP B 391 16.61 7.41 21.25
N GLY B 392 15.84 6.40 21.68
CA GLY B 392 15.03 6.43 22.90
C GLY B 392 15.48 5.34 23.89
N SER B 393 16.79 5.29 24.15
CA SER B 393 17.42 4.39 25.13
C SER B 393 17.32 2.92 24.68
N ILE B 394 17.59 1.98 25.60
CA ILE B 394 17.65 0.58 25.28
C ILE B 394 16.34 -0.13 25.64
N ASN B 395 15.99 -1.14 24.88
CA ASN B 395 14.82 -1.93 25.18
C ASN B 395 15.12 -3.43 25.14
N ARG B 396 14.35 -4.20 25.90
CA ARG B 396 14.43 -5.63 25.89
C ARG B 396 13.11 -6.22 25.38
N TYR B 397 13.16 -7.22 24.52
CA TYR B 397 11.91 -7.83 24.04
C TYR B 397 11.36 -8.85 25.00
N ASP B 398 10.05 -8.80 25.20
CA ASP B 398 9.32 -9.88 25.83
C ASP B 398 8.57 -10.72 24.76
N TYR B 399 9.17 -11.81 24.30
CA TYR B 399 8.50 -12.77 23.43
C TYR B 399 7.08 -13.21 23.80
N ALA B 400 6.76 -13.30 25.08
CA ALA B 400 5.43 -13.81 25.46
C ALA B 400 4.37 -12.75 25.25
N THR B 401 4.68 -11.49 25.51
CA THR B 401 3.69 -10.41 25.32
C THR B 401 3.87 -9.69 23.96
N ARG B 402 4.99 -9.92 23.33
CA ARG B 402 5.26 -9.35 22.01
C ARG B 402 5.43 -7.84 22.13
N GLN B 403 5.96 -7.40 23.27
CA GLN B 403 6.15 -6.00 23.57
C GLN B 403 7.59 -5.78 24.05
N PHE B 404 8.13 -4.60 23.73
CA PHE B 404 9.41 -4.13 24.34
C PHE B 404 9.24 -3.53 25.71
N ILE B 405 10.26 -3.70 26.55
CA ILE B 405 10.34 -3.11 27.88
C ILE B 405 11.46 -2.09 27.79
N HIS B 406 11.15 -0.85 28.18
CA HIS B 406 12.05 0.26 28.05
C HIS B 406 12.75 0.47 29.38
N TYR B 407 14.00 0.90 29.31
CA TYR B 407 14.82 1.23 30.48
C TYR B 407 15.51 2.60 30.37
N ASN B 408 15.53 3.33 31.46
CA ASN B 408 16.25 4.59 31.63
C ASN B 408 17.49 4.36 32.55
N ILE B 409 18.69 4.63 32.06
CA ILE B 409 19.93 4.40 32.79
C ILE B 409 20.77 5.68 32.88
N VAL B 410 21.21 6.04 34.07
CA VAL B 410 22.07 7.20 34.27
C VAL B 410 23.35 6.82 35.01
N ASP B 411 24.41 7.62 34.90
CA ASP B 411 25.60 7.37 35.74
C ASP B 411 25.31 7.74 37.20
N ASN B 412 26.21 7.38 38.10
CA ASN B 412 26.02 7.70 39.56
C ASN B 412 25.90 9.20 39.91
N THR B 413 26.53 10.09 39.12
CA THR B 413 26.46 11.55 39.40
C THR B 413 25.11 12.09 38.88
N GLY B 414 24.44 11.31 38.04
CA GLY B 414 23.18 11.73 37.46
C GLY B 414 23.30 12.65 36.28
N THR B 415 24.47 12.72 35.64
CA THR B 415 24.78 13.71 34.59
C THR B 415 24.59 13.13 33.18
N TYR B 416 25.00 11.90 32.99
CA TYR B 416 24.97 11.28 31.71
C TYR B 416 23.90 10.20 31.73
N ASN B 417 23.34 9.92 30.57
CA ASN B 417 22.30 8.96 30.52
C ASN B 417 22.42 8.21 29.21
N THR B 418 21.44 7.33 28.99
CA THR B 418 21.45 6.35 27.93
C THR B 418 20.42 6.63 26.81
N ASN B 419 19.85 7.83 26.77
CA ASN B 419 18.84 8.22 25.75
C ASN B 419 19.22 7.90 24.32
N TRP B 420 20.46 8.26 23.95
CA TRP B 420 20.99 7.97 22.64
C TRP B 420 21.96 6.80 22.67
N THR B 421 21.46 5.59 22.50
CA THR B 421 22.26 4.36 22.55
C THR B 421 22.65 3.84 21.18
N TYR B 422 23.94 3.55 20.97
CA TYR B 422 24.45 3.16 19.64
C TYR B 422 24.79 1.70 19.55
N TYR B 423 25.17 1.06 20.67
CA TYR B 423 25.65 -0.32 20.64
C TYR B 423 25.55 -0.93 22.02
N ILE B 424 25.37 -2.24 22.03
CA ILE B 424 25.23 -3.01 23.24
C ILE B 424 25.78 -4.38 23.05
N PHE B 425 26.41 -4.91 24.10
CA PHE B 425 26.71 -6.36 24.17
C PHE B 425 26.74 -6.80 25.61
N GLU B 426 26.74 -8.13 25.85
CA GLU B 426 26.83 -8.67 27.20
C GLU B 426 28.20 -9.36 27.36
N ASP B 427 28.92 -9.08 28.46
CA ASP B 427 30.20 -9.73 28.68
C ASP B 427 29.99 -11.11 29.27
N THR B 428 31.06 -11.75 29.69
CA THR B 428 30.96 -13.11 30.22
C THR B 428 30.68 -13.06 31.73
N ALA B 429 30.39 -11.88 32.28
CA ALA B 429 30.13 -11.81 33.73
C ALA B 429 28.77 -11.18 34.11
N GLY B 430 27.73 -11.37 33.29
CA GLY B 430 26.40 -10.85 33.59
C GLY B 430 26.29 -9.33 33.38
N GLN B 431 27.27 -8.72 32.74
CA GLN B 431 27.15 -7.28 32.61
C GLN B 431 26.81 -6.82 31.18
N LEU B 432 25.94 -5.82 31.04
CA LEU B 432 25.65 -5.22 29.74
C LEU B 432 26.51 -4.02 29.51
N TRP B 433 27.17 -3.93 28.36
CA TRP B 433 28.07 -2.80 28.01
C TRP B 433 27.28 -1.98 26.99
N ILE B 434 27.08 -0.69 27.26
CA ILE B 434 26.20 0.16 26.45
C ILE B 434 26.95 1.39 25.99
N SER B 435 27.06 1.55 24.69
CA SER B 435 27.73 2.71 24.18
C SER B 435 26.70 3.76 23.80
N THR B 436 27.02 5.01 24.08
CA THR B 436 26.13 6.12 23.91
C THR B 436 26.74 7.29 23.06
N CYS B 437 25.90 8.19 22.55
CA CYS B 437 26.36 9.48 22.14
C CYS B 437 26.18 10.38 23.38
N LEU B 438 27.20 11.15 23.74
CA LEU B 438 27.12 12.11 24.87
C LEU B 438 27.31 11.56 26.29
N GLY B 439 27.01 10.29 26.52
CA GLY B 439 27.23 9.73 27.85
C GLY B 439 28.36 8.73 27.98
N GLY B 440 29.24 8.64 27.00
CA GLY B 440 30.28 7.61 27.08
C GLY B 440 29.75 6.18 27.07
N ILE B 441 30.42 5.28 27.82
CA ILE B 441 30.01 3.88 27.94
C ILE B 441 29.49 3.54 29.37
N PHE B 442 28.41 2.81 29.43
CA PHE B 442 27.84 2.37 30.71
C PHE B 442 28.00 0.85 30.80
N VAL B 443 28.36 0.38 32.00
CA VAL B 443 28.46 -1.02 32.28
C VAL B 443 27.47 -1.31 33.40
N VAL B 444 26.46 -2.14 33.11
CA VAL B 444 25.30 -2.35 33.98
C VAL B 444 25.09 -3.83 34.31
N ASP B 445 24.76 -4.11 35.55
CA ASP B 445 24.45 -5.47 35.94
C ASP B 445 23.12 -5.93 35.28
N LYS B 446 23.20 -6.87 34.37
CA LYS B 446 22.04 -7.26 33.55
C LYS B 446 20.81 -7.70 34.38
N HIS B 447 21.00 -8.65 35.29
CA HIS B 447 19.86 -9.12 36.13
C HIS B 447 19.25 -8.07 37.03
N LYS B 448 20.08 -7.24 37.65
CA LYS B 448 19.53 -6.15 38.44
C LYS B 448 18.78 -5.14 37.55
N LEU B 449 19.30 -4.83 36.38
CA LEU B 449 18.52 -3.96 35.54
C LEU B 449 17.14 -4.60 35.23
N MET B 450 17.14 -5.87 34.80
CA MET B 450 15.89 -6.57 34.43
C MET B 450 14.87 -6.62 35.56
N GLN B 451 15.40 -6.70 36.79
CA GLN B 451 14.53 -6.81 37.95
C GLN B 451 14.18 -5.46 38.54
N SER B 452 14.87 -4.41 38.12
CA SER B 452 14.59 -3.07 38.68
C SER B 452 13.16 -2.54 38.46
N THR B 453 12.73 -1.77 39.41
CA THR B 453 11.37 -1.28 39.40
C THR B 453 11.41 0.25 39.52
N SER B 454 12.63 0.78 39.63
CA SER B 454 12.87 2.19 39.83
C SER B 454 12.50 3.20 38.69
N GLY B 455 12.51 2.80 37.43
CA GLY B 455 12.17 3.84 36.45
C GLY B 455 13.35 4.76 36.08
N GLN B 456 14.35 4.81 36.95
CA GLN B 456 15.69 5.18 36.61
C GLN B 456 16.76 4.17 37.19
N TYR B 457 17.56 3.55 36.37
CA TYR B 457 18.59 2.67 36.90
C TYR B 457 19.97 3.36 37.04
N ILE B 458 20.62 3.21 38.19
CA ILE B 458 21.98 3.73 38.33
C ILE B 458 23.09 2.70 37.99
N ALA B 459 23.86 3.01 36.96
CA ALA B 459 24.83 2.11 36.38
C ALA B 459 25.95 1.87 37.34
N GLU B 460 26.42 0.64 37.43
CA GLU B 460 27.55 0.31 38.30
C GLU B 460 28.82 1.10 37.87
N GLN B 461 29.03 1.25 36.56
CA GLN B 461 30.27 1.84 36.05
C GLN B 461 29.93 2.70 34.88
N ASN B 462 30.80 3.69 34.64
CA ASN B 462 30.67 4.54 33.42
C ASN B 462 32.06 4.84 32.97
N TYR B 463 32.31 4.78 31.67
CA TYR B 463 33.60 5.18 31.12
C TYR B 463 33.38 6.51 30.39
N SER B 464 34.22 7.52 30.61
CA SER B 464 34.05 8.80 29.93
C SER B 464 35.39 9.55 29.70
N VAL B 465 35.31 10.80 29.23
CA VAL B 465 36.50 11.63 29.08
C VAL B 465 37.26 11.83 30.42
N HIS B 466 36.58 11.72 31.57
CA HIS B 466 37.23 11.86 32.89
C HIS B 466 38.02 10.64 33.41
N ASN B 467 37.69 9.45 32.94
CA ASN B 467 38.46 8.29 33.39
C ASN B 467 39.12 7.44 32.25
N GLY B 468 39.54 8.12 31.17
CA GLY B 468 40.45 7.52 30.17
C GLY B 468 39.93 7.53 28.73
N LEU B 469 38.63 7.64 28.49
CA LEU B 469 38.18 7.70 27.09
C LEU B 469 38.65 8.94 26.34
N SER B 470 38.77 8.78 25.04
CA SER B 470 39.21 9.81 24.10
C SER B 470 38.14 10.80 23.72
N GLY B 471 36.89 10.54 24.14
CA GLY B 471 35.70 11.32 23.74
C GLY B 471 34.42 10.73 24.30
N MET B 472 33.27 11.38 24.03
CA MET B 472 32.00 11.00 24.65
C MET B 472 31.00 10.40 23.65
N PHE B 473 31.33 10.53 22.35
CA PHE B 473 30.54 9.95 21.25
C PHE B 473 31.11 8.63 20.79
N ILE B 474 30.44 7.60 21.24
CA ILE B 474 30.94 6.25 20.99
C ILE B 474 30.02 5.49 20.03
N ASN B 475 30.58 5.03 18.92
CA ASN B 475 29.81 4.33 17.90
C ASN B 475 29.60 2.85 18.17
N GLN B 476 30.66 2.08 18.46
CA GLN B 476 30.65 0.60 18.59
C GLN B 476 31.71 0.16 19.61
N ILE B 477 31.36 -0.85 20.39
CA ILE B 477 32.24 -1.37 21.41
C ILE B 477 32.24 -2.87 21.15
N ILE B 478 33.41 -3.50 21.07
CA ILE B 478 33.55 -4.93 20.74
C ILE B 478 34.53 -5.71 21.66
N PRO B 479 34.06 -6.78 22.33
CA PRO B 479 35.00 -7.61 23.07
C PRO B 479 35.97 -8.37 22.14
N ASP B 480 37.19 -8.52 22.63
CA ASP B 480 38.23 -9.43 22.19
C ASP B 480 37.97 -10.86 22.52
N ASN B 481 38.89 -11.73 22.10
CA ASN B 481 39.04 -13.04 22.69
C ASN B 481 40.24 -13.02 23.61
N GLU B 482 40.65 -11.84 24.04
CA GLU B 482 41.80 -11.65 24.88
C GLU B 482 41.40 -10.92 26.16
N GLY B 483 40.10 -10.89 26.46
CA GLY B 483 39.59 -10.14 27.60
C GLY B 483 39.63 -8.60 27.53
N ASN B 484 39.58 -7.97 26.33
CA ASN B 484 39.51 -6.49 26.23
C ASN B 484 38.30 -6.01 25.54
N VAL B 485 38.01 -4.72 25.67
CA VAL B 485 36.91 -4.10 24.97
C VAL B 485 37.47 -3.00 24.07
N TRP B 486 37.15 -3.07 22.80
CA TRP B 486 37.69 -2.13 21.82
C TRP B 486 36.56 -1.20 21.44
N VAL B 487 36.92 0.06 21.23
CA VAL B 487 35.96 1.15 21.23
C VAL B 487 36.17 2.02 20.00
N LEU B 488 35.13 2.12 19.17
CA LEU B 488 35.14 3.05 18.04
C LEU B 488 34.44 4.38 18.45
N LEU B 489 35.17 5.50 18.40
CA LEU B 489 34.62 6.83 18.68
C LEU B 489 34.31 7.62 17.39
N TYR B 490 33.33 8.51 17.44
CA TYR B 490 32.92 9.27 16.25
C TYR B 490 34.03 10.32 15.95
N ASN B 491 34.45 10.38 14.70
CA ASN B 491 35.43 11.41 14.21
C ASN B 491 36.57 11.73 15.21
N ASN B 492 37.36 10.70 15.51
CA ASN B 492 38.43 10.71 16.49
C ASN B 492 39.69 10.14 15.84
N LYS B 493 40.71 9.83 16.62
CA LYS B 493 41.98 9.31 16.08
C LYS B 493 42.26 7.96 16.77
N GLY B 494 42.51 6.92 16.02
CA GLY B 494 42.79 5.63 16.60
C GLY B 494 41.50 5.00 17.15
N ILE B 495 41.68 3.95 17.94
CA ILE B 495 40.59 3.27 18.69
C ILE B 495 41.06 3.02 20.12
N ASP B 496 40.13 2.99 21.04
CA ASP B 496 40.48 2.90 22.44
C ASP B 496 40.38 1.43 22.82
N LYS B 497 41.22 1.01 23.76
CA LYS B 497 41.25 -0.34 24.27
C LYS B 497 41.03 -0.25 25.77
N ILE B 498 39.94 -0.86 26.23
CA ILE B 498 39.67 -0.96 27.64
C ILE B 498 40.00 -2.35 28.24
N ASN B 499 40.73 -2.35 29.33
CA ASN B 499 40.93 -3.56 30.10
C ASN B 499 39.94 -3.43 31.26
N PRO B 500 38.82 -4.16 31.17
CA PRO B 500 37.72 -4.05 32.09
C PRO B 500 38.08 -4.42 33.53
N ARG B 501 39.16 -5.20 33.73
CA ARG B 501 39.56 -5.66 35.07
C ARG B 501 40.32 -4.59 35.82
N THR B 502 41.26 -3.91 35.17
CA THR B 502 42.02 -2.80 35.79
C THR B 502 41.37 -1.44 35.49
N ARG B 503 40.55 -1.39 34.44
CA ARG B 503 39.84 -0.20 34.03
C ARG B 503 40.78 0.73 33.27
N GLU B 504 41.96 0.23 32.94
CA GLU B 504 42.89 0.99 32.13
C GLU B 504 42.36 1.14 30.69
N VAL B 505 42.52 2.35 30.17
CA VAL B 505 42.15 2.72 28.80
C VAL B 505 43.37 3.15 28.00
N THR B 506 43.62 2.49 26.87
CA THR B 506 44.74 2.86 26.04
C THR B 506 44.27 3.27 24.60
N LYS B 507 44.88 4.31 24.04
CA LYS B 507 44.55 4.75 22.69
C LYS B 507 45.53 4.14 21.75
N LEU B 508 45.09 3.33 20.79
CA LEU B 508 46.01 2.66 19.86
C LEU B 508 45.80 2.98 18.36
N PHE B 509 46.85 2.87 17.56
CA PHE B 509 46.81 3.09 16.10
C PHE B 509 46.43 4.52 15.71
N ALA B 510 46.66 5.48 16.61
CA ALA B 510 46.38 6.88 16.31
C ALA B 510 47.41 7.44 15.32
N ASP B 511 48.52 6.76 15.17
CA ASP B 511 49.57 7.21 14.27
C ASP B 511 49.11 7.15 12.79
N GLU B 512 48.32 6.13 12.44
CA GLU B 512 47.81 5.96 11.11
C GLU B 512 46.33 6.32 10.99
N LEU B 513 45.49 5.88 11.96
CA LEU B 513 44.08 6.12 11.86
C LEU B 513 43.67 7.56 12.24
N THR B 514 43.93 8.53 11.37
CA THR B 514 43.91 9.93 11.76
C THR B 514 43.73 10.77 10.49
N GLY B 515 43.15 11.97 10.63
CA GLY B 515 42.85 12.87 9.49
C GLY B 515 41.93 12.16 8.52
N GLU B 516 42.39 11.99 7.29
CA GLU B 516 41.55 11.36 6.29
C GLU B 516 41.32 9.86 6.59
N LYS B 517 42.16 9.29 7.45
CA LYS B 517 41.98 7.88 7.79
C LYS B 517 41.30 7.67 9.15
N SER B 518 40.59 8.69 9.59
CA SER B 518 39.78 8.61 10.80
C SER B 518 38.77 7.45 10.69
N PRO B 519 38.75 6.54 11.66
CA PRO B 519 37.95 5.30 11.57
C PRO B 519 36.48 5.56 11.74
N ASN B 520 35.64 4.76 11.11
CA ASN B 520 34.22 4.89 11.33
C ASN B 520 33.51 3.55 11.34
N TYR B 521 34.23 2.44 11.42
CA TYR B 521 33.61 1.16 11.50
C TYR B 521 34.51 0.17 12.17
N LEU B 522 33.92 -0.71 12.97
CA LEU B 522 34.69 -1.69 13.72
C LEU B 522 33.99 -3.05 13.85
N LEU B 523 34.76 -4.13 13.74
CA LEU B 523 34.27 -5.49 13.87
C LEU B 523 35.38 -6.49 14.24
N CYS B 524 34.96 -7.62 14.82
CA CYS B 524 35.86 -8.73 15.16
C CYS B 524 35.39 -9.96 14.43
N ASP B 525 36.34 -10.69 13.82
CA ASP B 525 36.03 -11.84 13.00
C ASP B 525 36.16 -13.11 13.85
N GLU B 526 35.72 -14.24 13.29
CA GLU B 526 35.70 -15.52 14.00
C GLU B 526 37.09 -15.97 14.46
N ASP B 527 38.13 -15.53 13.77
CA ASP B 527 39.50 -15.89 14.20
C ASP B 527 39.97 -14.92 15.30
N GLY B 528 39.08 -14.02 15.71
CA GLY B 528 39.44 -12.95 16.65
C GLY B 528 40.31 -11.76 16.21
N LEU B 529 40.42 -11.50 14.91
CA LEU B 529 41.17 -10.30 14.42
C LEU B 529 40.19 -9.16 14.32
N LEU B 530 40.65 -7.93 14.52
CA LEU B 530 39.75 -6.74 14.41
C LEU B 530 39.83 -6.10 13.05
N TRP B 531 38.70 -5.66 12.55
CA TRP B 531 38.67 -4.94 11.29
C TRP B 531 38.16 -3.52 11.54
N VAL B 532 38.97 -2.54 11.12
CA VAL B 532 38.61 -1.12 11.21
C VAL B 532 38.37 -0.52 9.80
N GLY B 533 37.27 0.19 9.65
CA GLY B 533 36.92 0.76 8.37
C GLY B 533 37.21 2.23 8.46
N PHE B 534 37.79 2.75 7.39
CA PHE B 534 37.96 4.16 7.20
C PHE B 534 37.69 4.50 5.72
N HIS B 535 37.76 5.79 5.42
CA HIS B 535 37.56 6.27 4.06
C HIS B 535 38.52 5.64 3.09
N GLY B 536 37.97 4.74 2.24
CA GLY B 536 38.71 4.12 1.16
C GLY B 536 39.75 3.10 1.55
N GLY B 537 39.50 2.37 2.62
CA GLY B 537 40.37 1.28 3.04
C GLY B 537 39.95 0.66 4.38
N VAL B 538 40.60 -0.46 4.70
CA VAL B 538 40.39 -1.11 5.99
C VAL B 538 41.73 -1.48 6.60
N MET B 539 41.72 -1.75 7.89
CA MET B 539 42.90 -2.11 8.63
C MET B 539 42.55 -3.36 9.44
N ARG B 540 43.43 -4.37 9.36
CA ARG B 540 43.27 -5.58 10.13
C ARG B 540 44.24 -5.55 11.31
N ILE B 541 43.73 -5.76 12.51
CA ILE B 541 44.48 -5.66 13.72
C ILE B 541 44.50 -7.01 14.45
N ASN B 542 45.67 -7.46 14.87
CA ASN B 542 45.72 -8.63 15.74
C ASN B 542 45.95 -8.21 17.21
N PRO B 543 44.94 -8.42 18.08
CA PRO B 543 44.97 -7.83 19.40
C PRO B 543 45.90 -8.57 20.33
N LYS B 544 46.36 -9.78 19.96
CA LYS B 544 47.41 -10.45 20.74
C LYS B 544 48.69 -9.65 20.87
N ASP B 545 49.18 -9.17 19.75
CA ASP B 545 50.47 -8.47 19.71
C ASP B 545 50.31 -6.98 19.29
N GLU B 546 49.07 -6.59 19.03
CA GLU B 546 48.70 -5.22 18.63
C GLU B 546 49.38 -4.83 17.30
N SER B 547 49.53 -5.84 16.45
CA SER B 547 50.05 -5.71 15.12
C SER B 547 48.92 -5.36 14.18
N GLN B 548 49.28 -4.96 12.97
CA GLN B 548 48.34 -4.26 12.16
C GLN B 548 48.80 -4.24 10.71
N GLN B 549 47.88 -4.51 9.79
CA GLN B 549 48.13 -4.38 8.35
C GLN B 549 46.92 -3.62 7.73
N SER B 550 47.20 -2.91 6.66
CA SER B 550 46.24 -1.98 6.18
C SER B 550 46.25 -1.99 4.66
N ILE B 551 45.09 -1.80 4.05
CA ILE B 551 45.02 -1.70 2.58
C ILE B 551 44.09 -0.58 2.21
N SER B 552 44.20 -0.11 0.97
CA SER B 552 43.24 0.85 0.46
C SER B 552 42.67 0.20 -0.77
N PHE B 553 41.42 0.50 -1.07
CA PHE B 553 40.83 -0.18 -2.16
C PHE B 553 40.01 0.78 -2.97
N GLY B 554 40.12 0.60 -4.28
CA GLY B 554 39.26 1.28 -5.24
C GLY B 554 39.62 2.70 -5.53
N SER B 555 38.57 3.46 -5.81
CA SER B 555 38.57 4.91 -5.73
C SER B 555 37.10 5.30 -5.41
N PHE B 556 36.85 6.53 -4.97
CA PHE B 556 37.88 7.52 -4.62
C PHE B 556 38.60 7.15 -3.29
N SER B 557 39.61 7.96 -2.93
CA SER B 557 40.27 7.89 -1.62
C SER B 557 39.27 8.25 -0.49
N ASN B 558 38.43 9.24 -0.77
CA ASN B 558 37.40 9.69 0.16
C ASN B 558 36.08 9.03 -0.27
N ASN B 559 35.93 7.76 0.15
CA ASN B 559 34.86 6.85 -0.28
C ASN B 559 34.32 6.12 0.95
N GLU B 560 33.15 6.50 1.41
CA GLU B 560 32.65 6.15 2.71
C GLU B 560 32.20 4.70 2.88
N ILE B 561 32.58 4.12 3.98
CA ILE B 561 32.12 2.76 4.32
C ILE B 561 30.79 2.84 5.08
N LEU B 562 29.77 2.12 4.58
CA LEU B 562 28.43 2.18 5.16
C LEU B 562 28.16 1.02 6.15
N SER B 563 28.67 -0.18 5.82
CA SER B 563 28.49 -1.37 6.59
C SER B 563 29.60 -2.37 6.24
N MET B 564 29.97 -3.20 7.20
CA MET B 564 30.98 -4.28 6.96
C MET B 564 30.51 -5.53 7.66
N THR B 565 30.61 -6.69 7.03
CA THR B 565 30.29 -7.89 7.76
C THR B 565 31.15 -9.10 7.37
N CYS B 566 31.33 -10.04 8.30
CA CYS B 566 32.10 -11.29 8.00
C CYS B 566 31.20 -12.25 7.27
N VAL B 567 31.70 -12.80 6.18
CA VAL B 567 31.02 -13.83 5.40
C VAL B 567 32.03 -14.98 5.20
N LYS B 568 32.06 -15.93 6.12
CA LYS B 568 33.02 -17.06 6.04
C LYS B 568 34.48 -16.57 6.01
N ASN B 569 35.14 -16.75 4.87
CA ASN B 569 36.56 -16.41 4.75
C ASN B 569 36.81 -15.03 4.19
N SER B 570 35.73 -14.30 4.01
CA SER B 570 35.81 -12.96 3.51
C SER B 570 35.22 -11.93 4.48
N ILE B 571 35.55 -10.67 4.23
CA ILE B 571 34.71 -9.61 4.73
C ILE B 571 33.99 -8.79 3.64
N TRP B 572 32.67 -8.58 3.81
CA TRP B 572 31.90 -7.78 2.84
C TRP B 572 31.81 -6.36 3.33
N VAL B 573 32.06 -5.41 2.42
CA VAL B 573 32.14 -4.00 2.76
C VAL B 573 31.29 -3.20 1.80
N SER B 574 30.22 -2.63 2.32
CA SER B 574 29.30 -1.82 1.56
C SER B 574 29.72 -0.36 1.70
N THR B 575 29.85 0.33 0.56
CA THR B 575 30.30 1.70 0.56
C THR B 575 29.37 2.49 -0.36
N THR B 576 29.55 3.80 -0.34
CA THR B 576 28.90 4.74 -1.23
C THR B 576 29.11 4.42 -2.71
N ASN B 577 30.27 3.84 -3.03
CA ASN B 577 30.58 3.55 -4.42
C ASN B 577 30.41 2.06 -4.82
N GLY B 578 29.86 1.25 -3.92
CA GLY B 578 29.60 -0.14 -4.21
C GLY B 578 30.03 -1.13 -3.14
N LEU B 579 30.06 -2.39 -3.55
CA LEU B 579 30.30 -3.49 -2.68
C LEU B 579 31.71 -4.08 -2.93
N TRP B 580 32.50 -4.15 -1.88
CA TRP B 580 33.80 -4.84 -1.95
C TRP B 580 33.83 -6.07 -1.05
N ILE B 581 34.44 -7.13 -1.54
CA ILE B 581 34.68 -8.36 -0.82
C ILE B 581 36.20 -8.54 -0.63
N ILE B 582 36.63 -8.77 0.61
CA ILE B 582 38.05 -8.77 0.95
C ILE B 582 38.38 -10.07 1.65
N ASP B 583 39.42 -10.73 1.18
CA ASP B 583 39.76 -12.03 1.74
C ASP B 583 40.39 -11.82 3.10
N ARG B 584 39.95 -12.57 4.11
CA ARG B 584 40.41 -12.31 5.45
C ARG B 584 41.90 -12.62 5.71
N LYS B 585 42.51 -13.47 4.89
CA LYS B 585 43.92 -13.84 5.11
C LYS B 585 44.87 -13.03 4.21
N THR B 586 44.56 -12.91 2.91
CA THR B 586 45.45 -12.17 1.99
C THR B 586 45.18 -10.67 1.97
N MET B 587 43.94 -10.29 2.27
CA MET B 587 43.50 -8.89 2.22
C MET B 587 43.32 -8.30 0.81
N ASP B 588 43.40 -9.17 -0.21
CA ASP B 588 42.92 -8.91 -1.57
C ASP B 588 41.46 -8.39 -1.55
N ALA B 589 41.25 -7.18 -2.08
CA ALA B 589 39.93 -6.57 -2.18
C ALA B 589 39.38 -6.70 -3.58
N ARG B 590 38.13 -7.13 -3.73
CA ARG B 590 37.56 -7.20 -5.08
C ARG B 590 36.22 -6.50 -5.18
N GLN B 591 36.06 -5.59 -6.14
CA GLN B 591 34.74 -4.96 -6.31
C GLN B 591 33.67 -5.86 -6.98
N GLN B 592 32.44 -5.84 -6.46
CA GLN B 592 31.27 -6.53 -7.08
C GLN B 592 30.38 -5.64 -7.98
N ASN B 593 29.60 -6.25 -8.87
CA ASN B 593 28.50 -5.58 -9.61
C ASN B 593 27.35 -6.55 -9.89
N THR B 595 24.95 -4.14 -8.72
CA THR B 595 23.80 -3.25 -8.91
C THR B 595 24.08 -1.83 -8.40
N ASN B 596 23.24 -0.86 -8.76
CA ASN B 596 23.46 0.52 -8.36
C ASN B 596 22.94 0.87 -6.95
N LYS B 597 22.15 -0.01 -6.35
CA LYS B 597 21.66 0.20 -4.97
C LYS B 597 22.80 0.21 -3.98
N ARG B 598 22.64 0.99 -2.91
CA ARG B 598 23.68 1.14 -1.91
C ARG B 598 23.13 0.67 -0.54
N PHE B 599 23.90 -0.11 0.15
CA PHE B 599 23.35 -0.87 1.23
C PHE B 599 23.91 -0.36 2.49
N THR B 600 23.05 0.00 3.44
CA THR B 600 23.49 0.60 4.68
C THR B 600 23.45 -0.43 5.82
N SER B 601 23.23 -1.69 5.47
CA SER B 601 23.12 -2.75 6.45
C SER B 601 23.52 -4.10 5.84
N LEU B 602 24.19 -4.96 6.57
CA LEU B 602 24.54 -6.31 6.04
C LEU B 602 24.34 -7.45 7.09
N LEU B 603 23.88 -8.64 6.67
CA LEU B 603 23.74 -9.77 7.58
C LEU B 603 24.03 -11.08 6.86
N PHE B 604 25.01 -11.82 7.38
CA PHE B 604 25.24 -13.18 6.95
C PHE B 604 24.42 -14.17 7.78
N ASP B 605 23.56 -14.96 7.13
CA ASP B 605 22.85 -16.08 7.79
C ASP B 605 23.52 -17.42 7.45
N PRO B 606 24.27 -18.00 8.41
CA PRO B 606 25.01 -19.23 8.14
C PRO B 606 24.09 -20.41 7.83
N LYS B 607 22.91 -20.47 8.44
CA LYS B 607 21.94 -21.54 8.16
C LYS B 607 21.49 -21.57 6.70
N GLU B 608 21.10 -20.41 6.17
CA GLU B 608 20.58 -20.41 4.79
C GLU B 608 21.68 -20.22 3.76
N ASP B 609 22.93 -20.19 4.22
CA ASP B 609 24.06 -19.76 3.40
C ASP B 609 23.74 -18.55 2.46
N CYS B 610 23.26 -17.46 3.04
CA CYS B 610 23.00 -16.28 2.23
C CYS B 610 23.26 -14.97 2.99
N VAL B 611 23.30 -13.87 2.24
CA VAL B 611 23.59 -12.53 2.77
C VAL B 611 22.42 -11.56 2.47
N TYR B 612 21.97 -10.87 3.51
CA TYR B 612 20.93 -9.83 3.41
C TYR B 612 21.59 -8.48 3.33
N LEU B 613 21.13 -7.67 2.37
CA LEU B 613 21.77 -6.37 2.15
C LEU B 613 20.68 -5.30 2.31
N GLY B 614 20.71 -4.58 3.41
CA GLY B 614 19.55 -3.75 3.75
C GLY B 614 19.80 -2.38 3.23
N GLY B 615 18.74 -1.77 2.71
CA GLY B 615 18.87 -0.50 2.02
C GLY B 615 17.59 0.25 2.11
N ALA B 616 17.24 0.97 1.03
CA ALA B 616 16.11 1.87 1.02
C ALA B 616 14.83 1.10 0.70
N ASP B 617 13.91 1.06 1.65
CA ASP B 617 12.58 0.41 1.42
C ASP B 617 12.68 -1.07 0.96
N GLY B 618 13.69 -1.80 1.44
CA GLY B 618 13.83 -3.19 1.01
C GLY B 618 15.22 -3.71 1.29
N PHE B 619 15.48 -4.95 0.88
CA PHE B 619 16.75 -5.55 1.08
C PHE B 619 17.06 -6.53 -0.04
N GLY B 620 18.34 -6.68 -0.35
CA GLY B 620 18.74 -7.72 -1.31
C GLY B 620 19.07 -9.02 -0.58
N ILE B 621 19.01 -10.11 -1.32
CA ILE B 621 19.45 -11.39 -0.80
C ILE B 621 20.38 -11.91 -1.85
N SER B 622 21.47 -12.50 -1.40
CA SER B 622 22.48 -13.01 -2.28
C SER B 622 23.10 -14.24 -1.62
N HIS B 623 23.46 -15.25 -2.41
CA HIS B 623 24.35 -16.30 -1.94
C HIS B 623 25.72 -15.72 -1.58
N SER B 624 26.44 -16.41 -0.71
CA SER B 624 27.79 -16.04 -0.30
C SER B 624 28.83 -16.07 -1.39
N ASN B 625 28.68 -17.03 -2.31
CA ASN B 625 29.70 -17.28 -3.32
C ASN B 625 29.36 -16.80 -4.72
N LEU B 626 28.61 -15.69 -4.80
CA LEU B 626 27.96 -15.26 -6.05
C LEU B 626 27.05 -16.38 -6.56
N ALA B 628 25.29 -17.43 -8.93
CA ALA B 628 24.48 -16.84 -10.00
C ALA B 628 23.70 -15.65 -9.45
N THR B 629 22.37 -15.80 -9.37
CA THR B 629 21.58 -14.95 -8.50
C THR B 629 20.78 -15.83 -7.55
N TYR B 630 20.04 -15.20 -6.66
CA TYR B 630 19.42 -15.93 -5.59
C TYR B 630 17.99 -16.19 -5.94
N GLN B 631 17.59 -17.44 -5.71
CA GLN B 631 16.22 -17.87 -5.93
C GLN B 631 15.47 -18.19 -4.63
N PRO B 632 14.34 -17.49 -4.41
CA PRO B 632 13.44 -17.68 -3.27
C PRO B 632 12.83 -19.06 -3.36
N GLU B 633 12.51 -19.63 -2.22
CA GLU B 633 11.87 -20.93 -2.23
C GLU B 633 10.45 -20.75 -2.80
N ARG B 634 10.11 -21.60 -3.76
CA ARG B 634 8.78 -21.64 -4.29
C ARG B 634 8.08 -22.97 -3.91
N PRO B 635 6.77 -22.89 -3.66
CA PRO B 635 5.99 -24.10 -3.37
C PRO B 635 5.94 -25.08 -4.55
N ILE B 636 5.91 -26.36 -4.22
CA ILE B 636 5.72 -27.42 -5.20
C ILE B 636 4.23 -27.53 -5.46
N LEU B 637 3.83 -27.63 -6.72
CA LEU B 637 2.47 -27.89 -7.17
C LEU B 637 2.44 -29.20 -7.95
N LEU B 638 1.27 -29.81 -7.97
CA LEU B 638 1.06 -30.96 -8.79
C LEU B 638 0.30 -30.48 -9.99
N THR B 639 0.73 -30.86 -11.17
CA THR B 639 0.19 -30.21 -12.37
C THR B 639 -0.45 -31.20 -13.32
N ALA B 640 -0.30 -32.50 -13.00
CA ALA B 640 -0.99 -33.53 -13.80
C ALA B 640 -1.17 -34.86 -13.08
N LEU B 641 -2.33 -35.49 -13.30
CA LEU B 641 -2.57 -36.82 -12.80
C LEU B 641 -2.81 -37.77 -13.97
N TYR B 642 -2.08 -38.88 -14.03
CA TYR B 642 -2.32 -39.95 -14.99
C TYR B 642 -2.80 -41.21 -14.29
N ILE B 643 -3.76 -41.87 -14.94
CA ILE B 643 -4.24 -43.17 -14.52
C ILE B 643 -4.06 -44.06 -15.73
N ASN B 644 -3.39 -45.21 -15.52
CA ASN B 644 -3.04 -46.11 -16.61
C ASN B 644 -2.41 -45.33 -17.72
N ASN B 645 -1.62 -44.34 -17.35
CA ASN B 645 -0.81 -43.72 -18.35
C ASN B 645 -1.58 -42.79 -19.30
N GLN B 646 -2.80 -42.42 -18.91
CA GLN B 646 -3.61 -41.41 -19.60
C GLN B 646 -3.88 -40.19 -18.72
N LEU B 647 -3.66 -39.02 -19.27
CA LEU B 647 -3.78 -37.80 -18.45
C LEU B 647 -5.28 -37.59 -18.09
N VAL B 648 -5.60 -37.37 -16.83
CA VAL B 648 -7.03 -37.24 -16.44
C VAL B 648 -7.36 -35.94 -15.67
N SER B 649 -8.52 -35.37 -15.96
CA SER B 649 -8.88 -34.12 -15.24
C SER B 649 -10.38 -33.98 -15.25
N PRO B 650 -10.91 -33.05 -14.42
CA PRO B 650 -12.37 -32.93 -14.41
C PRO B 650 -12.91 -32.65 -15.81
N ARG B 651 -12.09 -32.05 -16.67
CA ARG B 651 -12.58 -31.72 -18.01
C ARG B 651 -12.96 -32.99 -18.82
N THR B 652 -12.25 -34.08 -18.57
CA THR B 652 -12.47 -35.30 -19.34
C THR B 652 -13.06 -36.44 -18.54
N ARG B 653 -13.09 -36.36 -17.20
CA ARG B 653 -13.72 -37.42 -16.35
C ARG B 653 -14.62 -36.88 -15.21
N ASP B 654 -15.70 -37.60 -14.96
CA ASP B 654 -16.59 -37.42 -13.79
C ASP B 654 -15.92 -37.60 -12.43
N ASP B 655 -14.96 -38.50 -12.36
CA ASP B 655 -14.59 -39.07 -11.07
C ASP B 655 -13.22 -38.61 -10.59
N VAL B 656 -12.75 -37.50 -11.13
CA VAL B 656 -11.41 -37.08 -10.82
C VAL B 656 -11.39 -35.59 -10.51
N PRO B 657 -10.66 -35.16 -9.48
CA PRO B 657 -10.70 -33.70 -9.21
C PRO B 657 -9.50 -33.00 -9.89
N ASN B 658 -9.43 -31.66 -9.75
CA ASN B 658 -8.26 -30.90 -10.19
C ASN B 658 -7.15 -31.11 -9.22
N ILE B 659 -6.16 -31.85 -9.71
CA ILE B 659 -5.02 -32.31 -8.93
C ILE B 659 -4.26 -31.14 -8.30
N ARG B 660 -4.25 -29.98 -8.97
CA ARG B 660 -3.53 -28.83 -8.43
C ARG B 660 -4.14 -28.30 -7.13
N TYR B 661 -5.44 -28.54 -6.90
CA TYR B 661 -6.21 -27.94 -5.80
C TYR B 661 -6.78 -28.96 -4.82
N THR B 662 -6.16 -30.14 -4.74
CA THR B 662 -6.69 -31.19 -3.90
C THR B 662 -5.63 -31.63 -2.96
N ASN B 663 -6.03 -31.81 -1.71
CA ASN B 663 -5.23 -32.37 -0.65
C ASN B 663 -5.53 -33.88 -0.49
N SER B 664 -6.64 -34.34 -1.09
CA SER B 664 -7.17 -35.69 -0.83
C SER B 664 -7.87 -36.21 -2.06
N ILE B 665 -7.38 -37.34 -2.55
CA ILE B 665 -8.05 -38.00 -3.65
C ILE B 665 -8.59 -39.41 -3.28
N LYS B 666 -9.77 -39.72 -3.80
CA LYS B 666 -10.43 -41.02 -3.66
C LYS B 666 -10.53 -41.73 -5.01
N LEU B 667 -9.90 -42.89 -5.15
CA LEU B 667 -9.85 -43.63 -6.42
C LEU B 667 -10.45 -45.04 -6.30
N LYS B 668 -10.97 -45.54 -7.42
CA LYS B 668 -11.41 -46.91 -7.46
C LYS B 668 -10.24 -47.92 -7.43
N TYR B 669 -10.59 -49.19 -7.19
CA TYR B 669 -9.66 -50.29 -7.11
C TYR B 669 -8.84 -50.43 -8.40
N ASP B 670 -9.45 -50.23 -9.55
CA ASP B 670 -8.74 -50.36 -10.84
C ASP B 670 -8.13 -49.06 -11.39
N GLN B 671 -8.15 -48.01 -10.58
CA GLN B 671 -7.44 -46.79 -10.88
C GLN B 671 -6.22 -46.79 -9.99
N ASN B 672 -5.39 -47.82 -10.13
CA ASN B 672 -4.30 -48.01 -9.17
C ASN B 672 -2.90 -47.96 -9.81
N ASN B 673 -2.85 -47.53 -11.06
CA ASN B 673 -1.58 -47.32 -11.74
C ASN B 673 -1.48 -45.83 -12.06
N LEU B 674 -0.74 -45.12 -11.22
CA LEU B 674 -0.81 -43.67 -11.07
C LEU B 674 0.50 -42.95 -11.42
N SER B 675 0.38 -41.82 -12.12
CA SER B 675 1.53 -40.92 -12.29
C SER B 675 1.13 -39.51 -11.95
N PHE B 676 2.13 -38.74 -11.55
CA PHE B 676 1.97 -37.41 -11.00
C PHE B 676 3.12 -36.64 -11.63
N GLU B 677 2.82 -35.48 -12.23
CA GLU B 677 3.87 -34.51 -12.56
C GLU B 677 3.84 -33.43 -11.52
N LEU B 678 5.00 -32.91 -11.21
CA LEU B 678 5.17 -31.92 -10.14
C LEU B 678 5.92 -30.72 -10.72
N SER B 679 5.73 -29.55 -10.17
CA SER B 679 6.61 -28.42 -10.58
C SER B 679 6.64 -27.36 -9.50
N ASP B 680 7.77 -26.67 -9.36
CA ASP B 680 7.83 -25.48 -8.54
C ASP B 680 7.96 -24.23 -9.44
N LEU B 681 7.53 -24.36 -10.70
CA LEU B 681 7.46 -23.23 -11.67
C LEU B 681 8.84 -22.61 -11.90
N PRO B 682 9.81 -23.41 -12.36
CA PRO B 682 11.16 -22.89 -12.47
C PRO B 682 11.42 -22.05 -13.79
N TYR B 683 10.48 -21.18 -14.15
CA TYR B 683 10.68 -20.27 -15.28
C TYR B 683 12.01 -19.54 -15.30
N SER B 684 12.44 -19.03 -14.15
CA SER B 684 13.62 -18.18 -14.12
C SER B 684 14.96 -18.91 -14.01
N LEU B 685 14.98 -20.23 -14.16
CA LEU B 685 16.16 -21.01 -13.73
C LEU B 685 16.97 -21.56 -14.90
N ASP B 686 18.29 -21.40 -14.86
CA ASP B 686 19.11 -22.16 -15.79
C ASP B 686 18.97 -23.65 -15.41
N GLU B 687 19.43 -24.03 -14.22
CA GLU B 687 19.32 -25.41 -13.76
C GLU B 687 18.05 -25.63 -12.96
N LYS B 688 17.35 -26.75 -13.19
CA LYS B 688 16.18 -27.12 -12.38
C LYS B 688 16.56 -27.58 -10.97
N ASN B 689 15.64 -27.53 -10.03
CA ASN B 689 15.88 -28.11 -8.72
C ASN B 689 15.74 -29.68 -8.73
N LYS B 690 16.18 -30.30 -7.64
CA LYS B 690 16.15 -31.74 -7.43
C LYS B 690 15.13 -32.10 -6.36
N PHE B 691 14.36 -33.16 -6.59
CA PHE B 691 13.26 -33.53 -5.68
C PHE B 691 13.39 -34.96 -5.10
N VAL B 692 12.84 -35.16 -3.91
CA VAL B 692 12.73 -36.47 -3.31
C VAL B 692 11.25 -36.70 -3.07
N TYR B 693 10.85 -37.97 -3.04
CA TYR B 693 9.47 -38.33 -2.82
C TYR B 693 9.37 -39.65 -2.10
N ARG B 694 8.24 -39.86 -1.44
CA ARG B 694 7.96 -41.15 -0.81
C ARG B 694 6.45 -41.32 -0.71
N LEU B 695 6.00 -42.57 -0.77
CA LEU B 695 4.58 -42.81 -0.58
C LEU B 695 4.33 -43.53 0.76
N GLU B 696 3.85 -42.81 1.77
CA GLU B 696 3.50 -43.41 3.05
C GLU B 696 2.47 -44.50 2.88
N GLY B 697 2.78 -45.68 3.44
CA GLY B 697 1.94 -46.87 3.28
C GLY B 697 2.56 -47.86 2.29
N MET B 698 3.70 -47.46 1.72
CA MET B 698 4.34 -48.22 0.65
C MET B 698 5.82 -48.10 0.91
N ASP B 699 6.36 -46.91 0.79
CA ASP B 699 7.79 -46.65 0.95
C ASP B 699 8.21 -46.52 2.39
N LYS B 700 9.43 -46.96 2.64
CA LYS B 700 10.05 -46.83 3.94
C LYS B 700 11.08 -45.71 3.92
N GLU B 701 11.51 -45.36 2.72
CA GLU B 701 12.61 -44.44 2.52
C GLU B 701 12.27 -43.47 1.43
N TRP B 702 13.06 -42.41 1.34
CA TRP B 702 12.97 -41.44 0.25
C TRP B 702 13.38 -42.04 -1.11
N ASN B 703 12.75 -41.59 -2.18
CA ASN B 703 13.20 -41.93 -3.51
C ASN B 703 13.71 -40.64 -4.14
N PHE B 704 14.68 -40.74 -5.04
CA PHE B 704 15.29 -39.60 -5.72
C PHE B 704 14.86 -39.52 -7.17
N LEU B 705 14.67 -38.32 -7.67
CA LEU B 705 14.25 -38.16 -9.08
C LEU B 705 15.36 -38.07 -10.17
N LYS B 706 16.27 -37.13 -10.06
CA LYS B 706 17.08 -36.79 -11.26
C LYS B 706 16.40 -35.58 -11.88
N SER B 707 17.16 -34.53 -12.10
CA SER B 707 16.54 -33.18 -12.24
C SER B 707 15.68 -32.98 -13.48
N ASN B 708 16.01 -33.66 -14.56
CA ASN B 708 15.14 -33.53 -15.70
C ASN B 708 13.78 -34.25 -15.54
N ILE B 709 13.61 -35.05 -14.51
CA ILE B 709 12.40 -35.86 -14.47
C ILE B 709 11.51 -35.29 -13.43
N ASN B 710 10.31 -34.90 -13.79
CA ASN B 710 9.40 -34.38 -12.77
C ASN B 710 8.19 -35.26 -12.66
N ARG B 711 8.29 -36.51 -13.11
CA ARG B 711 7.15 -37.43 -13.05
C ARG B 711 7.35 -38.59 -12.03
N ILE B 712 6.36 -38.84 -11.21
CA ILE B 712 6.44 -39.82 -10.16
C ILE B 712 5.42 -40.92 -10.48
N THR B 713 5.87 -42.18 -10.52
CA THR B 713 4.99 -43.26 -10.94
C THR B 713 4.94 -44.41 -9.92
N TYR B 714 3.73 -44.85 -9.58
CA TYR B 714 3.53 -46.05 -8.76
C TYR B 714 2.63 -46.98 -9.49
N SER B 715 2.92 -48.27 -9.47
CA SER B 715 2.05 -49.27 -10.13
C SER B 715 1.47 -50.32 -9.15
N ASN B 716 0.36 -50.96 -9.53
CA ASN B 716 -0.27 -52.01 -8.75
C ASN B 716 -0.54 -51.69 -7.28
N LEU B 717 -1.08 -50.51 -6.99
CA LEU B 717 -1.40 -50.22 -5.63
C LEU B 717 -2.60 -51.03 -5.21
N SER B 718 -2.54 -51.59 -3.99
CA SER B 718 -3.66 -52.28 -3.30
C SER B 718 -4.59 -51.31 -2.59
N TYR B 719 -5.83 -51.73 -2.36
CA TYR B 719 -6.74 -50.82 -1.74
C TYR B 719 -6.12 -50.36 -0.40
N GLY B 720 -6.50 -49.17 0.07
CA GLY B 720 -5.97 -48.63 1.30
C GLY B 720 -5.68 -47.12 1.18
N ASN B 721 -5.08 -46.61 2.25
CA ASN B 721 -4.73 -45.24 2.42
C ASN B 721 -3.23 -45.05 2.23
N TYR B 722 -2.87 -44.04 1.46
CA TYR B 722 -1.47 -43.65 1.22
C TYR B 722 -1.37 -42.13 1.33
N GLN B 723 -0.16 -41.63 1.41
CA GLN B 723 0.09 -40.19 1.45
C GLN B 723 1.38 -39.97 0.66
N LEU B 724 1.30 -39.21 -0.43
CA LEU B 724 2.46 -38.89 -1.22
C LEU B 724 3.13 -37.63 -0.65
N ILE B 725 4.40 -37.73 -0.34
CA ILE B 725 5.12 -36.59 0.18
C ILE B 725 6.23 -36.21 -0.80
N ILE B 726 6.22 -34.96 -1.25
CA ILE B 726 7.20 -34.52 -2.23
C ILE B 726 7.97 -33.36 -1.65
N SER B 727 9.30 -33.35 -1.79
CA SER B 727 10.09 -32.24 -1.18
C SER B 727 11.29 -31.90 -2.03
N LYS B 728 11.66 -30.62 -2.05
CA LYS B 728 12.86 -30.17 -2.73
C LYS B 728 14.07 -30.71 -2.00
N LEU B 729 15.07 -31.20 -2.74
CA LEU B 729 16.37 -31.56 -2.17
C LEU B 729 17.19 -30.29 -1.89
N GLU B 730 17.46 -30.04 -0.62
CA GLU B 730 18.09 -28.81 -0.19
C GLU B 730 19.58 -28.84 -0.55
N ARG B 731 20.26 -27.69 -0.54
CA ARG B 731 21.68 -27.62 -0.94
C ARG B 731 22.67 -28.45 -0.10
N ASP B 732 22.33 -28.68 1.18
CA ASP B 732 23.01 -29.66 2.04
C ASP B 732 22.83 -31.10 1.57
N GLY B 733 21.71 -31.38 0.88
CA GLY B 733 21.37 -32.75 0.48
C GLY B 733 20.27 -33.25 1.39
N GLN B 734 19.73 -32.35 2.20
CA GLN B 734 18.60 -32.60 3.09
C GLN B 734 17.28 -32.31 2.37
N PRO B 735 16.20 -33.04 2.71
CA PRO B 735 14.91 -32.62 2.19
C PRO B 735 14.45 -31.38 2.92
N SER B 736 13.74 -30.49 2.22
CA SER B 736 13.13 -29.33 2.86
C SER B 736 11.96 -29.71 3.79
N ASN B 737 11.52 -28.74 4.58
CA ASN B 737 10.38 -28.94 5.48
C ASN B 737 9.13 -28.17 5.02
N ARG B 738 9.08 -27.88 3.71
CA ARG B 738 7.86 -27.50 2.98
C ARG B 738 7.51 -28.59 1.96
N PRO B 739 7.13 -29.76 2.46
CA PRO B 739 6.75 -30.78 1.49
C PRO B 739 5.35 -30.50 0.95
N HIS B 740 5.11 -30.95 -0.26
CA HIS B 740 3.76 -31.13 -0.75
C HIS B 740 3.23 -32.50 -0.33
N ILE B 741 2.03 -32.50 0.24
CA ILE B 741 1.35 -33.70 0.74
C ILE B 741 0.03 -33.93 -0.02
N LEU B 742 -0.16 -35.14 -0.54
CA LEU B 742 -1.43 -35.55 -1.16
C LEU B 742 -1.90 -36.81 -0.50
N ASN B 743 -3.06 -36.82 0.18
CA ASN B 743 -3.59 -38.12 0.68
C ASN B 743 -4.34 -38.85 -0.41
N ILE B 744 -4.00 -40.09 -0.62
CA ILE B 744 -4.63 -40.96 -1.61
C ILE B 744 -5.41 -42.12 -0.97
N ARG B 745 -6.69 -42.27 -1.31
CA ARG B 745 -7.44 -43.42 -0.89
C ARG B 745 -7.77 -44.28 -2.12
N ILE B 746 -7.33 -45.54 -2.10
CA ILE B 746 -7.75 -46.51 -3.10
C ILE B 746 -8.85 -47.43 -2.52
N LEU B 747 -10.05 -47.45 -3.14
CA LEU B 747 -11.25 -48.11 -2.60
C LEU B 747 -11.18 -49.59 -2.96
N PRO B 748 -11.73 -50.47 -2.12
CA PRO B 748 -11.77 -51.90 -2.47
C PRO B 748 -12.71 -52.16 -3.64
N PRO B 749 -12.51 -53.27 -4.39
CA PRO B 749 -13.46 -53.64 -5.50
C PRO B 749 -14.95 -53.59 -5.13
N TRP B 750 -15.29 -53.94 -3.90
CA TRP B 750 -16.71 -54.09 -3.55
C TRP B 750 -17.39 -52.76 -3.21
#